data_6RFD
#
_entry.id   6RFD
#
_cell.length_a   1.0
_cell.length_b   1.0
_cell.length_c   1.0
_cell.angle_alpha   90.00
_cell.angle_beta   90.00
_cell.angle_gamma   90.00
#
_symmetry.space_group_name_H-M   'P 1'
#
loop_
_entity.id
_entity.type
_entity.pdbx_description
1 polymer 'Tubulin alpha-1B chain'
2 polymer 'Tubulin beta-2B chain'
3 polymer 'Neuronal migration protein doublecortin'
4 non-polymer "GUANOSINE-5'-TRIPHOSPHATE"
5 non-polymer 'MAGNESIUM ION'
6 non-polymer "GUANOSINE-5'-DIPHOSPHATE"
#
loop_
_entity_poly.entity_id
_entity_poly.type
_entity_poly.pdbx_seq_one_letter_code
_entity_poly.pdbx_strand_id
1 'polypeptide(L)'
;MRECISIHVGQAGVQIGNACWELYCLEHGIQPDGQMPDSFNTFFSETGAGKHVPRAVFVDLEPTVIDEVRTGTYRQLFHP
EQLITGKEDAANNYARGHYTIGKEIIDLVLDRIRKLADQCTGLQGFLVFHSFGGGTGSGFTSLLMERLSVDYGKKSKLEF
SIYPAPQVSTAVVEPYNSILTTHTTLEHSDCAFMVDNEAIYDICRRNLDIERPTYTNLNRLISQIVSSITASLRFDGALN
VDLTEFQTNLVPYPRIHFPLATYAPVISAEKAYHEQLSVAEITNACFEPANQMVKCDPRHGKYMACCLLYRGDVVPKDVN
AAIATIKTKRSIQFVDWCPTGFKVGINYQPPTVVPGGDLAKVQRAVCMLSNTTAIAEAWARLDHKFDLMYAKRAFVHWYV
GEGMEEGEFSEAREDMAALEKDYEEVGVDSVE
;
A,a
2 'polypeptide(L)'
;MREIVHIQAGQCGNQIGAKFWEVISDEHGIDPTGSYHGDSDLQLERINVYYNEAAGNKYVPRAILVDLEPGTMDSVRSGP
FGQIFRPDNFVFGQSGAGNNWAKGHYTEGAELVDSVLDVVRKESESCDCLQGFQLTHSLGGGTGSGMGTLLISKIREEYP
DRIMNTFSVVPSPKVSDTVVEPYNATLSVHQLVENTDETYCIDNEALYDICFRTLKLTTPTYGDLNHLVSATMSGVTTCL
RFPGQLNADLRKLAVNMVPFPRLHFFMPGFAPLTSRGSQQYRALTVPELTQQMFDAKNMMAACDPRHGRYLTVAAVFRGR
MSMKEVDEQMLNVQNKNSSYFVEWIPNNVKTAVCDIPPRGLKMSATFIGNSTAIQELFKRISEQFTAMFRRKAFLHWYTG
EGMDEMEFTEAESNMNDLVSEYQQYQDAT
;
B,b
3 'polypeptide(L)'
;QALSNEKKAKKVRFYRNGDRYFKGIVYAVSSDRFRSFDALLADLTRSLSDNINLPQGVRYIYTIDGSRKIGSMDELEEGE
SYVCSSDNFFKKVEYTKNV
;
N
#
# COMPACT_ATOMS: atom_id res chain seq x y z
N MET A 1 2.12 -3.23 -10.96
CA MET A 1 1.37 -4.48 -11.04
C MET A 1 -0.13 -4.20 -10.98
N ARG A 2 -0.87 -4.82 -11.90
CA ARG A 2 -2.32 -4.62 -12.02
C ARG A 2 -2.97 -5.99 -12.00
N GLU A 3 -3.29 -6.47 -10.81
CA GLU A 3 -3.75 -7.84 -10.68
C GLU A 3 -5.23 -7.97 -11.04
N CYS A 4 -5.64 -9.20 -11.31
CA CYS A 4 -7.01 -9.52 -11.67
C CYS A 4 -7.24 -11.00 -11.36
N ILE A 5 -8.09 -11.28 -10.38
CA ILE A 5 -8.32 -12.67 -10.00
C ILE A 5 -9.49 -13.23 -10.79
N SER A 6 -9.53 -14.55 -10.89
CA SER A 6 -10.53 -15.26 -11.67
C SER A 6 -11.25 -16.27 -10.79
N ILE A 7 -12.56 -16.36 -10.95
CA ILE A 7 -13.40 -17.27 -10.19
C ILE A 7 -14.06 -18.23 -11.17
N HIS A 8 -13.99 -19.52 -10.86
CA HIS A 8 -14.51 -20.57 -11.72
C HIS A 8 -15.57 -21.34 -10.95
N VAL A 9 -16.82 -21.26 -11.40
CA VAL A 9 -17.95 -21.81 -10.67
C VAL A 9 -18.56 -22.92 -11.51
N GLY A 10 -18.83 -24.06 -10.89
CA GLY A 10 -19.55 -25.13 -11.55
C GLY A 10 -18.65 -26.00 -12.40
N GLN A 11 -19.25 -27.07 -12.92
CA GLN A 11 -18.50 -28.01 -13.76
C GLN A 11 -18.07 -27.38 -15.07
N ALA A 12 -18.90 -26.50 -15.63
CA ALA A 12 -18.49 -25.77 -16.82
C ALA A 12 -17.39 -24.77 -16.50
N GLY A 13 -17.42 -24.19 -15.30
CA GLY A 13 -16.40 -23.21 -14.96
C GLY A 13 -15.03 -23.82 -14.78
N VAL A 14 -14.98 -25.04 -14.25
CA VAL A 14 -13.70 -25.69 -14.02
C VAL A 14 -13.10 -26.17 -15.32
N GLN A 15 -13.92 -26.80 -16.17
CA GLN A 15 -13.42 -27.38 -17.41
C GLN A 15 -13.02 -26.32 -18.43
N ILE A 16 -13.59 -25.12 -18.35
CA ILE A 16 -13.05 -24.01 -19.10
C ILE A 16 -11.71 -23.59 -18.50
N GLY A 17 -11.63 -23.56 -17.17
CA GLY A 17 -10.40 -23.12 -16.51
C GLY A 17 -9.24 -24.07 -16.69
N ASN A 18 -9.54 -25.35 -16.95
CA ASN A 18 -8.48 -26.29 -17.32
C ASN A 18 -7.84 -25.92 -18.64
N ALA A 19 -8.64 -25.44 -19.59
CA ALA A 19 -8.08 -25.03 -20.87
C ALA A 19 -7.56 -23.61 -20.83
N CYS A 20 -8.04 -22.80 -19.88
CA CYS A 20 -7.53 -21.43 -19.75
C CYS A 20 -6.11 -21.42 -19.23
N TRP A 21 -5.90 -21.93 -18.02
CA TRP A 21 -4.59 -21.86 -17.38
C TRP A 21 -3.56 -22.76 -18.05
N GLU A 22 -4.00 -23.72 -18.86
CA GLU A 22 -3.06 -24.42 -19.74
C GLU A 22 -2.47 -23.46 -20.77
N LEU A 23 -3.27 -22.51 -21.24
CA LEU A 23 -2.80 -21.59 -22.27
C LEU A 23 -1.87 -20.53 -21.68
N TYR A 24 -2.16 -20.06 -20.47
CA TYR A 24 -1.33 -19.03 -19.85
C TYR A 24 0.06 -19.55 -19.53
N CYS A 25 0.18 -20.83 -19.20
CA CYS A 25 1.50 -21.39 -18.95
C CYS A 25 2.33 -21.48 -20.22
N LEU A 26 1.67 -21.67 -21.36
CA LEU A 26 2.39 -21.69 -22.63
C LEU A 26 2.79 -20.31 -23.11
N GLU A 27 2.04 -19.28 -22.74
CA GLU A 27 2.39 -17.93 -23.14
C GLU A 27 3.48 -17.31 -22.29
N HIS A 28 3.98 -18.01 -21.28
CA HIS A 28 5.07 -17.47 -20.47
C HIS A 28 6.13 -18.50 -20.16
N GLY A 29 6.06 -19.70 -20.74
CA GLY A 29 7.04 -20.72 -20.46
C GLY A 29 6.95 -21.32 -19.08
N ILE A 30 5.80 -21.18 -18.42
CA ILE A 30 5.62 -21.69 -17.07
C ILE A 30 5.44 -23.20 -17.14
N GLN A 31 6.28 -23.93 -16.41
CA GLN A 31 6.14 -25.37 -16.30
C GLN A 31 4.89 -25.71 -15.50
N PRO A 32 4.37 -26.93 -15.65
CA PRO A 32 3.30 -27.38 -14.73
C PRO A 32 3.74 -27.51 -13.29
N ASP A 33 5.05 -27.59 -13.03
CA ASP A 33 5.55 -27.56 -11.67
C ASP A 33 5.59 -26.15 -11.08
N GLY A 34 5.30 -25.14 -11.88
CA GLY A 34 5.34 -23.77 -11.44
C GLY A 34 6.68 -23.08 -11.66
N GLN A 35 7.72 -23.84 -11.97
CA GLN A 35 9.02 -23.25 -12.26
C GLN A 35 9.06 -22.75 -13.70
N MET A 36 10.18 -22.10 -14.04
CA MET A 36 10.43 -21.70 -15.40
C MET A 36 11.93 -21.57 -15.57
N PRO A 37 12.47 -21.86 -16.77
CA PRO A 37 13.91 -21.70 -17.01
C PRO A 37 14.33 -20.23 -17.03
N ASP A 38 7.90 -10.78 -14.66
CA ASP A 38 7.99 -9.33 -14.83
C ASP A 38 6.71 -8.78 -15.43
N SER A 39 6.31 -9.35 -16.57
CA SER A 39 5.08 -8.94 -17.24
C SER A 39 3.88 -9.79 -16.86
N PHE A 40 4.11 -11.00 -16.34
CA PHE A 40 3.04 -11.93 -16.02
C PHE A 40 2.55 -11.80 -14.59
N ASN A 41 2.83 -10.67 -13.93
CA ASN A 41 2.47 -10.51 -12.53
C ASN A 41 0.99 -10.26 -12.33
N THR A 42 0.26 -9.98 -13.41
CA THR A 42 -1.16 -9.66 -13.30
C THR A 42 -1.98 -10.89 -12.93
N PHE A 43 -1.56 -12.06 -13.39
CA PHE A 43 -2.28 -13.29 -13.12
C PHE A 43 -1.50 -14.26 -12.25
N PHE A 44 -0.44 -13.81 -11.59
CA PHE A 44 0.37 -14.69 -10.79
C PHE A 44 0.91 -13.95 -9.58
N SER A 45 1.40 -14.71 -8.61
CA SER A 45 2.14 -14.20 -7.47
C SER A 45 3.33 -15.10 -7.25
N GLU A 46 4.49 -14.50 -6.99
CA GLU A 46 5.72 -15.27 -6.90
C GLU A 46 5.97 -15.71 -5.47
N THR A 47 6.46 -16.93 -5.30
CA THR A 47 6.86 -17.44 -4.00
C THR A 47 8.31 -17.05 -3.73
N GLY A 48 8.89 -17.62 -2.66
CA GLY A 48 10.28 -17.34 -2.36
C GLY A 48 11.23 -17.99 -3.35
N ALA A 49 10.86 -19.16 -3.86
CA ALA A 49 11.61 -19.83 -4.89
C ALA A 49 11.16 -19.31 -6.26
N GLY A 50 11.53 -20.02 -7.32
CA GLY A 50 11.09 -19.66 -8.66
C GLY A 50 9.76 -20.27 -9.03
N LYS A 51 8.88 -20.45 -8.06
CA LYS A 51 7.57 -21.06 -8.25
C LYS A 51 6.51 -19.96 -8.24
N HIS A 52 5.65 -19.97 -9.24
CA HIS A 52 4.56 -19.02 -9.35
C HIS A 52 3.24 -19.75 -9.24
N VAL A 53 2.25 -19.12 -8.60
CA VAL A 53 0.95 -19.75 -8.42
C VAL A 53 -0.13 -18.89 -9.08
N PRO A 54 -1.18 -19.48 -9.61
CA PRO A 54 -2.24 -18.69 -10.23
C PRO A 54 -3.11 -18.01 -9.21
N ARG A 55 -3.77 -16.95 -9.66
CA ARG A 55 -4.72 -16.21 -8.83
C ARG A 55 -6.15 -16.66 -9.09
N ALA A 56 -6.42 -17.95 -8.90
CA ALA A 56 -7.70 -18.52 -9.26
C ALA A 56 -8.36 -19.17 -8.06
N VAL A 57 -9.69 -19.19 -8.09
CA VAL A 57 -10.50 -19.85 -7.07
C VAL A 57 -11.42 -20.82 -7.79
N PHE A 58 -11.17 -22.12 -7.61
CA PHE A 58 -12.00 -23.16 -8.20
C PHE A 58 -12.98 -23.63 -7.15
N VAL A 59 -14.27 -23.45 -7.42
CA VAL A 59 -15.31 -23.81 -6.46
C VAL A 59 -16.30 -24.73 -7.16
N ASP A 60 -16.81 -25.71 -6.40
CA ASP A 60 -17.84 -26.60 -6.87
C ASP A 60 -18.53 -27.22 -5.66
N LEU A 61 -19.78 -27.63 -5.85
CA LEU A 61 -20.53 -28.29 -4.79
C LEU A 61 -20.31 -29.79 -4.76
N GLU A 62 -19.87 -30.39 -5.85
CA GLU A 62 -19.55 -31.81 -5.88
C GLU A 62 -18.05 -32.01 -6.05
N PRO A 63 -17.47 -33.04 -5.45
CA PRO A 63 -16.01 -33.23 -5.52
C PRO A 63 -15.52 -34.01 -6.73
N THR A 64 -16.35 -34.23 -7.76
CA THR A 64 -15.93 -35.07 -8.87
C THR A 64 -14.93 -34.37 -9.79
N VAL A 65 -15.29 -33.21 -10.33
CA VAL A 65 -14.46 -32.57 -11.35
C VAL A 65 -13.22 -31.91 -10.75
N ILE A 66 -13.22 -31.61 -9.45
CA ILE A 66 -12.06 -30.99 -8.83
C ILE A 66 -10.95 -32.02 -8.65
N ASP A 67 -11.32 -33.27 -8.34
CA ASP A 67 -10.32 -34.32 -8.18
C ASP A 67 -9.67 -34.71 -9.50
N GLU A 68 -10.28 -34.35 -10.63
CA GLU A 68 -9.59 -34.48 -11.90
C GLU A 68 -8.38 -33.53 -11.97
N VAL A 69 -8.51 -32.36 -11.37
CA VAL A 69 -7.39 -31.42 -11.33
C VAL A 69 -6.36 -31.86 -10.30
N ARG A 70 -6.83 -32.36 -9.16
CA ARG A 70 -5.95 -32.72 -8.06
C ARG A 70 -5.12 -33.98 -8.35
N THR A 71 -5.48 -34.75 -9.36
CA THR A 71 -4.66 -35.87 -9.80
C THR A 71 -4.19 -35.71 -11.23
N GLY A 72 -4.49 -34.60 -11.88
CA GLY A 72 -4.12 -34.38 -13.27
C GLY A 72 -2.68 -33.94 -13.42
N THR A 73 -2.35 -33.45 -14.61
CA THR A 73 -1.00 -32.98 -14.88
C THR A 73 -0.70 -31.68 -14.13
N TYR A 74 -1.68 -30.78 -14.07
CA TYR A 74 -1.51 -29.53 -13.34
C TYR A 74 -1.94 -29.73 -11.88
N ARG A 75 -1.16 -30.56 -11.20
CA ARG A 75 -1.33 -30.85 -9.78
C ARG A 75 -0.45 -29.97 -8.90
N GLN A 76 0.80 -29.79 -9.30
CA GLN A 76 1.76 -28.98 -8.55
C GLN A 76 1.55 -27.49 -8.74
N LEU A 77 0.59 -27.07 -9.56
CA LEU A 77 0.46 -25.67 -9.91
C LEU A 77 -0.38 -24.89 -8.90
N PHE A 78 -1.55 -25.39 -8.55
CA PHE A 78 -2.49 -24.60 -7.78
C PHE A 78 -2.24 -24.71 -6.29
N HIS A 79 -2.53 -23.63 -5.59
CA HIS A 79 -2.55 -23.63 -4.13
C HIS A 79 -3.68 -24.52 -3.66
N PRO A 80 -3.42 -25.57 -2.87
CA PRO A 80 -4.47 -26.53 -2.52
C PRO A 80 -5.56 -25.98 -1.61
N GLU A 81 -5.41 -24.77 -1.07
CA GLU A 81 -6.49 -24.14 -0.34
C GLU A 81 -7.40 -23.33 -1.25
N GLN A 82 -7.13 -23.34 -2.56
CA GLN A 82 -7.98 -22.67 -3.53
C GLN A 82 -8.95 -23.60 -4.23
N LEU A 83 -8.90 -24.90 -3.93
CA LEU A 83 -9.75 -25.88 -4.60
C LEU A 83 -10.88 -26.24 -3.65
N ILE A 84 -11.91 -25.42 -3.65
CA ILE A 84 -13.00 -25.56 -2.70
C ILE A 84 -14.02 -26.56 -3.25
N THR A 85 -14.31 -27.59 -2.47
CA THR A 85 -15.29 -28.60 -2.83
C THR A 85 -16.43 -28.59 -1.82
N GLY A 86 -17.41 -29.47 -2.03
CA GLY A 86 -18.53 -29.60 -1.14
C GLY A 86 -18.95 -31.05 -1.04
N LYS A 87 -20.00 -31.30 -0.27
CA LYS A 87 -20.46 -32.67 -0.09
C LYS A 87 -21.33 -33.12 -1.24
N GLU A 88 -22.47 -32.46 -1.45
CA GLU A 88 -23.44 -32.88 -2.44
C GLU A 88 -23.73 -31.73 -3.39
N ASP A 89 -23.93 -32.05 -4.67
CA ASP A 89 -24.20 -31.04 -5.67
C ASP A 89 -25.62 -30.49 -5.54
N ALA A 90 -25.88 -29.43 -6.30
CA ALA A 90 -27.23 -28.88 -6.32
C ALA A 90 -28.14 -29.68 -7.24
N ALA A 91 -27.56 -30.39 -8.20
CA ALA A 91 -28.25 -31.22 -9.19
C ALA A 91 -29.29 -30.42 -9.97
N ASN A 92 -28.78 -29.41 -10.70
CA ASN A 92 -29.56 -28.59 -11.64
C ASN A 92 -30.71 -27.86 -10.96
N ASN A 93 -30.53 -27.49 -9.69
CA ASN A 93 -31.54 -26.79 -8.91
C ASN A 93 -30.99 -25.44 -8.54
N TYR A 94 -31.73 -24.39 -8.88
CA TYR A 94 -31.35 -23.04 -8.48
C TYR A 94 -31.51 -22.85 -6.98
N ALA A 95 -32.53 -23.48 -6.39
CA ALA A 95 -32.82 -23.23 -4.98
C ALA A 95 -31.82 -23.90 -4.07
N ARG A 96 -31.36 -25.09 -4.41
CA ARG A 96 -30.32 -25.74 -3.61
C ARG A 96 -29.00 -25.00 -3.72
N GLY A 97 -28.70 -24.44 -4.88
CA GLY A 97 -27.47 -23.68 -5.03
C GLY A 97 -27.48 -22.32 -4.39
N HIS A 98 -28.65 -21.83 -4.00
CA HIS A 98 -28.78 -20.48 -3.48
C HIS A 98 -29.35 -20.41 -2.08
N TYR A 99 -30.10 -21.41 -1.64
CA TYR A 99 -30.72 -21.37 -0.32
C TYR A 99 -30.33 -22.55 0.56
N THR A 100 -30.07 -23.72 -0.02
CA THR A 100 -29.86 -24.90 0.80
C THR A 100 -28.39 -25.26 0.94
N ILE A 101 -27.71 -25.50 -0.17
CA ILE A 101 -26.33 -25.95 -0.14
C ILE A 101 -25.37 -24.77 -0.24
N GLY A 102 -25.75 -23.75 -1.02
CA GLY A 102 -24.87 -22.63 -1.23
C GLY A 102 -24.67 -21.76 0.00
N LYS A 103 -25.60 -21.82 0.95
CA LYS A 103 -25.43 -21.08 2.20
C LYS A 103 -24.36 -21.67 3.09
N GLU A 104 -23.92 -22.90 2.84
CA GLU A 104 -22.90 -23.51 3.68
C GLU A 104 -21.53 -22.95 3.38
N ILE A 105 -21.04 -23.14 2.15
CA ILE A 105 -19.64 -22.86 1.85
C ILE A 105 -19.41 -21.45 1.32
N ILE A 106 -20.41 -20.56 1.40
CA ILE A 106 -20.22 -19.22 0.88
C ILE A 106 -19.29 -18.42 1.77
N ASP A 107 -19.23 -18.74 3.06
CA ASP A 107 -18.30 -18.05 3.94
C ASP A 107 -16.88 -18.54 3.73
N LEU A 108 -16.71 -19.76 3.22
CA LEU A 108 -15.38 -20.27 2.94
C LEU A 108 -14.80 -19.67 1.68
N VAL A 109 -15.65 -19.38 0.69
CA VAL A 109 -15.16 -18.81 -0.56
C VAL A 109 -14.76 -17.35 -0.35
N LEU A 110 -15.61 -16.58 0.33
CA LEU A 110 -15.36 -15.16 0.55
C LEU A 110 -14.12 -14.92 1.41
N ASP A 111 -13.78 -15.87 2.27
CA ASP A 111 -12.52 -15.77 2.99
C ASP A 111 -11.34 -15.95 2.06
N ARG A 112 -11.43 -16.89 1.12
CA ARG A 112 -10.31 -17.14 0.22
C ARG A 112 -10.16 -16.07 -0.84
N ILE A 113 -11.23 -15.33 -1.13
CA ILE A 113 -11.11 -14.17 -2.02
C ILE A 113 -10.33 -13.07 -1.33
N ARG A 114 -10.65 -12.81 -0.06
CA ARG A 114 -10.05 -11.71 0.66
C ARG A 114 -8.58 -11.98 0.98
N LYS A 115 -8.20 -13.25 1.11
CA LYS A 115 -6.79 -13.57 1.30
C LYS A 115 -6.00 -13.37 0.00
N LEU A 116 -6.67 -13.41 -1.14
CA LEU A 116 -6.01 -13.07 -2.38
C LEU A 116 -6.08 -11.60 -2.70
N ALA A 117 -7.15 -10.92 -2.27
CA ALA A 117 -7.31 -9.51 -2.59
C ALA A 117 -6.35 -8.65 -1.80
N ASP A 118 -6.09 -9.01 -0.55
CA ASP A 118 -5.28 -8.16 0.32
C ASP A 118 -3.80 -8.19 0.00
N GLN A 119 -3.33 -9.19 -0.74
CA GLN A 119 -1.96 -9.21 -1.19
C GLN A 119 -1.79 -8.61 -2.58
N CYS A 120 -2.84 -8.01 -3.13
CA CYS A 120 -2.79 -7.37 -4.43
C CYS A 120 -2.95 -5.87 -4.27
N THR A 121 -2.14 -5.12 -5.01
CA THR A 121 -2.22 -3.67 -5.00
C THR A 121 -2.85 -3.07 -6.24
N GLY A 122 -2.94 -3.80 -7.34
CA GLY A 122 -3.56 -3.29 -8.55
C GLY A 122 -4.77 -4.11 -8.93
N LEU A 123 -5.59 -4.46 -7.93
CA LEU A 123 -6.77 -5.29 -8.16
C LEU A 123 -7.78 -4.52 -9.00
N GLN A 124 -7.89 -4.88 -10.27
CA GLN A 124 -8.78 -4.17 -11.18
C GLN A 124 -10.18 -4.78 -11.17
N GLY A 125 -10.30 -6.07 -11.48
CA GLY A 125 -11.60 -6.65 -11.66
C GLY A 125 -11.64 -8.13 -11.35
N PHE A 126 -12.84 -8.70 -11.53
CA PHE A 126 -13.11 -10.10 -11.28
C PHE A 126 -13.49 -10.79 -12.59
N LEU A 127 -13.20 -12.08 -12.67
CA LEU A 127 -13.57 -12.90 -13.81
C LEU A 127 -14.32 -14.11 -13.29
N VAL A 128 -15.64 -14.08 -13.42
CA VAL A 128 -16.50 -15.14 -12.93
C VAL A 128 -16.88 -16.00 -14.12
N PHE A 129 -16.50 -17.28 -14.10
CA PHE A 129 -16.76 -18.17 -15.22
C PHE A 129 -17.84 -19.14 -14.77
N HIS A 130 -19.04 -18.98 -15.30
CA HIS A 130 -20.14 -19.85 -14.93
C HIS A 130 -21.03 -20.11 -16.12
N SER A 131 -22.16 -20.77 -15.88
CA SER A 131 -23.08 -21.14 -16.94
C SER A 131 -24.49 -21.04 -16.41
N PHE A 132 -25.44 -20.77 -17.31
CA PHE A 132 -26.83 -20.62 -16.88
C PHE A 132 -27.50 -21.95 -16.61
N GLY A 133 -26.93 -23.06 -17.08
CA GLY A 133 -27.61 -24.33 -17.01
C GLY A 133 -27.72 -24.94 -15.63
N GLY A 134 -26.59 -25.35 -15.06
CA GLY A 134 -26.60 -26.11 -13.84
C GLY A 134 -26.94 -25.28 -12.62
N GLY A 135 -27.17 -25.99 -11.51
CA GLY A 135 -27.55 -25.32 -10.28
C GLY A 135 -26.41 -24.58 -9.62
N THR A 136 -25.19 -25.06 -9.79
CA THR A 136 -24.05 -24.36 -9.21
C THR A 136 -23.74 -23.09 -9.98
N GLY A 137 -23.80 -23.16 -11.31
CA GLY A 137 -23.56 -21.98 -12.12
C GLY A 137 -24.66 -20.93 -12.06
N SER A 138 -25.80 -21.25 -11.48
CA SER A 138 -26.91 -20.32 -11.36
C SER A 138 -27.17 -19.89 -9.92
N GLY A 139 -27.35 -20.85 -9.02
CA GLY A 139 -27.68 -20.54 -7.65
C GLY A 139 -26.51 -20.01 -6.85
N PHE A 140 -25.37 -20.69 -6.96
CA PHE A 140 -24.20 -20.27 -6.21
C PHE A 140 -23.58 -19.01 -6.80
N THR A 141 -23.72 -18.80 -8.09
CA THR A 141 -23.16 -17.62 -8.74
C THR A 141 -23.91 -16.36 -8.32
N SER A 142 -25.25 -16.43 -8.34
CA SER A 142 -26.07 -15.29 -7.95
C SER A 142 -25.92 -14.96 -6.47
N LEU A 143 -25.63 -15.97 -5.65
CA LEU A 143 -25.26 -15.69 -4.27
C LEU A 143 -23.89 -15.03 -4.19
N LEU A 144 -22.97 -15.45 -5.06
CA LEU A 144 -21.62 -14.91 -5.02
C LEU A 144 -21.55 -13.49 -5.56
N MET A 145 -22.30 -13.18 -6.61
CA MET A 145 -22.28 -11.84 -7.17
C MET A 145 -22.95 -10.82 -6.27
N GLU A 146 -23.81 -11.26 -5.35
CA GLU A 146 -24.34 -10.33 -4.36
C GLU A 146 -23.29 -9.98 -3.33
N ARG A 147 -22.51 -10.97 -2.90
CA ARG A 147 -21.54 -10.74 -1.83
C ARG A 147 -20.36 -9.91 -2.32
N LEU A 148 -19.95 -10.08 -3.57
CA LEU A 148 -18.85 -9.29 -4.08
C LEU A 148 -19.26 -7.85 -4.34
N SER A 149 -20.52 -7.63 -4.70
CA SER A 149 -20.99 -6.26 -4.90
C SER A 149 -21.14 -5.51 -3.58
N VAL A 150 -21.49 -6.21 -2.51
CA VAL A 150 -21.54 -5.57 -1.20
C VAL A 150 -20.14 -5.29 -0.69
N ASP A 151 -19.23 -6.24 -0.88
CA ASP A 151 -17.92 -6.13 -0.24
C ASP A 151 -17.01 -5.15 -0.97
N TYR A 152 -17.13 -5.07 -2.30
CA TYR A 152 -16.25 -4.20 -3.08
C TYR A 152 -17.00 -3.08 -3.77
N GLY A 153 -17.97 -3.41 -4.62
CA GLY A 153 -18.77 -2.40 -5.28
C GLY A 153 -18.08 -1.66 -6.42
N LYS A 154 -16.96 -1.00 -6.13
CA LYS A 154 -16.31 -0.17 -7.15
C LYS A 154 -15.59 -1.00 -8.18
N LYS A 155 -15.14 -2.19 -7.83
CA LYS A 155 -14.33 -2.99 -8.72
C LYS A 155 -15.17 -3.58 -9.85
N SER A 156 -14.52 -3.88 -10.96
CA SER A 156 -15.23 -4.41 -12.12
C SER A 156 -15.53 -5.90 -11.91
N LYS A 157 -16.62 -6.35 -12.51
CA LYS A 157 -17.05 -7.74 -12.40
C LYS A 157 -17.50 -8.23 -13.76
N LEU A 158 -16.72 -9.12 -14.36
CA LEU A 158 -17.00 -9.66 -15.69
C LEU A 158 -17.44 -11.11 -15.58
N GLU A 159 -18.29 -11.52 -16.52
CA GLU A 159 -18.82 -12.88 -16.54
C GLU A 159 -18.71 -13.44 -17.94
N PHE A 160 -18.07 -14.60 -18.08
CA PHE A 160 -18.10 -15.32 -19.35
C PHE A 160 -19.12 -16.45 -19.24
N SER A 161 -20.39 -16.06 -19.33
CA SER A 161 -21.47 -17.00 -19.14
C SER A 161 -21.62 -17.91 -20.36
N ILE A 162 -22.32 -19.02 -20.16
CA ILE A 162 -22.63 -19.95 -21.23
C ILE A 162 -24.13 -19.88 -21.45
N TYR A 163 -24.55 -19.16 -22.48
CA TYR A 163 -25.96 -19.02 -22.78
C TYR A 163 -26.51 -20.33 -23.33
N PRO A 164 -27.69 -20.77 -22.88
CA PRO A 164 -28.20 -22.07 -23.33
C PRO A 164 -28.66 -22.03 -24.78
N ALA A 165 -28.47 -23.15 -25.46
CA ALA A 165 -28.72 -23.22 -26.88
C ALA A 165 -30.22 -23.22 -27.18
N PRO A 166 -30.63 -22.70 -28.34
CA PRO A 166 -32.06 -22.74 -28.69
C PRO A 166 -32.59 -24.12 -28.98
N GLN A 167 -31.74 -25.05 -29.39
CA GLN A 167 -32.19 -26.41 -29.71
C GLN A 167 -31.52 -27.46 -28.86
N VAL A 168 -30.20 -27.40 -28.71
CA VAL A 168 -29.47 -28.42 -27.96
C VAL A 168 -29.63 -28.12 -26.48
N SER A 169 -30.56 -28.81 -25.83
CA SER A 169 -30.82 -28.64 -24.40
C SER A 169 -30.36 -29.89 -23.68
N THR A 170 -29.28 -29.78 -22.92
CA THR A 170 -28.78 -30.92 -22.17
C THR A 170 -29.61 -31.22 -20.93
N ALA A 171 -30.11 -30.20 -20.25
CA ALA A 171 -30.96 -30.39 -19.09
C ALA A 171 -32.39 -30.04 -19.44
N VAL A 172 -33.25 -30.09 -18.43
CA VAL A 172 -34.66 -29.82 -18.67
C VAL A 172 -35.09 -28.49 -18.06
N VAL A 173 -34.56 -28.14 -16.89
CA VAL A 173 -35.03 -26.97 -16.17
C VAL A 173 -34.11 -25.78 -16.44
N GLU A 174 -33.37 -25.85 -17.55
CA GLU A 174 -32.64 -24.68 -18.04
C GLU A 174 -33.49 -23.42 -18.27
N PRO A 175 -34.76 -23.49 -18.72
CA PRO A 175 -35.56 -22.26 -18.66
C PRO A 175 -35.89 -21.81 -17.26
N TYR A 176 -35.87 -22.70 -16.27
CA TYR A 176 -36.14 -22.26 -14.91
C TYR A 176 -34.91 -21.61 -14.29
N ASN A 177 -33.73 -22.14 -14.57
CA ASN A 177 -32.51 -21.57 -13.98
C ASN A 177 -32.18 -20.23 -14.61
N SER A 178 -32.27 -20.14 -15.93
CA SER A 178 -31.84 -18.95 -16.67
C SER A 178 -32.69 -17.72 -16.38
N ILE A 179 -33.96 -17.88 -16.05
CA ILE A 179 -34.75 -16.72 -15.68
C ILE A 179 -34.38 -16.23 -14.28
N LEU A 180 -34.19 -17.15 -13.35
CA LEU A 180 -33.96 -16.76 -11.97
C LEU A 180 -32.58 -16.18 -11.76
N THR A 181 -31.55 -16.80 -12.35
CA THR A 181 -30.20 -16.30 -12.15
C THR A 181 -29.89 -15.07 -12.99
N THR A 182 -30.75 -14.71 -13.94
CA THR A 182 -30.62 -13.44 -14.62
C THR A 182 -31.27 -12.33 -13.82
N HIS A 183 -32.35 -12.64 -13.11
CA HIS A 183 -33.04 -11.67 -12.26
C HIS A 183 -32.15 -11.18 -11.12
N THR A 184 -31.20 -11.99 -10.69
CA THR A 184 -30.35 -11.57 -9.58
C THR A 184 -29.10 -10.86 -10.08
N THR A 185 -28.45 -11.39 -11.11
CA THR A 185 -27.19 -10.81 -11.58
C THR A 185 -27.39 -9.53 -12.39
N LEU A 186 -28.62 -9.17 -12.72
CA LEU A 186 -28.88 -8.00 -13.54
C LEU A 186 -28.55 -6.71 -12.79
N GLU A 187 -28.68 -6.72 -11.47
CA GLU A 187 -28.51 -5.54 -10.65
C GLU A 187 -27.18 -5.51 -9.92
N HIS A 188 -26.31 -6.48 -10.17
CA HIS A 188 -25.01 -6.53 -9.52
C HIS A 188 -23.87 -6.55 -10.49
N SER A 189 -23.96 -7.32 -11.58
CA SER A 189 -22.85 -7.50 -12.48
C SER A 189 -22.65 -6.27 -13.37
N ASP A 190 -21.55 -6.27 -14.11
CA ASP A 190 -21.19 -5.15 -14.95
C ASP A 190 -21.31 -5.46 -16.44
N CYS A 191 -20.86 -6.63 -16.87
CA CYS A 191 -20.87 -6.98 -18.28
C CYS A 191 -20.80 -8.49 -18.40
N ALA A 192 -21.87 -9.10 -18.89
CA ALA A 192 -21.98 -10.55 -18.97
C ALA A 192 -21.80 -10.96 -20.43
N PHE A 193 -20.77 -11.76 -20.69
CA PHE A 193 -20.44 -12.17 -22.06
C PHE A 193 -21.10 -13.50 -22.40
N MET A 194 -21.83 -13.51 -23.51
CA MET A 194 -22.58 -14.68 -23.92
C MET A 194 -21.77 -15.50 -24.91
N VAL A 195 -21.65 -16.80 -24.66
CA VAL A 195 -21.07 -17.77 -25.58
C VAL A 195 -21.97 -19.01 -25.56
N ASP A 196 -22.48 -19.39 -26.71
CA ASP A 196 -23.38 -20.53 -26.81
C ASP A 196 -22.63 -21.76 -27.30
N ASN A 197 -23.11 -22.94 -26.89
CA ASN A 197 -22.49 -24.19 -27.30
C ASN A 197 -22.76 -24.50 -28.76
N GLU A 198 -24.03 -24.39 -29.18
CA GLU A 198 -24.48 -24.87 -30.48
C GLU A 198 -23.80 -24.14 -31.63
N ALA A 199 -23.50 -22.85 -31.45
CA ALA A 199 -22.80 -22.12 -32.48
C ALA A 199 -21.35 -22.56 -32.61
N ILE A 200 -20.75 -23.09 -31.55
CA ILE A 200 -19.38 -23.57 -31.65
C ILE A 200 -19.35 -24.88 -32.43
N TYR A 201 -20.41 -25.69 -32.32
CA TYR A 201 -20.49 -26.91 -33.12
C TYR A 201 -20.62 -26.59 -34.61
N ASP A 202 -21.23 -25.46 -34.95
CA ASP A 202 -21.28 -25.05 -36.34
C ASP A 202 -19.90 -24.62 -36.82
N ILE A 203 -19.14 -23.95 -35.97
CA ILE A 203 -17.84 -23.43 -36.38
C ILE A 203 -16.79 -24.53 -36.41
N CYS A 204 -16.77 -25.40 -35.40
CA CYS A 204 -15.80 -26.48 -35.36
C CYS A 204 -16.03 -27.51 -36.45
N ARG A 205 -17.27 -27.66 -36.93
CA ARG A 205 -17.50 -28.58 -38.03
C ARG A 205 -17.09 -27.98 -39.36
N ARG A 206 -17.56 -26.76 -39.66
CA ARG A 206 -17.37 -26.18 -40.97
C ARG A 206 -15.98 -25.60 -41.16
N ASN A 207 -15.50 -24.82 -40.20
CA ASN A 207 -14.23 -24.13 -40.38
C ASN A 207 -13.05 -25.03 -40.04
N LEU A 208 -13.10 -25.70 -38.90
CA LEU A 208 -11.99 -26.55 -38.49
C LEU A 208 -11.97 -27.90 -39.19
N ASP A 209 -13.04 -28.24 -39.91
CA ASP A 209 -13.20 -29.51 -40.63
C ASP A 209 -13.06 -30.72 -39.70
N ILE A 210 -13.64 -30.59 -38.51
CA ILE A 210 -13.66 -31.67 -37.53
C ILE A 210 -15.06 -32.24 -37.48
N GLU A 211 -15.16 -33.56 -37.64
CA GLU A 211 -16.47 -34.21 -37.66
C GLU A 211 -17.09 -34.25 -36.27
N ARG A 212 -16.38 -34.82 -35.30
CA ARG A 212 -16.92 -35.07 -33.96
C ARG A 212 -16.05 -34.40 -32.91
N PRO A 213 -16.37 -33.17 -32.54
CA PRO A 213 -15.62 -32.51 -31.48
C PRO A 213 -16.12 -32.89 -30.10
N THR A 214 -15.22 -32.78 -29.14
CA THR A 214 -15.56 -33.01 -27.74
C THR A 214 -15.50 -31.70 -26.97
N TYR A 215 -15.85 -31.77 -25.68
CA TYR A 215 -15.83 -30.59 -24.83
C TYR A 215 -14.43 -30.04 -24.59
N THR A 216 -13.41 -30.87 -24.78
CA THR A 216 -12.04 -30.36 -24.71
C THR A 216 -11.76 -29.40 -25.86
N ASN A 217 -12.17 -29.76 -27.07
CA ASN A 217 -11.92 -28.92 -28.23
C ASN A 217 -12.78 -27.66 -28.23
N LEU A 218 -13.96 -27.70 -27.61
CA LEU A 218 -14.75 -26.48 -27.48
C LEU A 218 -14.11 -25.52 -26.51
N ASN A 219 -13.53 -26.03 -25.43
CA ASN A 219 -12.96 -25.16 -24.42
C ASN A 219 -11.64 -24.54 -24.86
N ARG A 220 -11.00 -25.07 -25.91
CA ARG A 220 -9.83 -24.42 -26.46
C ARG A 220 -10.19 -23.10 -27.12
N LEU A 221 -11.25 -23.11 -27.93
CA LEU A 221 -11.64 -21.91 -28.66
C LEU A 221 -12.27 -20.86 -27.75
N ILE A 222 -12.86 -21.28 -26.64
CA ILE A 222 -13.32 -20.31 -25.66
C ILE A 222 -12.14 -19.66 -24.96
N SER A 223 -11.08 -20.44 -24.71
CA SER A 223 -9.91 -19.93 -24.01
C SER A 223 -9.14 -18.92 -24.83
N GLN A 224 -9.21 -19.01 -26.17
CA GLN A 224 -8.58 -18.00 -27.00
C GLN A 224 -9.25 -16.65 -26.86
N ILE A 225 -10.55 -16.65 -26.59
CA ILE A 225 -11.24 -15.39 -26.33
C ILE A 225 -10.79 -14.80 -25.00
N VAL A 226 -10.58 -15.66 -24.00
CA VAL A 226 -10.16 -15.22 -22.68
C VAL A 226 -8.76 -14.63 -22.73
N SER A 227 -7.87 -15.21 -23.55
CA SER A 227 -6.51 -14.71 -23.64
C SER A 227 -6.46 -13.38 -24.37
N SER A 228 -7.19 -13.26 -25.48
CA SER A 228 -7.13 -12.05 -26.28
C SER A 228 -7.79 -10.86 -25.61
N ILE A 229 -8.70 -11.08 -24.67
CA ILE A 229 -9.20 -9.97 -23.87
C ILE A 229 -8.15 -9.54 -22.85
N THR A 230 -7.54 -10.51 -22.17
CA THR A 230 -6.52 -10.23 -21.18
C THR A 230 -5.12 -10.23 -21.75
N ALA A 231 -4.97 -9.96 -23.05
CA ALA A 231 -3.64 -9.84 -23.62
C ALA A 231 -3.06 -8.46 -23.42
N SER A 232 -3.92 -7.44 -23.28
CA SER A 232 -3.45 -6.09 -23.09
C SER A 232 -2.87 -5.86 -21.70
N LEU A 233 -3.33 -6.62 -20.70
CA LEU A 233 -2.72 -6.52 -19.39
C LEU A 233 -1.34 -7.16 -19.37
N ARG A 234 -1.25 -8.39 -19.84
CA ARG A 234 -0.03 -9.17 -19.70
C ARG A 234 1.08 -8.75 -20.64
N PHE A 235 0.77 -8.00 -21.70
CA PHE A 235 1.79 -7.62 -22.66
C PHE A 235 1.64 -6.16 -23.03
N ASP A 236 2.76 -5.55 -23.41
CA ASP A 236 2.73 -4.20 -23.90
C ASP A 236 2.22 -4.18 -25.33
N GLY A 237 1.28 -3.27 -25.61
CA GLY A 237 0.75 -3.14 -26.94
C GLY A 237 0.87 -1.71 -27.42
N ALA A 238 0.66 -1.54 -28.73
CA ALA A 238 0.70 -0.20 -29.30
C ALA A 238 -0.52 0.62 -28.92
N LEU A 239 -1.61 -0.03 -28.55
CA LEU A 239 -2.81 0.68 -28.09
C LEU A 239 -3.51 -0.24 -27.10
N ASN A 240 -3.27 -0.02 -25.82
CA ASN A 240 -3.73 -0.93 -24.79
C ASN A 240 -5.18 -0.66 -24.44
N VAL A 241 -5.77 -1.59 -23.68
CA VAL A 241 -7.15 -1.50 -23.23
C VAL A 241 -7.22 -2.15 -21.87
N ASP A 242 -8.10 -1.64 -21.01
CA ASP A 242 -8.18 -2.11 -19.63
C ASP A 242 -9.59 -2.59 -19.33
N LEU A 243 -9.71 -3.31 -18.22
CA LEU A 243 -10.99 -3.92 -17.86
C LEU A 243 -12.02 -2.90 -17.43
N THR A 244 -11.59 -1.73 -16.96
CA THR A 244 -12.55 -0.68 -16.67
C THR A 244 -13.08 -0.08 -17.97
N GLU A 245 -12.31 -0.16 -19.05
CA GLU A 245 -12.73 0.45 -20.31
C GLU A 245 -13.79 -0.36 -21.03
N PHE A 246 -13.94 -1.66 -20.72
CA PHE A 246 -14.94 -2.46 -21.41
C PHE A 246 -16.35 -2.07 -20.99
N GLN A 247 -16.57 -1.86 -19.70
CA GLN A 247 -17.91 -1.52 -19.23
C GLN A 247 -18.30 -0.10 -19.62
N THR A 248 -17.34 0.76 -19.94
CA THR A 248 -17.69 2.10 -20.39
C THR A 248 -18.11 2.09 -21.85
N ASN A 249 -17.32 1.45 -22.71
CA ASN A 249 -17.57 1.50 -24.14
C ASN A 249 -18.71 0.60 -24.59
N LEU A 250 -19.14 -0.36 -23.78
CA LEU A 250 -20.09 -1.36 -24.27
C LEU A 250 -21.44 -1.35 -23.57
N VAL A 251 -21.64 -0.53 -22.54
CA VAL A 251 -22.86 -0.53 -21.76
C VAL A 251 -23.50 0.85 -21.88
N PRO A 252 -24.45 1.02 -22.80
CA PRO A 252 -25.13 2.31 -22.94
C PRO A 252 -26.24 2.53 -21.94
N TYR A 253 -26.73 1.49 -21.28
CA TYR A 253 -27.83 1.58 -20.34
C TYR A 253 -27.59 0.55 -19.26
N PRO A 254 -27.93 0.84 -18.00
CA PRO A 254 -27.51 -0.04 -16.89
C PRO A 254 -28.16 -1.41 -16.89
N ARG A 255 -29.26 -1.60 -17.60
CA ARG A 255 -29.86 -2.91 -17.77
C ARG A 255 -29.16 -3.73 -18.84
N ILE A 256 -28.94 -3.14 -20.01
CA ILE A 256 -28.40 -3.85 -21.16
C ILE A 256 -26.90 -3.94 -21.01
N HIS A 257 -26.40 -5.10 -20.64
CA HIS A 257 -24.96 -5.32 -20.54
C HIS A 257 -24.59 -6.72 -21.04
N PHE A 258 -25.17 -7.11 -22.18
CA PHE A 258 -24.98 -8.45 -22.72
C PHE A 258 -24.38 -8.37 -24.12
N PRO A 259 -23.06 -8.34 -24.23
CA PRO A 259 -22.44 -8.50 -25.55
C PRO A 259 -22.30 -9.95 -25.92
N LEU A 260 -21.61 -10.23 -27.03
CA LEU A 260 -21.39 -11.61 -27.45
C LEU A 260 -20.04 -11.71 -28.14
N ALA A 261 -19.28 -12.74 -27.78
CA ALA A 261 -17.91 -12.86 -28.25
C ALA A 261 -17.88 -13.41 -29.68
N THR A 262 -16.80 -13.08 -30.39
CA THR A 262 -16.58 -13.57 -31.74
C THR A 262 -15.08 -13.57 -31.97
N TYR A 263 -14.54 -14.69 -32.45
CA TYR A 263 -13.11 -14.83 -32.68
C TYR A 263 -12.86 -15.11 -34.15
N ALA A 264 -11.73 -14.60 -34.66
CA ALA A 264 -11.32 -14.80 -36.04
C ALA A 264 -9.83 -14.58 -36.14
N PRO A 265 -9.10 -15.37 -36.93
CA PRO A 265 -9.54 -16.48 -37.77
C PRO A 265 -9.63 -17.80 -37.02
N VAL A 266 -10.50 -18.68 -37.51
CA VAL A 266 -10.62 -20.04 -37.00
C VAL A 266 -10.44 -20.94 -38.21
N ILE A 267 -9.21 -21.39 -38.47
CA ILE A 267 -8.92 -22.22 -39.61
C ILE A 267 -8.13 -23.45 -39.17
N SER A 268 -8.16 -24.47 -40.01
CA SER A 268 -7.42 -25.70 -39.74
C SER A 268 -5.99 -25.53 -40.22
N ALA A 269 -5.19 -26.59 -40.08
CA ALA A 269 -3.80 -26.51 -40.49
C ALA A 269 -3.65 -26.66 -42.01
N GLU A 270 -4.55 -27.43 -42.63
CA GLU A 270 -4.50 -27.58 -44.08
C GLU A 270 -4.96 -26.34 -44.80
N LYS A 271 -5.76 -25.50 -44.15
CA LYS A 271 -6.25 -24.26 -44.73
C LYS A 271 -5.42 -23.08 -44.25
N ALA A 272 -4.30 -23.36 -43.58
CA ALA A 272 -3.35 -22.30 -43.24
C ALA A 272 -2.70 -21.73 -44.48
N TYR A 273 -2.54 -22.54 -45.52
CA TYR A 273 -2.16 -22.06 -46.82
C TYR A 273 -3.41 -21.63 -47.57
N HIS A 274 -3.27 -21.40 -48.87
CA HIS A 274 -4.33 -21.04 -49.81
C HIS A 274 -5.00 -19.70 -49.52
N GLU A 275 -4.50 -18.94 -48.55
CA GLU A 275 -4.98 -17.61 -48.19
C GLU A 275 -3.92 -16.95 -47.32
N GLN A 276 -3.92 -15.62 -47.34
CA GLN A 276 -2.87 -14.84 -46.69
C GLN A 276 -3.29 -14.22 -45.37
N LEU A 277 -4.59 -14.09 -45.12
CA LEU A 277 -5.18 -13.61 -43.85
C LEU A 277 -4.69 -12.20 -43.52
N SER A 278 -5.07 -11.25 -44.35
CA SER A 278 -4.75 -9.87 -44.03
C SER A 278 -5.69 -9.33 -42.97
N VAL A 279 -5.35 -8.16 -42.45
CA VAL A 279 -6.21 -7.51 -41.45
C VAL A 279 -7.53 -7.05 -42.05
N ALA A 280 -7.58 -6.77 -43.35
CA ALA A 280 -8.86 -6.49 -43.98
C ALA A 280 -9.62 -7.78 -44.25
N GLU A 281 -8.91 -8.89 -44.38
CA GLU A 281 -9.56 -10.16 -44.67
C GLU A 281 -10.24 -10.73 -43.44
N ILE A 282 -9.55 -10.73 -42.30
CA ILE A 282 -10.09 -11.36 -41.11
C ILE A 282 -11.07 -10.45 -40.39
N THR A 283 -11.14 -9.18 -40.76
CA THR A 283 -12.08 -8.30 -40.07
C THR A 283 -13.50 -8.50 -40.58
N ASN A 284 -13.65 -8.82 -41.86
CA ASN A 284 -14.97 -9.13 -42.40
C ASN A 284 -15.52 -10.43 -41.87
N ALA A 285 -14.67 -11.34 -41.41
CA ALA A 285 -15.14 -12.60 -40.87
C ALA A 285 -15.82 -12.43 -39.52
N CYS A 286 -15.53 -11.34 -38.81
CA CYS A 286 -16.18 -11.11 -37.52
C CYS A 286 -17.62 -10.67 -37.71
N PHE A 287 -17.91 -9.92 -38.76
CA PHE A 287 -19.26 -9.46 -38.99
C PHE A 287 -20.05 -10.36 -39.90
N GLU A 288 -19.45 -11.43 -40.40
CA GLU A 288 -20.19 -12.41 -41.18
C GLU A 288 -21.09 -13.19 -40.23
N PRO A 289 -22.39 -13.32 -40.54
CA PRO A 289 -23.32 -13.92 -39.57
C PRO A 289 -23.14 -15.42 -39.35
N ALA A 290 -22.33 -16.08 -40.17
CA ALA A 290 -22.06 -17.50 -39.98
C ALA A 290 -20.81 -17.75 -39.13
N ASN A 291 -20.37 -16.76 -38.35
CA ASN A 291 -19.18 -16.93 -37.54
C ASN A 291 -19.35 -16.46 -36.11
N GLN A 292 -20.48 -15.87 -35.75
CA GLN A 292 -20.70 -15.44 -34.37
C GLN A 292 -20.99 -16.65 -33.49
N MET A 293 -20.44 -16.63 -32.28
CA MET A 293 -20.51 -17.76 -31.37
C MET A 293 -21.74 -17.74 -30.48
N VAL A 294 -22.77 -16.99 -30.86
CA VAL A 294 -24.08 -17.08 -30.24
C VAL A 294 -25.10 -17.26 -31.36
N LYS A 295 -25.96 -18.27 -31.23
CA LYS A 295 -26.92 -18.60 -32.28
C LYS A 295 -28.00 -17.52 -32.31
N CYS A 296 -27.67 -16.42 -32.96
CA CYS A 296 -28.59 -15.32 -33.20
C CYS A 296 -28.27 -14.74 -34.56
N ASP A 297 -29.29 -14.21 -35.23
CA ASP A 297 -29.07 -13.57 -36.51
C ASP A 297 -28.82 -12.09 -36.30
N PRO A 298 -27.60 -11.60 -36.52
CA PRO A 298 -27.32 -10.18 -36.27
C PRO A 298 -27.97 -9.24 -37.27
N ARG A 299 -28.40 -9.75 -38.42
CA ARG A 299 -29.09 -8.91 -39.39
C ARG A 299 -30.52 -8.59 -38.98
N HIS A 300 -31.09 -9.33 -38.03
CA HIS A 300 -32.43 -9.04 -37.54
C HIS A 300 -32.46 -7.87 -36.58
N GLY A 301 -31.31 -7.43 -36.08
CA GLY A 301 -31.27 -6.32 -35.15
C GLY A 301 -30.26 -5.28 -35.55
N LYS A 302 -29.79 -4.51 -34.57
CA LYS A 302 -28.86 -3.41 -34.81
C LYS A 302 -27.70 -3.49 -33.83
N TYR A 303 -26.51 -3.19 -34.31
CA TYR A 303 -25.34 -3.12 -33.44
C TYR A 303 -25.37 -1.81 -32.66
N MET A 304 -25.41 -1.90 -31.33
CA MET A 304 -25.31 -0.71 -30.52
C MET A 304 -23.86 -0.27 -30.35
N ALA A 305 -23.00 -1.19 -29.96
CA ALA A 305 -21.58 -0.89 -29.78
C ALA A 305 -20.77 -2.13 -30.08
N CYS A 306 -19.55 -1.92 -30.53
CA CYS A 306 -18.63 -3.01 -30.82
C CYS A 306 -17.28 -2.73 -30.17
N CYS A 307 -16.42 -3.73 -30.20
CA CYS A 307 -15.07 -3.58 -29.66
C CYS A 307 -14.17 -4.59 -30.35
N LEU A 308 -13.15 -4.11 -31.05
CA LEU A 308 -12.22 -4.98 -31.75
C LEU A 308 -10.92 -5.04 -30.97
N LEU A 309 -10.36 -6.24 -30.84
CA LEU A 309 -9.11 -6.46 -30.11
C LEU A 309 -8.14 -7.20 -31.02
N TYR A 310 -7.39 -6.45 -31.81
CA TYR A 310 -6.39 -7.04 -32.66
C TYR A 310 -5.19 -7.48 -31.84
N ARG A 311 -4.44 -8.43 -32.39
CA ARG A 311 -3.18 -8.84 -31.78
C ARG A 311 -2.28 -9.39 -32.86
N GLY A 312 -1.01 -9.51 -32.54
CA GLY A 312 -0.04 -9.93 -33.53
C GLY A 312 0.44 -8.76 -34.38
N ASP A 313 1.00 -9.10 -35.53
CA ASP A 313 1.55 -8.08 -36.43
C ASP A 313 0.43 -7.33 -37.14
N VAL A 314 0.04 -6.20 -36.58
CA VAL A 314 -1.10 -5.43 -37.06
C VAL A 314 -0.63 -4.00 -37.34
N VAL A 315 -0.92 -3.52 -38.55
CA VAL A 315 -0.58 -2.14 -38.91
C VAL A 315 -1.80 -1.26 -38.63
N PRO A 316 -1.63 -0.18 -37.87
CA PRO A 316 -2.78 0.64 -37.48
C PRO A 316 -3.43 1.40 -38.61
N LYS A 317 -2.72 1.63 -39.71
CA LYS A 317 -3.31 2.33 -40.85
C LYS A 317 -4.39 1.50 -41.52
N ASP A 318 -4.14 0.20 -41.69
CA ASP A 318 -5.11 -0.66 -42.35
C ASP A 318 -6.32 -0.94 -41.48
N VAL A 319 -6.18 -0.82 -40.17
CA VAL A 319 -7.32 -0.94 -39.27
C VAL A 319 -8.28 0.21 -39.51
N ASN A 320 -7.74 1.40 -39.76
CA ASN A 320 -8.56 2.52 -40.20
C ASN A 320 -9.19 2.24 -41.56
N ALA A 321 -8.48 1.51 -42.42
CA ALA A 321 -9.03 1.18 -43.72
C ALA A 321 -10.12 0.12 -43.62
N ALA A 322 -9.87 -0.94 -42.85
CA ALA A 322 -10.78 -2.08 -42.85
C ALA A 322 -12.07 -1.80 -42.10
N ILE A 323 -12.01 -0.99 -41.05
CA ILE A 323 -13.23 -0.68 -40.30
C ILE A 323 -14.13 0.24 -41.12
N ALA A 324 -13.54 1.20 -41.83
CA ALA A 324 -14.34 2.18 -42.57
C ALA A 324 -15.11 1.55 -43.71
N THR A 325 -14.61 0.45 -44.28
CA THR A 325 -15.36 -0.23 -45.33
C THR A 325 -16.57 -0.96 -44.77
N ILE A 326 -16.48 -1.43 -43.52
CA ILE A 326 -17.59 -2.14 -42.92
C ILE A 326 -18.73 -1.18 -42.60
N LYS A 327 -18.40 0.06 -42.22
CA LYS A 327 -19.43 1.05 -41.97
C LYS A 327 -20.14 1.50 -43.24
N THR A 328 -19.58 1.23 -44.41
CA THR A 328 -20.23 1.55 -45.67
C THR A 328 -21.22 0.50 -46.14
N LYS A 329 -21.15 -0.72 -45.60
CA LYS A 329 -22.07 -1.76 -46.04
C LYS A 329 -23.46 -1.51 -45.45
N ARG A 330 -24.47 -2.03 -46.15
CA ARG A 330 -25.85 -1.70 -45.86
C ARG A 330 -26.59 -2.76 -45.07
N SER A 331 -26.22 -4.03 -45.21
CA SER A 331 -26.83 -5.06 -44.37
C SER A 331 -26.34 -4.93 -42.93
N ILE A 332 -25.12 -4.43 -42.75
CA ILE A 332 -24.60 -4.15 -41.41
C ILE A 332 -24.93 -2.70 -41.08
N GLN A 333 -25.81 -2.48 -40.12
CA GLN A 333 -26.22 -1.14 -39.76
C GLN A 333 -26.11 -0.95 -38.25
N PHE A 334 -25.94 0.30 -37.85
CA PHE A 334 -25.87 0.67 -36.45
C PHE A 334 -27.15 1.39 -36.04
N VAL A 335 -27.24 1.68 -34.75
CA VAL A 335 -28.40 2.37 -34.21
C VAL A 335 -28.24 3.86 -34.53
N ASP A 336 -29.37 4.56 -34.61
CA ASP A 336 -29.39 5.94 -35.07
C ASP A 336 -28.64 6.88 -34.12
N TRP A 337 -28.76 6.67 -32.82
CA TRP A 337 -28.17 7.60 -31.87
C TRP A 337 -26.67 7.41 -31.65
N CYS A 338 -26.06 6.35 -32.19
CA CYS A 338 -24.66 6.04 -31.90
C CYS A 338 -23.84 6.08 -33.19
N PRO A 339 -23.27 7.24 -33.54
CA PRO A 339 -22.42 7.28 -34.73
C PRO A 339 -21.04 6.71 -34.51
N THR A 340 -20.52 6.80 -33.30
CA THR A 340 -19.18 6.33 -32.95
C THR A 340 -19.32 4.96 -32.29
N GLY A 341 -19.12 3.91 -33.07
CA GLY A 341 -19.43 2.60 -32.56
C GLY A 341 -18.29 1.60 -32.55
N PHE A 342 -17.09 2.04 -32.19
CA PHE A 342 -15.95 1.13 -32.17
C PHE A 342 -15.02 1.46 -31.03
N LYS A 343 -14.21 0.46 -30.67
CA LYS A 343 -13.18 0.60 -29.66
C LYS A 343 -12.09 -0.39 -30.04
N VAL A 344 -10.92 0.12 -30.38
CA VAL A 344 -9.89 -0.65 -31.05
C VAL A 344 -8.72 -0.85 -30.09
N GLY A 345 -8.22 -2.07 -30.02
CA GLY A 345 -7.01 -2.36 -29.26
C GLY A 345 -6.04 -3.16 -30.07
N ILE A 346 -4.76 -2.90 -29.88
CA ILE A 346 -3.69 -3.57 -30.63
C ILE A 346 -2.64 -4.05 -29.64
N ASN A 347 -2.32 -5.33 -29.71
CA ASN A 347 -1.21 -5.89 -28.96
C ASN A 347 -0.21 -6.51 -29.91
N TYR A 348 1.06 -6.50 -29.52
CA TYR A 348 2.11 -7.00 -30.38
C TYR A 348 2.20 -8.52 -30.41
N GLN A 349 1.63 -9.20 -29.43
CA GLN A 349 1.85 -10.63 -29.34
C GLN A 349 0.93 -11.39 -30.29
N PRO A 350 1.46 -12.30 -31.10
CA PRO A 350 0.59 -13.21 -31.82
C PRO A 350 0.01 -14.24 -30.87
N PRO A 351 -1.16 -14.79 -31.19
CA PRO A 351 -1.71 -15.87 -30.36
C PRO A 351 -0.88 -17.14 -30.56
N THR A 352 -0.46 -17.75 -29.45
CA THR A 352 0.33 -18.95 -29.56
C THR A 352 -0.56 -20.16 -29.85
N VAL A 353 0.07 -21.27 -30.18
CA VAL A 353 -0.62 -22.49 -30.53
C VAL A 353 -0.32 -23.54 -29.45
N VAL A 354 -1.38 -24.18 -28.97
CA VAL A 354 -1.25 -25.24 -27.97
C VAL A 354 -0.84 -26.52 -28.70
N PRO A 355 0.13 -27.28 -28.19
CA PRO A 355 0.45 -28.57 -28.81
C PRO A 355 -0.68 -29.56 -28.64
N GLY A 356 -0.87 -30.38 -29.67
CA GLY A 356 -1.98 -31.30 -29.70
C GLY A 356 -3.33 -30.66 -29.91
N GLY A 357 -3.37 -29.41 -30.33
CA GLY A 357 -4.60 -28.70 -30.58
C GLY A 357 -5.10 -28.88 -32.00
N ASP A 358 -5.89 -27.92 -32.46
CA ASP A 358 -6.47 -28.02 -33.79
C ASP A 358 -6.41 -26.74 -34.61
N LEU A 359 -5.96 -25.62 -34.04
CA LEU A 359 -5.79 -24.41 -34.83
C LEU A 359 -4.38 -24.35 -35.42
N ALA A 360 -4.23 -23.57 -36.48
CA ALA A 360 -2.95 -23.39 -37.15
C ALA A 360 -2.23 -22.18 -36.59
N LYS A 361 -0.91 -22.18 -36.70
CA LYS A 361 -0.08 -21.07 -36.23
C LYS A 361 -0.31 -19.88 -37.15
N VAL A 362 -0.89 -18.82 -36.60
CA VAL A 362 -1.22 -17.63 -37.39
C VAL A 362 -0.37 -16.48 -36.92
N GLN A 363 -0.52 -15.32 -37.57
CA GLN A 363 0.27 -14.15 -37.24
C GLN A 363 -0.57 -12.99 -36.73
N ARG A 364 -1.90 -13.10 -36.79
CA ARG A 364 -2.78 -12.03 -36.35
C ARG A 364 -4.15 -12.61 -36.05
N ALA A 365 -4.88 -11.94 -35.17
CA ALA A 365 -6.16 -12.45 -34.70
C ALA A 365 -7.01 -11.32 -34.18
N VAL A 366 -8.34 -11.48 -34.29
CA VAL A 366 -9.31 -10.49 -33.84
C VAL A 366 -10.23 -11.17 -32.84
N CYS A 367 -10.54 -10.48 -31.75
CA CYS A 367 -11.50 -10.98 -30.76
C CYS A 367 -12.58 -9.92 -30.59
N MET A 368 -13.62 -9.98 -31.41
CA MET A 368 -14.66 -8.96 -31.37
C MET A 368 -15.59 -9.20 -30.19
N LEU A 369 -15.91 -8.12 -29.48
CA LEU A 369 -16.89 -8.15 -28.39
C LEU A 369 -17.97 -7.15 -28.76
N SER A 370 -18.97 -7.60 -29.50
CA SER A 370 -20.00 -6.72 -30.02
C SER A 370 -21.27 -6.83 -29.21
N ASN A 371 -21.91 -5.70 -28.96
CA ASN A 371 -23.23 -5.65 -28.35
C ASN A 371 -24.25 -5.35 -29.43
N THR A 372 -25.44 -5.92 -29.30
CA THR A 372 -26.44 -5.78 -30.33
C THR A 372 -27.84 -5.80 -29.74
N THR A 373 -28.81 -5.48 -30.59
CA THR A 373 -30.21 -5.65 -30.28
C THR A 373 -30.77 -6.95 -30.82
N ALA A 374 -29.97 -7.72 -31.55
CA ALA A 374 -30.42 -8.99 -32.09
C ALA A 374 -30.50 -10.07 -31.02
N ILE A 375 -29.93 -9.85 -29.84
CA ILE A 375 -30.02 -10.83 -28.78
C ILE A 375 -31.39 -10.81 -28.12
N ALA A 376 -32.17 -9.74 -28.35
CA ALA A 376 -33.51 -9.65 -27.79
C ALA A 376 -34.47 -10.65 -28.40
N GLU A 377 -34.17 -11.15 -29.60
CA GLU A 377 -34.93 -12.25 -30.15
C GLU A 377 -34.71 -13.53 -29.35
N ALA A 378 -33.52 -13.72 -28.82
CA ALA A 378 -33.23 -14.90 -28.01
C ALA A 378 -33.87 -14.85 -26.63
N TRP A 379 -34.00 -13.66 -26.04
CA TRP A 379 -34.66 -13.56 -24.75
C TRP A 379 -36.16 -13.80 -24.87
N ALA A 380 -36.74 -13.49 -26.02
CA ALA A 380 -38.17 -13.67 -26.19
C ALA A 380 -38.55 -15.15 -26.24
N ARG A 381 -37.72 -15.96 -26.91
CA ARG A 381 -38.01 -17.39 -26.97
C ARG A 381 -37.69 -18.09 -25.67
N LEU A 382 -36.81 -17.52 -24.85
CA LEU A 382 -36.55 -18.11 -23.54
C LEU A 382 -37.76 -17.95 -22.63
N ASP A 383 -38.44 -16.81 -22.72
CA ASP A 383 -39.69 -16.64 -21.98
C ASP A 383 -40.80 -17.51 -22.53
N HIS A 384 -40.78 -17.77 -23.84
CA HIS A 384 -41.78 -18.64 -24.43
C HIS A 384 -41.58 -20.08 -23.99
N LYS A 385 -40.34 -20.49 -23.76
CA LYS A 385 -40.10 -21.77 -23.11
C LYS A 385 -40.53 -21.73 -21.65
N PHE A 386 -40.46 -20.57 -21.02
CA PHE A 386 -40.78 -20.46 -19.60
C PHE A 386 -42.27 -20.49 -19.36
N ASP A 387 -43.04 -19.75 -20.17
CA ASP A 387 -44.47 -19.59 -19.89
C ASP A 387 -45.26 -20.85 -20.17
N LEU A 388 -44.72 -21.74 -21.00
CA LEU A 388 -45.39 -23.02 -21.22
C LEU A 388 -45.22 -23.95 -20.03
N MET A 389 -44.01 -23.99 -19.46
CA MET A 389 -43.76 -24.92 -18.36
C MET A 389 -44.36 -24.40 -17.06
N TYR A 390 -44.43 -23.09 -16.89
CA TYR A 390 -44.96 -22.55 -15.65
C TYR A 390 -46.47 -22.61 -15.59
N ALA A 391 -47.14 -22.60 -16.74
CA ALA A 391 -48.60 -22.61 -16.76
C ALA A 391 -49.16 -23.94 -16.28
N LYS A 392 -48.43 -25.02 -16.48
CA LYS A 392 -48.84 -26.31 -15.97
C LYS A 392 -48.21 -26.62 -14.62
N ARG A 393 -47.48 -25.65 -14.04
CA ARG A 393 -46.77 -25.78 -12.76
C ARG A 393 -45.81 -26.97 -12.77
N ALA A 394 -45.12 -27.16 -13.88
CA ALA A 394 -44.16 -28.25 -13.97
C ALA A 394 -42.93 -27.94 -13.14
N PHE A 395 -42.48 -28.96 -12.39
CA PHE A 395 -41.22 -28.96 -11.65
C PHE A 395 -41.15 -27.88 -10.56
N VAL A 396 -42.30 -27.36 -10.14
CA VAL A 396 -42.30 -26.29 -9.16
C VAL A 396 -42.05 -26.85 -7.76
N HIS A 397 -42.54 -28.07 -7.50
CA HIS A 397 -42.40 -28.67 -6.17
C HIS A 397 -40.97 -29.03 -5.83
N TRP A 398 -40.08 -29.13 -6.83
CA TRP A 398 -38.66 -29.27 -6.52
C TRP A 398 -38.06 -27.96 -6.04
N TYR A 399 -38.72 -26.84 -6.33
CA TYR A 399 -38.19 -25.54 -5.94
C TYR A 399 -38.83 -24.99 -4.67
N VAL A 400 -40.10 -25.31 -4.42
CA VAL A 400 -40.77 -24.80 -3.24
C VAL A 400 -40.24 -25.47 -1.99
N GLY A 401 -40.00 -26.77 -2.05
CA GLY A 401 -39.49 -27.52 -0.91
C GLY A 401 -38.07 -27.20 -0.52
N GLU A 402 -37.32 -26.49 -1.37
CA GLU A 402 -35.96 -26.10 -1.06
C GLU A 402 -35.85 -24.64 -0.65
N GLY A 403 -36.87 -24.11 0.01
CA GLY A 403 -36.82 -22.75 0.51
C GLY A 403 -36.91 -21.67 -0.54
N MET A 404 -38.07 -21.55 -1.18
CA MET A 404 -38.29 -20.49 -2.16
C MET A 404 -39.78 -20.20 -2.22
N GLU A 405 -40.12 -18.92 -2.24
CA GLU A 405 -41.51 -18.51 -2.41
C GLU A 405 -41.98 -18.83 -3.81
N GLU A 406 -43.21 -19.35 -3.91
CA GLU A 406 -43.80 -19.64 -5.22
C GLU A 406 -44.10 -18.36 -5.99
N GLY A 407 -44.40 -17.27 -5.29
CA GLY A 407 -44.66 -16.00 -5.95
C GLY A 407 -43.43 -15.33 -6.50
N GLU A 408 -42.24 -15.84 -6.18
CA GLU A 408 -40.99 -15.24 -6.65
C GLU A 408 -40.79 -15.45 -8.15
N PHE A 409 -41.43 -16.45 -8.73
CA PHE A 409 -41.31 -16.69 -10.16
C PHE A 409 -42.02 -15.61 -10.97
N SER A 410 -43.25 -15.27 -10.57
CA SER A 410 -43.98 -14.20 -11.24
C SER A 410 -43.33 -12.85 -11.02
N GLU A 411 -42.62 -12.67 -9.92
CA GLU A 411 -41.80 -11.48 -9.75
C GLU A 411 -40.61 -11.49 -10.69
N ALA A 412 -39.98 -12.65 -10.87
CA ALA A 412 -38.86 -12.75 -11.78
C ALA A 412 -39.29 -12.75 -13.24
N ARG A 413 -40.55 -13.07 -13.51
CA ARG A 413 -41.03 -13.07 -14.89
C ARG A 413 -41.25 -11.66 -15.39
N GLU A 414 -41.82 -10.80 -14.54
CA GLU A 414 -42.14 -9.44 -14.97
C GLU A 414 -40.90 -8.59 -15.17
N ASP A 415 -39.85 -8.83 -14.38
CA ASP A 415 -38.60 -8.12 -14.59
C ASP A 415 -37.93 -8.55 -15.87
N MET A 416 -38.08 -9.83 -16.25
CA MET A 416 -37.60 -10.26 -17.55
C MET A 416 -38.45 -9.69 -18.68
N ALA A 417 -39.76 -9.60 -18.46
CA ALA A 417 -40.63 -9.00 -19.46
C ALA A 417 -40.38 -7.50 -19.59
N ALA A 418 -40.00 -6.85 -18.48
CA ALA A 418 -39.63 -5.44 -18.55
C ALA A 418 -38.34 -5.25 -19.31
N LEU A 419 -37.40 -6.19 -19.17
CA LEU A 419 -36.18 -6.16 -19.96
C LEU A 419 -36.44 -6.41 -21.43
N GLU A 420 -37.49 -7.14 -21.76
CA GLU A 420 -37.77 -7.47 -23.16
C GLU A 420 -38.21 -6.25 -23.95
N LYS A 421 -39.08 -5.43 -23.36
CA LYS A 421 -39.56 -4.24 -24.05
C LYS A 421 -38.55 -3.11 -24.07
N ASP A 422 -37.45 -3.23 -23.32
CA ASP A 422 -36.43 -2.18 -23.33
C ASP A 422 -35.66 -2.14 -24.64
N TYR A 423 -35.37 -3.31 -25.21
CA TYR A 423 -34.64 -3.36 -26.47
C TYR A 423 -35.46 -2.80 -27.63
N GLU A 424 -36.78 -2.98 -27.57
CA GLU A 424 -37.64 -2.34 -28.57
C GLU A 424 -37.62 -0.83 -28.42
N GLU A 425 -37.51 -0.34 -27.18
CA GLU A 425 -37.41 1.09 -26.96
C GLU A 425 -36.06 1.63 -27.42
N VAL A 426 -35.01 0.81 -27.32
CA VAL A 426 -33.72 1.22 -27.87
C VAL A 426 -33.74 1.09 -29.38
N GLY A 427 -34.40 0.05 -29.90
CA GLY A 427 -34.32 -0.29 -31.32
C GLY A 427 -35.00 0.69 -32.25
N VAL A 428 -35.91 1.51 -31.74
CA VAL A 428 -36.56 2.49 -32.60
C VAL A 428 -35.60 3.63 -32.89
N ASP A 429 -35.83 4.30 -34.02
CA ASP A 429 -34.99 5.43 -34.39
C ASP A 429 -35.48 6.70 -33.72
N SER A 430 -34.63 7.72 -33.76
CA SER A 430 -34.96 8.98 -33.13
C SER A 430 -35.98 9.75 -33.96
N VAL A 431 -36.86 10.46 -33.27
CA VAL A 431 -37.85 11.33 -33.90
C VAL A 431 -37.40 12.76 -33.67
N GLU A 432 -36.85 13.37 -34.72
CA GLU A 432 -36.30 14.74 -34.72
C GLU A 432 -35.23 14.95 -33.65
N MET B 1 24.93 -13.13 32.87
CA MET B 1 24.04 -14.28 32.89
C MET B 1 22.72 -13.93 33.57
N ARG B 2 21.62 -14.29 32.91
CA ARG B 2 20.27 -13.97 33.40
C ARG B 2 19.48 -15.28 33.43
N GLU B 3 19.56 -15.98 34.55
CA GLU B 3 19.00 -17.31 34.61
C GLU B 3 17.49 -17.27 34.84
N CYS B 4 16.85 -18.40 34.55
CA CYS B 4 15.40 -18.55 34.70
C CYS B 4 15.11 -20.04 34.82
N ILE B 5 14.65 -20.47 35.98
CA ILE B 5 14.38 -21.88 36.19
C ILE B 5 12.93 -22.19 35.82
N SER B 6 12.69 -23.46 35.53
CA SER B 6 11.38 -23.93 35.09
C SER B 6 10.90 -25.05 35.99
N ILE B 7 9.62 -25.01 36.34
CA ILE B 7 9.00 -26.01 37.20
C ILE B 7 7.91 -26.70 36.41
N HIS B 8 7.91 -28.04 36.44
CA HIS B 8 6.96 -28.84 35.69
C HIS B 8 6.17 -29.69 36.67
N VAL B 9 4.88 -29.45 36.75
CA VAL B 9 4.02 -30.06 37.76
C VAL B 9 2.98 -30.93 37.05
N GLY B 10 2.82 -32.16 37.52
CA GLY B 10 1.76 -33.02 37.02
C GLY B 10 2.17 -33.74 35.75
N GLN B 11 1.27 -34.63 35.32
CA GLN B 11 1.51 -35.43 34.12
C GLN B 11 1.52 -34.56 32.87
N ALA B 12 0.67 -33.53 32.84
CA ALA B 12 0.71 -32.60 31.72
C ALA B 12 1.97 -31.76 31.75
N GLY B 13 2.47 -31.44 32.94
CA GLY B 13 3.67 -30.62 33.04
C GLY B 13 4.91 -31.35 32.57
N VAL B 14 4.99 -32.65 32.82
CA VAL B 14 6.17 -33.40 32.42
C VAL B 14 6.16 -33.65 30.92
N GLN B 15 5.01 -34.03 30.37
CA GLN B 15 4.94 -34.36 28.95
C GLN B 15 5.08 -33.14 28.05
N ILE B 16 4.74 -31.96 28.56
CA ILE B 16 5.12 -30.74 27.85
C ILE B 16 6.64 -30.54 27.94
N GLY B 17 7.20 -30.80 29.12
CA GLY B 17 8.62 -30.58 29.31
C GLY B 17 9.49 -31.55 28.55
N ASN B 18 8.96 -32.72 28.20
CA ASN B 18 9.66 -33.64 27.31
C ASN B 18 9.81 -33.03 25.92
N ALA B 19 8.80 -32.31 25.45
CA ALA B 19 8.90 -31.68 24.15
C ALA B 19 9.59 -30.34 24.22
N CYS B 20 9.62 -29.72 25.40
CA CYS B 20 10.31 -28.45 25.56
C CYS B 20 11.81 -28.62 25.47
N TRP B 21 12.38 -29.39 26.41
CA TRP B 21 13.83 -29.54 26.49
C TRP B 21 14.41 -30.34 25.33
N GLU B 22 13.58 -31.08 24.60
CA GLU B 22 14.02 -31.64 23.33
C GLU B 22 14.32 -30.52 22.33
N LEU B 23 13.54 -29.45 22.37
CA LEU B 23 13.72 -28.37 21.42
C LEU B 23 14.93 -27.50 21.76
N TYR B 24 15.17 -27.28 23.06
CA TYR B 24 16.31 -26.46 23.47
C TYR B 24 17.63 -27.12 23.14
N CYS B 25 17.69 -28.45 23.16
CA CYS B 25 18.92 -29.13 22.79
C CYS B 25 19.20 -29.00 21.30
N LEU B 26 18.14 -28.89 20.48
CA LEU B 26 18.34 -28.71 19.06
C LEU B 26 18.72 -27.29 18.70
N GLU B 27 18.32 -26.31 19.51
CA GLU B 27 18.67 -24.93 19.22
C GLU B 27 20.08 -24.57 19.69
N HIS B 28 20.82 -25.50 20.28
CA HIS B 28 22.18 -25.20 20.69
C HIS B 28 23.14 -26.35 20.38
N GLY B 29 22.69 -27.39 19.68
CA GLY B 29 23.55 -28.51 19.39
C GLY B 29 23.89 -29.37 20.58
N ILE B 30 23.10 -29.30 21.64
CA ILE B 30 23.35 -30.08 22.84
C ILE B 30 22.96 -31.52 22.59
N GLN B 31 23.89 -32.44 22.80
CA GLN B 31 23.61 -33.86 22.71
C GLN B 31 22.70 -34.28 23.86
N PRO B 32 22.00 -35.41 23.73
CA PRO B 32 21.29 -35.98 24.89
C PRO B 32 22.22 -36.43 26.00
N ASP B 33 23.50 -36.64 25.72
CA ASP B 33 24.47 -36.94 26.77
C ASP B 33 24.91 -35.69 27.51
N GLY B 34 24.49 -34.50 27.08
CA GLY B 34 24.88 -33.26 27.69
C GLY B 34 26.13 -32.63 27.10
N GLN B 35 26.86 -33.38 26.28
CA GLN B 35 28.03 -32.82 25.63
C GLN B 35 27.62 -32.04 24.38
N MET B 36 28.60 -31.40 23.75
CA MET B 36 28.39 -30.73 22.48
C MET B 36 29.73 -30.67 21.77
N PRO B 37 29.74 -30.73 20.43
CA PRO B 37 31.00 -30.61 19.68
C PRO B 37 31.58 -29.21 19.75
N ASP B 38 27.85 -20.08 26.00
CA ASP B 38 28.07 -18.63 26.05
C ASP B 38 26.74 -17.89 26.10
N SER B 39 25.87 -18.17 25.13
CA SER B 39 24.55 -17.57 25.06
C SER B 39 23.48 -18.41 25.72
N PHE B 40 23.71 -19.70 25.91
CA PHE B 40 22.72 -20.61 26.46
C PHE B 40 22.81 -20.75 27.96
N ASN B 41 23.47 -19.80 28.64
CA ASN B 41 23.68 -19.93 30.08
C ASN B 41 22.41 -19.62 30.87
N THR B 42 21.38 -19.08 30.22
CA THR B 42 20.17 -18.70 30.93
C THR B 42 19.38 -19.92 31.38
N PHE B 43 19.44 -21.00 30.60
CA PHE B 43 18.70 -22.22 30.90
C PHE B 43 19.61 -23.40 31.23
N PHE B 44 20.88 -23.15 31.50
CA PHE B 44 21.81 -24.23 31.76
C PHE B 44 22.86 -23.80 32.77
N SER B 45 23.54 -24.77 33.33
CA SER B 45 24.72 -24.55 34.17
C SER B 45 25.78 -25.56 33.75
N GLU B 46 27.02 -25.11 33.63
CA GLU B 46 28.07 -25.95 33.11
C GLU B 46 28.77 -26.70 34.24
N THR B 47 29.11 -27.95 33.98
CA THR B 47 29.89 -28.74 34.92
C THR B 47 31.38 -28.52 34.67
N GLY B 48 32.22 -29.32 35.32
CA GLY B 48 33.66 -29.21 35.10
C GLY B 48 34.07 -29.70 33.73
N ALA B 49 33.37 -30.70 33.22
CA ALA B 49 33.60 -31.19 31.86
C ALA B 49 32.75 -30.38 30.89
N GLY B 50 32.61 -30.86 29.67
CA GLY B 50 31.75 -30.20 28.69
C GLY B 50 30.31 -30.63 28.76
N LYS B 51 29.84 -30.96 29.96
CA LYS B 51 28.48 -31.43 30.18
C LYS B 51 27.67 -30.30 30.79
N HIS B 52 26.50 -30.04 30.21
CA HIS B 52 25.58 -29.02 30.70
C HIS B 52 24.31 -29.68 31.19
N VAL B 53 23.73 -29.13 32.25
CA VAL B 53 22.51 -29.70 32.82
C VAL B 53 21.40 -28.66 32.79
N PRO B 54 20.15 -29.06 32.61
CA PRO B 54 19.06 -28.09 32.60
C PRO B 54 18.73 -27.58 33.98
N ARG B 55 18.10 -26.41 34.01
CA ARG B 55 17.63 -25.80 35.25
C ARG B 55 16.16 -26.11 35.48
N ALA B 56 15.81 -27.39 35.55
CA ALA B 56 14.42 -27.80 35.61
C ALA B 56 14.16 -28.63 36.85
N VAL B 57 12.92 -28.56 37.34
CA VAL B 57 12.47 -29.37 38.46
C VAL B 57 11.23 -30.12 38.01
N PHE B 58 11.34 -31.42 37.85
CA PHE B 58 10.22 -32.27 37.45
C PHE B 58 9.63 -32.88 38.72
N VAL B 59 8.38 -32.57 39.00
CA VAL B 59 7.72 -33.06 40.20
C VAL B 59 6.42 -33.74 39.81
N ASP B 60 6.10 -34.83 40.52
CA ASP B 60 4.85 -35.54 40.34
C ASP B 60 4.58 -36.35 41.61
N LEU B 61 3.31 -36.63 41.85
CA LEU B 61 2.91 -37.45 42.98
C LEU B 61 2.93 -38.95 42.68
N GLU B 62 2.85 -39.33 41.41
CA GLU B 62 2.93 -40.72 41.02
C GLU B 62 4.22 -40.97 40.25
N PRO B 63 4.83 -42.14 40.40
CA PRO B 63 6.11 -42.41 39.74
C PRO B 63 6.02 -42.95 38.32
N THR B 64 4.86 -42.88 37.67
CA THR B 64 4.71 -43.50 36.35
C THR B 64 5.39 -42.69 35.25
N VAL B 65 5.02 -41.43 35.10
CA VAL B 65 5.50 -40.64 33.97
C VAL B 65 6.95 -40.20 34.14
N ILE B 66 7.46 -40.17 35.37
CA ILE B 66 8.85 -39.78 35.58
C ILE B 66 9.79 -40.88 35.13
N ASP B 67 9.40 -42.14 35.36
CA ASP B 67 10.22 -43.27 34.93
C ASP B 67 10.29 -43.41 33.42
N GLU B 68 9.36 -42.79 32.69
CA GLU B 68 9.51 -42.68 31.24
C GLU B 68 10.71 -41.83 30.89
N VAL B 69 10.99 -40.80 31.68
CA VAL B 69 12.16 -39.96 31.42
C VAL B 69 13.42 -40.67 31.90
N ARG B 70 13.34 -41.36 33.03
CA ARG B 70 14.50 -42.01 33.61
C ARG B 70 14.99 -43.21 32.82
N THR B 71 14.18 -43.75 31.91
CA THR B 71 14.62 -44.79 31.01
C THR B 71 14.55 -44.36 29.54
N GLY B 72 14.18 -43.13 29.27
CA GLY B 72 14.05 -42.64 27.90
C GLY B 72 15.38 -42.27 27.29
N THR B 73 15.31 -41.56 26.16
CA THR B 73 16.51 -41.13 25.47
C THR B 73 17.24 -40.05 26.27
N TYR B 74 16.49 -39.11 26.85
CA TYR B 74 17.10 -38.06 27.66
C TYR B 74 17.21 -38.54 29.10
N ARG B 75 18.06 -39.53 29.28
CA ARG B 75 18.38 -40.11 30.59
C ARG B 75 19.63 -39.49 31.18
N GLN B 76 20.67 -39.30 30.37
CA GLN B 76 21.93 -38.73 30.82
C GLN B 76 21.88 -37.22 30.98
N LEU B 77 20.75 -36.59 30.68
CA LEU B 77 20.69 -35.13 30.66
C LEU B 77 20.41 -34.54 32.02
N PHE B 78 19.39 -35.02 32.71
CA PHE B 78 18.91 -34.36 33.91
C PHE B 78 19.68 -34.79 35.14
N HIS B 79 19.81 -33.86 36.08
CA HIS B 79 20.34 -34.17 37.40
C HIS B 79 19.34 -35.06 38.12
N PRO B 80 19.73 -36.27 38.56
CA PRO B 80 18.76 -37.22 39.12
C PRO B 80 18.17 -36.80 40.46
N GLU B 81 18.67 -35.76 41.10
CA GLU B 81 18.03 -35.21 42.28
C GLU B 81 16.97 -34.18 41.95
N GLN B 82 16.74 -33.93 40.66
CA GLN B 82 15.69 -33.02 40.22
C GLN B 82 14.42 -33.72 39.80
N LEU B 83 14.39 -35.06 39.83
CA LEU B 83 13.23 -35.82 39.39
C LEU B 83 12.49 -36.31 40.62
N ILE B 84 11.65 -35.42 41.17
CA ILE B 84 10.98 -35.71 42.42
C ILE B 84 9.71 -36.49 42.15
N THR B 85 9.58 -37.64 42.80
CA THR B 85 8.40 -38.50 42.68
C THR B 85 7.73 -38.63 44.04
N GLY B 86 6.63 -39.38 44.07
CA GLY B 86 5.91 -39.63 45.30
C GLY B 86 5.36 -41.03 45.30
N LYS B 87 4.65 -41.37 46.36
CA LYS B 87 4.10 -42.71 46.49
C LYS B 87 2.81 -42.87 45.68
N GLU B 88 1.78 -42.11 46.05
CA GLU B 88 0.46 -42.24 45.46
C GLU B 88 0.00 -40.90 44.91
N ASP B 89 -0.69 -40.94 43.77
CA ASP B 89 -1.15 -39.72 43.14
C ASP B 89 -2.34 -39.12 43.90
N ALA B 90 -2.72 -37.91 43.50
CA ALA B 90 -3.89 -37.29 44.10
C ALA B 90 -5.18 -37.82 43.48
N ALA B 91 -5.09 -38.35 42.26
CA ALA B 91 -6.21 -38.91 41.49
C ALA B 91 -7.34 -37.89 41.32
N ASN B 92 -7.01 -36.79 40.64
CA ASN B 92 -7.94 -35.74 40.24
C ASN B 92 -8.66 -35.11 41.42
N ASN B 93 -7.98 -35.02 42.56
CA ASN B 93 -8.52 -34.45 43.77
C ASN B 93 -7.69 -33.23 44.14
N TYR B 94 -8.35 -32.09 44.28
CA TYR B 94 -7.68 -30.88 44.73
C TYR B 94 -7.24 -31.00 46.19
N ALA B 95 -8.04 -31.67 47.00
CA ALA B 95 -7.76 -31.71 48.43
C ALA B 95 -6.59 -32.61 48.76
N ARG B 96 -6.47 -33.74 48.07
CA ARG B 96 -5.32 -34.60 48.28
C ARG B 96 -4.03 -33.95 47.80
N GLY B 97 -4.10 -33.17 46.72
CA GLY B 97 -2.92 -32.48 46.24
C GLY B 97 -2.51 -31.28 47.06
N HIS B 98 -3.38 -30.81 47.95
CA HIS B 98 -3.11 -29.60 48.70
C HIS B 98 -3.12 -29.78 50.20
N TYR B 99 -3.78 -30.80 50.72
CA TYR B 99 -3.86 -31.01 52.16
C TYR B 99 -3.34 -32.37 52.60
N THR B 100 -3.47 -33.40 51.78
CA THR B 100 -3.14 -34.74 52.25
C THR B 100 -1.79 -35.21 51.74
N ILE B 101 -1.62 -35.25 50.42
CA ILE B 101 -0.39 -35.79 49.86
C ILE B 101 0.62 -34.67 49.59
N GLY B 102 0.13 -33.50 49.20
CA GLY B 102 1.02 -32.40 48.85
C GLY B 102 1.77 -31.83 50.04
N LYS B 103 1.25 -32.03 51.25
CA LYS B 103 1.96 -31.58 52.44
C LYS B 103 3.20 -32.41 52.73
N GLU B 104 3.35 -33.58 52.12
CA GLU B 104 4.50 -34.42 52.40
C GLU B 104 5.74 -33.90 51.68
N ILE B 105 5.70 -33.85 50.35
CA ILE B 105 6.92 -33.61 49.57
C ILE B 105 7.13 -32.13 49.25
N ILE B 106 6.36 -31.23 49.86
CA ILE B 106 6.53 -29.81 49.54
C ILE B 106 7.82 -29.27 50.12
N ASP B 107 8.31 -29.87 51.21
CA ASP B 107 9.59 -29.43 51.76
C ASP B 107 10.75 -29.95 50.95
N LEU B 108 10.55 -31.05 50.21
CA LEU B 108 11.60 -31.57 49.36
C LEU B 108 11.75 -30.75 48.09
N VAL B 109 10.65 -30.21 47.57
CA VAL B 109 10.72 -29.42 46.35
C VAL B 109 11.36 -28.07 46.63
N LEU B 110 10.94 -27.41 47.71
CA LEU B 110 11.45 -26.08 48.05
C LEU B 110 12.92 -26.10 48.38
N ASP B 111 13.44 -27.24 48.87
CA ASP B 111 14.86 -27.37 49.05
C ASP B 111 15.59 -27.43 47.71
N ARG B 112 15.03 -28.14 46.75
CA ARG B 112 15.70 -28.27 45.45
C ARG B 112 15.59 -27.00 44.63
N ILE B 113 14.60 -26.15 44.89
CA ILE B 113 14.54 -24.85 44.24
C ILE B 113 15.66 -23.96 44.75
N ARG B 114 15.87 -23.96 46.07
CA ARG B 114 16.85 -23.07 46.67
C ARG B 114 18.27 -23.49 46.35
N LYS B 115 18.50 -24.78 46.11
CA LYS B 115 19.82 -25.22 45.67
C LYS B 115 20.10 -24.81 44.23
N LEU B 116 19.05 -24.57 43.44
CA LEU B 116 19.25 -24.02 42.11
C LEU B 116 19.27 -22.50 42.12
N ALA B 117 18.54 -21.87 43.03
CA ALA B 117 18.47 -20.42 43.04
C ALA B 117 19.76 -19.80 43.53
N ASP B 118 20.42 -20.43 44.51
CA ASP B 118 21.59 -19.83 45.12
C ASP B 118 22.83 -19.89 44.25
N GLN B 119 22.85 -20.74 43.23
CA GLN B 119 23.95 -20.75 42.29
C GLN B 119 23.68 -19.89 41.06
N CYS B 120 22.59 -19.12 41.08
CA CYS B 120 22.25 -18.23 39.99
C CYS B 120 22.36 -16.78 40.44
N THR B 121 22.93 -15.95 39.59
CA THR B 121 23.07 -14.53 39.88
C THR B 121 22.11 -13.64 39.11
N GLY B 122 21.53 -14.13 38.02
CA GLY B 122 20.59 -13.34 37.26
C GLY B 122 19.21 -13.98 37.24
N LEU B 123 18.79 -14.47 38.39
CA LEU B 123 17.50 -15.16 38.50
C LEU B 123 16.37 -14.18 38.28
N GLN B 124 15.75 -14.25 37.10
CA GLN B 124 14.69 -13.32 36.75
C GLN B 124 13.32 -13.82 37.19
N GLY B 125 12.93 -15.01 36.73
CA GLY B 125 11.58 -15.45 36.97
C GLY B 125 11.45 -16.96 37.02
N PHE B 126 10.22 -17.40 37.22
CA PHE B 126 9.87 -18.81 37.32
C PHE B 126 8.93 -19.18 36.16
N LEU B 127 9.00 -20.45 35.76
CA LEU B 127 8.12 -20.98 34.73
C LEU B 127 7.45 -22.22 35.28
N VAL B 128 6.19 -22.08 35.68
CA VAL B 128 5.44 -23.17 36.28
C VAL B 128 4.53 -23.74 35.20
N PHE B 129 4.71 -25.01 34.86
CA PHE B 129 3.94 -25.63 33.79
C PHE B 129 2.98 -26.61 34.45
N HIS B 130 1.70 -26.26 34.47
CA HIS B 130 0.71 -27.12 35.09
C HIS B 130 -0.58 -27.07 34.30
N SER B 131 -1.62 -27.68 34.85
CA SER B 131 -2.91 -27.78 34.19
C SER B 131 -4.01 -27.70 35.24
N PHE B 132 -5.17 -27.18 34.83
CA PHE B 132 -6.26 -27.04 35.77
C PHE B 132 -6.97 -28.36 36.05
N GLY B 133 -6.76 -29.37 35.22
CA GLY B 133 -7.54 -30.58 35.33
C GLY B 133 -7.22 -31.46 36.52
N GLY B 134 -6.03 -32.06 36.53
CA GLY B 134 -5.69 -33.05 37.51
C GLY B 134 -5.44 -32.47 38.89
N GLY B 135 -5.34 -33.39 39.86
CA GLY B 135 -5.16 -32.96 41.24
C GLY B 135 -3.77 -32.44 41.52
N THR B 136 -2.76 -32.96 40.82
CA THR B 136 -1.40 -32.47 41.02
C THR B 136 -1.23 -31.09 40.41
N GLY B 137 -1.79 -30.88 39.22
CA GLY B 137 -1.70 -29.57 38.59
C GLY B 137 -2.54 -28.50 39.24
N SER B 138 -3.42 -28.85 40.17
CA SER B 138 -4.27 -27.90 40.86
C SER B 138 -3.91 -27.77 42.33
N GLY B 139 -3.88 -28.88 43.07
CA GLY B 139 -3.64 -28.84 44.49
C GLY B 139 -2.20 -28.57 44.84
N PHE B 140 -1.29 -29.27 44.18
CA PHE B 140 0.13 -29.10 44.48
C PHE B 140 0.66 -27.78 43.93
N THR B 141 0.07 -27.30 42.83
CA THR B 141 0.52 -26.04 42.25
C THR B 141 0.15 -24.87 43.13
N SER B 142 -1.09 -24.84 43.62
CA SER B 142 -1.55 -23.77 44.48
C SER B 142 -0.82 -23.76 45.82
N LEU B 143 -0.38 -24.93 46.27
CA LEU B 143 0.50 -24.97 47.43
C LEU B 143 1.87 -24.44 47.08
N LEU B 144 2.34 -24.72 45.87
CA LEU B 144 3.68 -24.29 45.47
C LEU B 144 3.74 -22.79 45.21
N MET B 145 2.70 -22.23 44.59
CA MET B 145 2.70 -20.80 44.30
C MET B 145 2.56 -19.95 45.56
N GLU B 146 2.04 -20.51 46.64
CA GLU B 146 2.03 -19.77 47.91
C GLU B 146 3.43 -19.72 48.49
N ARG B 147 4.18 -20.82 48.42
CA ARG B 147 5.49 -20.88 49.04
C ARG B 147 6.51 -20.05 48.29
N LEU B 148 6.40 -19.98 46.96
CA LEU B 148 7.34 -19.17 46.20
C LEU B 148 7.07 -17.68 46.38
N SER B 149 5.81 -17.31 46.58
CA SER B 149 5.48 -15.91 46.80
C SER B 149 5.94 -15.44 48.18
N VAL B 150 5.92 -16.33 49.18
CA VAL B 150 6.44 -15.97 50.48
C VAL B 150 7.96 -15.90 50.46
N ASP B 151 8.60 -16.84 49.77
CA ASP B 151 10.05 -16.95 49.86
C ASP B 151 10.75 -15.90 49.01
N TYR B 152 10.16 -15.53 47.87
CA TYR B 152 10.81 -14.57 46.97
C TYR B 152 10.02 -13.29 46.82
N GLY B 153 8.77 -13.38 46.38
CA GLY B 153 7.93 -12.20 46.26
C GLY B 153 8.23 -11.28 45.09
N LYS B 154 9.46 -10.77 45.02
CA LYS B 154 9.80 -9.78 44.00
C LYS B 154 9.98 -10.43 42.63
N LYS B 155 10.35 -11.69 42.58
CA LYS B 155 10.67 -12.33 41.31
C LYS B 155 9.39 -12.62 40.53
N SER B 156 9.54 -12.71 39.21
CA SER B 156 8.39 -12.96 38.35
C SER B 156 7.98 -14.42 38.40
N LYS B 157 6.69 -14.68 38.21
CA LYS B 157 6.14 -16.03 38.23
C LYS B 157 5.16 -16.18 37.09
N LEU B 158 5.54 -16.98 36.10
CA LEU B 158 4.72 -17.21 34.91
C LEU B 158 4.15 -18.62 34.93
N GLU B 159 2.98 -18.78 34.34
CA GLU B 159 2.29 -20.06 34.29
C GLU B 159 1.79 -20.32 32.89
N PHE B 160 2.18 -21.45 32.32
CA PHE B 160 1.58 -21.89 31.05
C PHE B 160 0.53 -22.95 31.36
N SER B 161 -0.61 -22.48 31.83
CA SER B 161 -1.67 -23.37 32.27
C SER B 161 -2.38 -24.00 31.06
N ILE B 162 -3.11 -25.07 31.33
CA ILE B 162 -3.92 -25.73 30.32
C ILE B 162 -5.38 -25.53 30.73
N TYR B 163 -6.03 -24.58 30.07
CA TYR B 163 -7.42 -24.29 30.38
C TYR B 163 -8.31 -25.43 29.87
N PRO B 164 -9.28 -25.87 30.65
CA PRO B 164 -10.10 -27.02 30.22
C PRO B 164 -11.05 -26.65 29.09
N ALA B 165 -11.28 -27.61 28.21
CA ALA B 165 -12.05 -27.37 27.00
C ALA B 165 -13.53 -27.21 27.32
N PRO B 166 -14.26 -26.43 26.51
CA PRO B 166 -15.70 -26.30 26.74
C PRO B 166 -16.49 -27.57 26.45
N GLN B 167 -16.00 -28.44 25.59
CA GLN B 167 -16.72 -29.66 25.26
C GLN B 167 -15.92 -30.92 25.59
N VAL B 168 -14.65 -30.96 25.21
CA VAL B 168 -13.84 -32.16 25.44
C VAL B 168 -13.41 -32.17 26.90
N SER B 169 -14.11 -32.92 27.73
CA SER B 169 -13.81 -33.03 29.15
C SER B 169 -13.29 -34.44 29.41
N THR B 170 -12.00 -34.55 29.71
CA THR B 170 -11.42 -35.86 29.99
C THR B 170 -11.77 -36.36 31.39
N ALA B 171 -11.85 -35.48 32.37
CA ALA B 171 -12.22 -35.85 33.72
C ALA B 171 -13.63 -35.35 34.02
N VAL B 172 -14.05 -35.55 35.25
CA VAL B 172 -15.40 -35.15 35.62
C VAL B 172 -15.37 -33.95 36.57
N VAL B 173 -14.42 -33.90 37.49
CA VAL B 173 -14.41 -32.87 38.52
C VAL B 173 -13.51 -31.72 38.12
N GLU B 174 -13.26 -31.59 36.82
CA GLU B 174 -12.60 -30.40 36.30
C GLU B 174 -13.30 -29.08 36.62
N PRO B 175 -14.63 -28.96 36.71
CA PRO B 175 -15.18 -27.72 37.26
C PRO B 175 -14.90 -27.55 38.74
N TYR B 176 -14.65 -28.63 39.48
CA TYR B 176 -14.32 -28.47 40.90
C TYR B 176 -12.89 -28.05 41.09
N ASN B 177 -11.96 -28.57 40.28
CA ASN B 177 -10.56 -28.22 40.45
C ASN B 177 -10.30 -26.80 39.99
N SER B 178 -10.86 -26.42 38.83
CA SER B 178 -10.57 -25.15 38.20
C SER B 178 -11.07 -23.95 39.00
N ILE B 179 -12.15 -24.09 39.76
CA ILE B 179 -12.58 -22.99 40.61
C ILE B 179 -11.66 -22.82 41.80
N LEU B 180 -11.27 -23.94 42.42
CA LEU B 180 -10.48 -23.86 43.65
C LEU B 180 -9.06 -23.42 43.40
N THR B 181 -8.42 -23.96 42.36
CA THR B 181 -7.03 -23.61 42.11
C THR B 181 -6.88 -22.25 41.44
N THR B 182 -7.97 -21.65 40.97
CA THR B 182 -7.93 -20.27 40.51
C THR B 182 -8.09 -19.31 41.69
N HIS B 183 -8.87 -19.70 42.69
CA HIS B 183 -9.05 -18.90 43.89
C HIS B 183 -7.75 -18.70 44.65
N THR B 184 -6.82 -19.64 44.55
CA THR B 184 -5.57 -19.52 45.29
C THR B 184 -4.51 -18.79 44.47
N THR B 185 -4.36 -19.14 43.20
CA THR B 185 -3.30 -18.55 42.39
C THR B 185 -3.59 -17.13 41.94
N LEU B 186 -4.81 -16.63 42.19
CA LEU B 186 -5.18 -15.30 41.75
C LEU B 186 -4.42 -14.22 42.52
N GLU B 187 -4.06 -14.50 43.76
CA GLU B 187 -3.44 -13.51 44.64
C GLU B 187 -1.95 -13.74 44.79
N HIS B 188 -1.38 -14.69 44.06
CA HIS B 188 0.05 -14.94 44.14
C HIS B 188 0.76 -14.84 42.80
N SER B 189 0.15 -15.34 41.73
CA SER B 189 0.82 -15.41 40.44
C SER B 189 0.85 -14.04 39.78
N ASP B 190 1.59 -13.95 38.69
CA ASP B 190 1.76 -12.70 37.96
C ASP B 190 1.06 -12.69 36.62
N CYS B 191 1.16 -13.77 35.85
CA CYS B 191 0.58 -13.80 34.51
C CYS B 191 0.38 -15.26 34.13
N ALA B 192 -0.86 -15.69 34.00
CA ALA B 192 -1.19 -17.08 33.71
C ALA B 192 -1.61 -17.19 32.25
N PHE B 193 -0.88 -17.98 31.48
CA PHE B 193 -1.13 -18.11 30.06
C PHE B 193 -2.04 -19.29 29.77
N MET B 194 -3.13 -19.02 29.05
CA MET B 194 -4.14 -20.03 28.76
C MET B 194 -3.86 -20.68 27.41
N VAL B 195 -3.84 -22.01 27.38
CA VAL B 195 -3.78 -22.80 26.15
C VAL B 195 -4.76 -23.94 26.31
N ASP B 196 -5.71 -24.05 25.39
CA ASP B 196 -6.74 -25.09 25.46
C ASP B 196 -6.39 -26.23 24.51
N ASN B 197 -6.84 -27.43 24.87
CA ASN B 197 -6.60 -28.62 24.05
C ASN B 197 -7.43 -28.60 22.78
N GLU B 198 -8.72 -28.31 22.91
CA GLU B 198 -9.68 -28.49 21.82
C GLU B 198 -9.38 -27.57 20.64
N ALA B 199 -8.87 -26.37 20.91
CA ALA B 199 -8.50 -25.48 19.82
C ALA B 199 -7.28 -25.97 19.07
N ILE B 200 -6.41 -26.75 19.71
CA ILE B 200 -5.26 -27.28 19.01
C ILE B 200 -5.69 -28.41 18.07
N TYR B 201 -6.74 -29.15 18.44
CA TYR B 201 -7.28 -30.17 17.53
C TYR B 201 -7.90 -29.54 16.30
N ASP B 202 -8.43 -28.33 16.42
CA ASP B 202 -8.93 -27.62 15.24
C ASP B 202 -7.79 -27.19 14.35
N ILE B 203 -6.67 -26.78 14.93
CA ILE B 203 -5.56 -26.25 14.15
C ILE B 203 -4.76 -27.38 13.53
N CYS B 204 -4.49 -28.45 14.29
CA CYS B 204 -3.73 -29.58 13.76
C CYS B 204 -4.49 -30.33 12.69
N ARG B 205 -5.82 -30.30 12.72
CA ARG B 205 -6.57 -30.95 11.66
C ARG B 205 -6.59 -30.11 10.39
N ARG B 206 -6.96 -28.84 10.51
CA ARG B 206 -7.20 -28.00 9.34
C ARG B 206 -5.90 -27.49 8.72
N ASN B 207 -5.00 -26.96 9.55
CA ASN B 207 -3.81 -26.32 9.01
C ASN B 207 -2.73 -27.34 8.70
N LEU B 208 -2.44 -28.24 9.64
CA LEU B 208 -1.38 -29.22 9.44
C LEU B 208 -1.80 -30.39 8.57
N ASP B 209 -3.11 -30.52 8.27
CA ASP B 209 -3.69 -31.59 7.46
C ASP B 209 -3.38 -32.97 8.05
N ILE B 210 -3.48 -33.06 9.37
CA ILE B 210 -3.27 -34.31 10.08
C ILE B 210 -4.62 -34.80 10.58
N GLU B 211 -4.96 -36.04 10.25
CA GLU B 211 -6.25 -36.59 10.63
C GLU B 211 -6.32 -36.88 12.13
N ARG B 212 -5.39 -37.69 12.63
CA ARG B 212 -5.43 -38.19 13.99
C ARG B 212 -4.16 -37.81 14.73
N PRO B 213 -4.14 -36.66 15.40
CA PRO B 213 -2.97 -36.28 16.18
C PRO B 213 -2.97 -36.91 17.56
N THR B 214 -1.78 -37.06 18.12
CA THR B 214 -1.61 -37.57 19.47
C THR B 214 -1.08 -36.45 20.36
N TYR B 215 -0.94 -36.76 21.65
CA TYR B 215 -0.45 -35.79 22.61
C TYR B 215 0.99 -35.40 22.38
N THR B 216 1.76 -36.22 21.67
CA THR B 216 3.11 -35.83 21.29
C THR B 216 3.08 -34.67 20.31
N ASN B 217 2.21 -34.74 19.31
CA ASN B 217 2.13 -33.69 18.30
C ASN B 217 1.51 -32.41 18.85
N LEU B 218 0.65 -32.50 19.86
CA LEU B 218 0.14 -31.29 20.49
C LEU B 218 1.21 -30.59 21.30
N ASN B 219 2.07 -31.35 21.95
CA ASN B 219 3.10 -30.76 22.79
C ASN B 219 4.23 -30.14 21.99
N ARG B 220 4.35 -30.49 20.71
CA ARG B 220 5.32 -29.81 19.85
C ARG B 220 4.92 -28.36 19.63
N LEU B 221 3.65 -28.12 19.30
CA LEU B 221 3.19 -26.78 18.99
C LEU B 221 3.08 -25.91 20.24
N ILE B 222 2.91 -26.51 21.41
CA ILE B 222 2.97 -25.74 22.64
C ILE B 222 4.40 -25.33 22.93
N SER B 223 5.36 -26.21 22.61
CA SER B 223 6.75 -25.93 22.88
C SER B 223 7.31 -24.82 22.00
N GLN B 224 6.74 -24.62 20.81
CA GLN B 224 7.16 -23.51 19.97
C GLN B 224 6.78 -22.17 20.59
N ILE B 225 5.68 -22.14 21.34
CA ILE B 225 5.31 -20.92 22.06
C ILE B 225 6.30 -20.66 23.19
N VAL B 226 6.75 -21.73 23.87
CA VAL B 226 7.68 -21.59 24.98
C VAL B 226 9.03 -21.10 24.49
N SER B 227 9.46 -21.56 23.31
CA SER B 227 10.75 -21.13 22.78
C SER B 227 10.71 -19.68 22.33
N SER B 228 9.65 -19.28 21.62
CA SER B 228 9.58 -17.94 21.07
C SER B 228 9.38 -16.87 22.13
N ILE B 229 8.86 -17.24 23.32
CA ILE B 229 8.84 -16.29 24.41
C ILE B 229 10.24 -16.15 25.01
N THR B 230 10.92 -17.27 25.22
CA THR B 230 12.26 -17.27 25.78
C THR B 230 13.35 -17.24 24.71
N ALA B 231 13.04 -16.71 23.53
CA ALA B 231 14.06 -16.56 22.51
C ALA B 231 14.87 -15.29 22.71
N SER B 232 14.27 -14.27 23.33
CA SER B 232 14.96 -13.02 23.55
C SER B 232 16.03 -13.12 24.62
N LEU B 233 15.88 -14.04 25.58
CA LEU B 233 16.93 -14.27 26.55
C LEU B 233 18.12 -14.97 25.92
N ARG B 234 17.86 -16.09 25.25
CA ARG B 234 18.91 -16.96 24.78
C ARG B 234 19.65 -16.41 23.57
N PHE B 235 19.08 -15.44 22.86
CA PHE B 235 19.72 -14.94 21.66
C PHE B 235 19.65 -13.42 21.62
N ASP B 236 20.62 -12.83 20.95
CA ASP B 236 20.60 -11.39 20.75
C ASP B 236 19.61 -11.04 19.65
N GLY B 237 18.77 -10.04 19.92
CA GLY B 237 17.80 -9.60 18.93
C GLY B 237 17.94 -8.11 18.70
N ALA B 238 17.29 -7.66 17.63
CA ALA B 238 17.30 -6.24 17.31
C ALA B 238 16.44 -5.44 18.28
N LEU B 239 15.47 -6.08 18.93
CA LEU B 239 14.64 -5.40 19.92
C LEU B 239 14.23 -6.47 20.93
N ASN B 240 14.96 -6.54 22.04
CA ASN B 240 14.78 -7.61 23.00
C ASN B 240 13.61 -7.33 23.93
N VAL B 241 13.22 -8.36 24.67
CA VAL B 241 12.14 -8.28 25.64
C VAL B 241 12.49 -9.20 26.80
N ASP B 242 12.06 -8.82 28.00
CA ASP B 242 12.43 -9.56 29.20
C ASP B 242 11.17 -10.01 29.94
N LEU B 243 11.37 -10.94 30.87
CA LEU B 243 10.24 -11.53 31.59
C LEU B 243 9.60 -10.56 32.55
N THR B 244 10.33 -9.55 33.00
CA THR B 244 9.70 -8.52 33.81
C THR B 244 8.81 -7.63 32.95
N GLU B 245 9.11 -7.53 31.66
CA GLU B 245 8.35 -6.65 30.79
C GLU B 245 6.99 -7.22 30.41
N PHE B 246 6.79 -8.54 30.53
CA PHE B 246 5.51 -9.12 30.16
C PHE B 246 4.42 -8.74 31.14
N GLN B 247 4.72 -8.79 32.43
CA GLN B 247 3.71 -8.47 33.43
C GLN B 247 3.40 -6.98 33.48
N THR B 248 4.28 -6.13 32.96
CA THR B 248 3.98 -4.71 32.92
C THR B 248 3.06 -4.38 31.75
N ASN B 249 3.39 -4.88 30.56
CA ASN B 249 2.63 -4.51 29.37
C ASN B 249 1.29 -5.22 29.25
N LEU B 250 1.06 -6.31 29.99
CA LEU B 250 -0.12 -7.11 29.75
C LEU B 250 -1.11 -7.17 30.90
N VAL B 251 -0.80 -6.57 32.04
CA VAL B 251 -1.64 -6.66 33.23
C VAL B 251 -2.08 -5.25 33.60
N PRO B 252 -3.28 -4.84 33.17
CA PRO B 252 -3.76 -3.51 33.53
C PRO B 252 -4.38 -3.42 34.90
N TYR B 253 -4.74 -4.56 35.50
CA TYR B 253 -5.40 -4.60 36.80
C TYR B 253 -4.91 -5.84 37.51
N PRO B 254 -4.73 -5.80 38.84
CA PRO B 254 -4.05 -6.91 39.52
C PRO B 254 -4.84 -8.21 39.55
N ARG B 255 -6.14 -8.18 39.30
CA ARG B 255 -6.94 -9.38 39.16
C ARG B 255 -6.79 -10.00 37.78
N ILE B 256 -6.94 -9.20 36.73
CA ILE B 256 -6.98 -9.68 35.35
C ILE B 256 -5.54 -9.89 34.90
N HIS B 257 -5.11 -11.14 34.85
CA HIS B 257 -3.78 -11.47 34.34
C HIS B 257 -3.82 -12.74 33.50
N PHE B 258 -4.82 -12.86 32.63
CA PHE B 258 -5.03 -14.06 31.84
C PHE B 258 -4.99 -13.73 30.35
N PRO B 259 -3.82 -13.75 29.74
CA PRO B 259 -3.75 -13.67 28.28
C PRO B 259 -3.95 -15.02 27.64
N LEU B 260 -3.77 -15.10 26.33
CA LEU B 260 -3.91 -16.37 25.62
C LEU B 260 -2.93 -16.41 24.46
N ALA B 261 -2.25 -17.54 24.32
CA ALA B 261 -1.18 -17.64 23.33
C ALA B 261 -1.75 -17.88 21.94
N THR B 262 -0.97 -17.47 20.93
CA THR B 262 -1.32 -17.69 19.54
C THR B 262 -0.03 -17.73 18.74
N TYR B 263 0.13 -18.75 17.92
CA TYR B 263 1.34 -18.94 17.13
C TYR B 263 0.99 -18.91 15.64
N ALA B 264 1.93 -18.39 14.84
CA ALA B 264 1.75 -18.32 13.40
C ALA B 264 3.12 -18.17 12.77
N PRO B 265 3.40 -18.83 11.64
CA PRO B 265 2.52 -19.70 10.85
C PRO B 265 2.54 -21.14 11.34
N VAL B 266 1.43 -21.85 11.10
CA VAL B 266 1.32 -23.27 11.36
C VAL B 266 0.91 -23.91 10.04
N ILE B 267 1.89 -24.37 9.26
CA ILE B 267 1.62 -24.96 7.96
C ILE B 267 2.35 -26.29 7.86
N SER B 268 1.87 -27.12 6.94
CA SER B 268 2.47 -28.41 6.68
C SER B 268 3.64 -28.25 5.72
N ALA B 269 4.28 -29.35 5.36
CA ALA B 269 5.42 -29.28 4.45
C ALA B 269 4.97 -29.12 3.00
N GLU B 270 3.81 -29.67 2.65
CA GLU B 270 3.30 -29.53 1.29
C GLU B 270 2.78 -28.13 1.02
N LYS B 271 2.40 -27.40 2.07
CA LYS B 271 1.91 -26.04 1.95
C LYS B 271 3.02 -25.04 2.26
N ALA B 272 4.26 -25.52 2.38
CA ALA B 272 5.41 -24.63 2.51
C ALA B 272 5.62 -23.84 1.23
N TYR B 273 5.27 -24.43 0.09
CA TYR B 273 5.23 -23.71 -1.16
C TYR B 273 3.85 -23.06 -1.28
N HIS B 274 3.53 -22.56 -2.48
CA HIS B 274 2.25 -21.95 -2.85
C HIS B 274 1.94 -20.67 -2.10
N GLU B 275 2.85 -20.16 -1.28
CA GLU B 275 2.74 -18.90 -0.55
C GLU B 275 4.11 -18.50 -0.06
N GLN B 276 4.30 -17.20 0.16
CA GLN B 276 5.61 -16.65 0.46
C GLN B 276 5.79 -16.30 1.93
N LEU B 277 4.69 -16.14 2.68
CA LEU B 277 4.69 -15.90 4.13
C LEU B 277 5.46 -14.62 4.50
N SER B 278 4.94 -13.49 4.05
CA SER B 278 5.53 -12.23 4.44
C SER B 278 5.13 -11.87 5.86
N VAL B 279 5.80 -10.85 6.41
CA VAL B 279 5.47 -10.38 7.75
C VAL B 279 4.09 -9.72 7.79
N ALA B 280 3.62 -9.17 6.69
CA ALA B 280 2.24 -8.70 6.66
C ALA B 280 1.27 -9.84 6.49
N GLU B 281 1.72 -10.95 5.91
CA GLU B 281 0.84 -12.08 5.68
C GLU B 281 0.59 -12.86 6.96
N ILE B 282 1.64 -13.14 7.72
CA ILE B 282 1.49 -13.96 8.91
C ILE B 282 0.98 -13.18 10.10
N THR B 283 0.95 -11.85 10.00
CA THR B 283 0.47 -11.08 11.14
C THR B 283 -1.05 -11.08 11.20
N ASN B 284 -1.70 -11.11 10.04
CA ASN B 284 -3.16 -11.21 10.01
C ASN B 284 -3.66 -12.57 10.49
N ALA B 285 -2.82 -13.60 10.41
CA ALA B 285 -3.23 -14.92 10.87
C ALA B 285 -3.35 -14.98 12.39
N CYS B 286 -2.65 -14.10 13.11
CA CYS B 286 -2.75 -14.10 14.56
C CYS B 286 -4.08 -13.54 15.03
N PHE B 287 -4.63 -12.58 14.31
CA PHE B 287 -5.89 -11.99 14.72
C PHE B 287 -7.09 -12.62 14.03
N GLU B 288 -6.86 -13.59 13.16
CA GLU B 288 -7.96 -14.35 12.59
C GLU B 288 -8.56 -15.25 13.67
N PRO B 289 -9.87 -15.23 13.87
CA PRO B 289 -10.47 -15.97 15.00
C PRO B 289 -10.42 -17.47 14.87
N ALA B 290 -10.07 -18.01 13.71
CA ALA B 290 -9.94 -19.45 13.53
C ALA B 290 -8.52 -19.95 13.76
N ASN B 291 -7.70 -19.18 14.48
CA ASN B 291 -6.32 -19.59 14.72
C ASN B 291 -5.88 -19.42 16.17
N GLN B 292 -6.71 -18.84 17.04
CA GLN B 292 -6.35 -18.70 18.43
C GLN B 292 -6.46 -20.04 19.14
N MET B 293 -5.51 -20.32 20.03
CA MET B 293 -5.40 -21.61 20.68
C MET B 293 -6.20 -21.70 21.97
N VAL B 294 -7.17 -20.82 22.16
CA VAL B 294 -8.17 -20.95 23.22
C VAL B 294 -9.53 -20.83 22.56
N LYS B 295 -10.41 -21.79 22.83
CA LYS B 295 -11.73 -21.84 22.20
C LYS B 295 -12.59 -20.71 22.78
N CYS B 296 -12.38 -19.51 22.25
CA CYS B 296 -13.16 -18.33 22.58
C CYS B 296 -13.29 -17.50 21.31
N ASP B 297 -14.40 -16.78 21.20
CA ASP B 297 -14.57 -15.90 20.06
C ASP B 297 -14.06 -14.52 20.41
N PRO B 298 -12.95 -14.07 19.82
CA PRO B 298 -12.40 -12.75 20.17
C PRO B 298 -13.24 -11.59 19.68
N ARG B 299 -14.14 -11.81 18.72
CA ARG B 299 -15.01 -10.75 18.25
C ARG B 299 -16.13 -10.44 19.23
N HIS B 300 -16.40 -11.33 20.18
CA HIS B 300 -17.42 -11.06 21.19
C HIS B 300 -16.93 -10.12 22.28
N GLY B 301 -15.63 -9.86 22.35
CA GLY B 301 -15.10 -8.98 23.37
C GLY B 301 -14.16 -7.94 22.80
N LYS B 302 -13.27 -7.43 23.64
CA LYS B 302 -12.36 -6.35 23.25
C LYS B 302 -10.94 -6.72 23.67
N TYR B 303 -9.98 -6.39 22.82
CA TYR B 303 -8.57 -6.58 23.17
C TYR B 303 -8.13 -5.47 24.10
N MET B 304 -7.69 -5.84 25.31
CA MET B 304 -7.13 -4.85 26.22
C MET B 304 -5.69 -4.54 25.88
N ALA B 305 -4.87 -5.59 25.74
CA ALA B 305 -3.47 -5.41 25.41
C ALA B 305 -2.99 -6.62 24.62
N CYS B 306 -2.00 -6.39 23.77
CA CYS B 306 -1.42 -7.45 22.96
C CYS B 306 0.09 -7.39 23.08
N CYS B 307 0.74 -8.41 22.55
CA CYS B 307 2.21 -8.46 22.53
C CYS B 307 2.64 -9.37 21.39
N LEU B 308 3.38 -8.82 20.44
CA LEU B 308 3.87 -9.58 19.30
C LEU B 308 5.34 -9.89 19.49
N LEU B 309 5.73 -11.12 19.19
CA LEU B 309 7.11 -11.56 19.33
C LEU B 309 7.56 -12.15 18.01
N TYR B 310 8.07 -11.29 17.13
CA TYR B 310 8.60 -11.76 15.86
C TYR B 310 9.95 -12.43 16.06
N ARG B 311 10.30 -13.29 15.12
CA ARG B 311 11.62 -13.90 15.11
C ARG B 311 11.98 -14.26 13.68
N GLY B 312 13.25 -14.53 13.46
CA GLY B 312 13.73 -14.79 12.12
C GLY B 312 14.02 -13.51 11.37
N ASP B 313 14.06 -13.63 10.04
CA ASP B 313 14.37 -12.48 9.19
C ASP B 313 13.20 -11.54 9.11
N VAL B 314 13.20 -10.52 9.96
CA VAL B 314 12.07 -9.60 10.10
C VAL B 314 12.59 -8.18 9.91
N VAL B 315 11.96 -7.44 9.01
CA VAL B 315 12.32 -6.04 8.78
C VAL B 315 11.44 -5.16 9.66
N PRO B 316 12.01 -4.27 10.46
CA PRO B 316 11.20 -3.48 11.41
C PRO B 316 10.29 -2.45 10.76
N LYS B 317 10.57 -2.05 9.52
CA LYS B 317 9.72 -1.09 8.85
C LYS B 317 8.36 -1.69 8.52
N ASP B 318 8.34 -2.94 8.04
CA ASP B 318 7.10 -3.57 7.67
C ASP B 318 6.26 -3.96 8.88
N VAL B 319 6.89 -4.13 10.04
CA VAL B 319 6.15 -4.36 11.28
C VAL B 319 5.34 -3.13 11.63
N ASN B 320 5.91 -1.95 11.39
CA ASN B 320 5.15 -0.71 11.50
C ASN B 320 4.04 -0.66 10.46
N ALA B 321 4.27 -1.24 9.28
CA ALA B 321 3.24 -1.26 8.25
C ALA B 321 2.13 -2.24 8.61
N ALA B 322 2.50 -3.45 9.02
CA ALA B 322 1.50 -4.51 9.18
C ALA B 322 0.63 -4.30 10.40
N ILE B 323 1.19 -3.75 11.47
CA ILE B 323 0.38 -3.52 12.67
C ILE B 323 -0.62 -2.40 12.44
N ALA B 324 -0.21 -1.35 11.72
CA ALA B 324 -1.08 -0.18 11.53
C ALA B 324 -2.30 -0.51 10.70
N THR B 325 -2.20 -1.49 9.80
CA THR B 325 -3.37 -1.90 9.03
C THR B 325 -4.37 -2.65 9.88
N ILE B 326 -3.90 -3.38 10.89
CA ILE B 326 -4.80 -4.13 11.75
C ILE B 326 -5.59 -3.18 12.64
N LYS B 327 -4.98 -2.08 13.07
CA LYS B 327 -5.69 -1.09 13.86
C LYS B 327 -6.76 -0.35 13.06
N THR B 328 -6.71 -0.40 11.74
CA THR B 328 -7.72 0.22 10.90
C THR B 328 -8.95 -0.66 10.69
N LYS B 329 -8.86 -1.96 10.94
CA LYS B 329 -10.01 -2.82 10.72
C LYS B 329 -11.04 -2.61 11.83
N ARG B 330 -12.29 -2.90 11.50
CA ARG B 330 -13.41 -2.55 12.37
C ARG B 330 -13.94 -3.71 13.19
N SER B 331 -13.84 -4.95 12.70
CA SER B 331 -14.22 -6.10 13.51
C SER B 331 -13.24 -6.29 14.66
N ILE B 332 -11.98 -5.93 14.44
CA ILE B 332 -10.97 -5.97 15.49
C ILE B 332 -10.95 -4.60 16.16
N GLN B 333 -11.37 -4.53 17.41
CA GLN B 333 -11.43 -3.27 18.13
C GLN B 333 -10.76 -3.41 19.48
N PHE B 334 -10.27 -2.29 19.99
CA PHE B 334 -9.65 -2.23 21.30
C PHE B 334 -10.57 -1.53 22.29
N VAL B 335 -10.13 -1.51 23.53
CA VAL B 335 -10.91 -0.87 24.59
C VAL B 335 -10.68 0.63 24.49
N ASP B 336 -11.66 1.41 24.97
CA ASP B 336 -11.64 2.85 24.81
C ASP B 336 -10.48 3.52 25.53
N TRP B 337 -10.13 3.05 26.72
CA TRP B 337 -9.12 3.73 27.50
C TRP B 337 -7.69 3.39 27.10
N CYS B 338 -7.47 2.44 26.20
CA CYS B 338 -6.12 1.98 25.85
C CYS B 338 -5.83 2.25 24.38
N PRO B 339 -5.27 3.41 24.04
CA PRO B 339 -4.93 3.66 22.63
C PRO B 339 -3.65 2.96 22.20
N THR B 340 -2.71 2.76 23.12
CA THR B 340 -1.42 2.14 22.83
C THR B 340 -1.50 0.69 23.24
N GLY B 341 -1.75 -0.19 22.28
CA GLY B 341 -2.03 -1.57 22.65
C GLY B 341 -1.12 -2.60 22.05
N PHE B 342 0.18 -2.33 21.98
CA PHE B 342 1.11 -3.29 21.40
C PHE B 342 2.44 -3.27 22.13
N LYS B 343 3.17 -4.36 21.97
CA LYS B 343 4.52 -4.50 22.51
C LYS B 343 5.25 -5.46 21.58
N VAL B 344 6.27 -4.96 20.90
CA VAL B 344 6.86 -5.65 19.76
C VAL B 344 8.26 -6.11 20.15
N GLY B 345 8.58 -7.34 19.81
CA GLY B 345 9.93 -7.86 19.99
C GLY B 345 10.41 -8.54 18.73
N ILE B 346 11.70 -8.41 18.46
CA ILE B 346 12.31 -8.96 17.25
C ILE B 346 13.57 -9.71 17.65
N ASN B 347 13.67 -10.96 17.24
CA ASN B 347 14.89 -11.74 17.41
C ASN B 347 15.37 -12.21 16.05
N TYR B 348 16.68 -12.36 15.92
CA TYR B 348 17.26 -12.73 14.63
C TYR B 348 17.12 -14.21 14.32
N GLN B 349 16.87 -15.05 15.31
CA GLN B 349 16.90 -16.48 15.08
C GLN B 349 15.61 -16.96 14.44
N PRO B 350 15.67 -17.70 13.34
CA PRO B 350 14.48 -18.40 12.87
C PRO B 350 14.15 -19.55 13.78
N PRO B 351 12.88 -19.95 13.85
CA PRO B 351 12.54 -21.15 14.63
C PRO B 351 13.04 -22.40 13.91
N THR B 352 13.75 -23.25 14.65
CA THR B 352 14.27 -24.45 14.04
C THR B 352 13.18 -25.51 13.92
N VAL B 353 13.49 -26.56 13.18
CA VAL B 353 12.56 -27.65 12.94
C VAL B 353 13.08 -28.91 13.61
N VAL B 354 12.20 -29.57 14.36
CA VAL B 354 12.54 -30.83 15.02
C VAL B 354 12.47 -31.94 13.98
N PRO B 355 13.45 -32.86 13.95
CA PRO B 355 13.34 -34.00 13.04
C PRO B 355 12.22 -34.93 13.47
N GLY B 356 11.56 -35.51 12.47
CA GLY B 356 10.39 -36.33 12.72
C GLY B 356 9.17 -35.58 13.16
N GLY B 357 9.14 -34.26 13.00
CA GLY B 357 8.02 -33.44 13.37
C GLY B 357 7.02 -33.29 12.25
N ASP B 358 6.26 -32.21 12.30
CA ASP B 358 5.22 -31.99 11.31
C ASP B 358 5.16 -30.56 10.76
N LEU B 359 5.93 -29.62 11.28
CA LEU B 359 5.95 -28.29 10.70
C LEU B 359 7.04 -28.19 9.64
N ALA B 360 6.91 -27.21 8.76
CA ALA B 360 7.86 -27.00 7.68
C ALA B 360 8.89 -25.96 8.12
N LYS B 361 10.07 -26.03 7.51
CA LYS B 361 11.15 -25.10 7.79
C LYS B 361 10.77 -23.73 7.26
N VAL B 362 10.59 -22.77 8.15
CA VAL B 362 10.15 -21.43 7.78
C VAL B 362 11.27 -20.44 8.07
N GLN B 363 11.05 -19.18 7.73
CA GLN B 363 12.06 -18.14 7.92
C GLN B 363 11.63 -17.07 8.90
N ARG B 364 10.38 -17.08 9.35
CA ARG B 364 9.87 -16.08 10.27
C ARG B 364 8.64 -16.62 10.98
N ALA B 365 8.39 -16.11 12.18
CA ALA B 365 7.31 -16.62 13.00
C ALA B 365 6.88 -15.57 14.01
N VAL B 366 5.60 -15.62 14.38
CA VAL B 366 5.01 -14.70 15.34
C VAL B 366 4.43 -15.52 16.49
N CYS B 367 4.64 -15.05 17.71
CA CYS B 367 4.06 -15.68 18.89
C CYS B 367 3.28 -14.61 19.65
N MET B 368 2.01 -14.44 19.30
CA MET B 368 1.20 -13.38 19.91
C MET B 368 0.74 -13.80 21.29
N LEU B 369 0.86 -12.89 22.25
CA LEU B 369 0.36 -13.08 23.61
C LEU B 369 -0.63 -11.96 23.87
N SER B 370 -1.89 -12.18 23.52
CA SER B 370 -2.90 -11.15 23.59
C SER B 370 -3.79 -11.35 24.80
N ASN B 371 -4.13 -10.26 25.46
CA ASN B 371 -5.11 -10.25 26.53
C ASN B 371 -6.40 -9.67 26.00
N THR B 372 -7.52 -10.19 26.49
CA THR B 372 -8.81 -9.76 25.96
C THR B 372 -9.88 -9.81 27.04
N THR B 373 -11.04 -9.27 26.70
CA THR B 373 -12.24 -9.41 27.50
C THR B 373 -13.13 -10.53 27.00
N ALA B 374 -12.77 -11.17 25.90
CA ALA B 374 -13.55 -12.27 25.37
C ALA B 374 -13.39 -13.55 26.18
N ILE B 375 -12.39 -13.62 27.06
CA ILE B 375 -12.23 -14.79 27.89
C ILE B 375 -13.24 -14.82 29.03
N ALA B 376 -13.90 -13.69 29.31
CA ALA B 376 -14.91 -13.63 30.34
C ALA B 376 -16.15 -14.42 29.99
N GLU B 377 -16.39 -14.68 28.71
CA GLU B 377 -17.45 -15.59 28.32
C GLU B 377 -17.13 -17.01 28.75
N ALA B 378 -15.85 -17.39 28.73
CA ALA B 378 -15.46 -18.73 29.15
C ALA B 378 -15.53 -18.93 30.65
N TRP B 379 -15.27 -17.88 31.43
CA TRP B 379 -15.39 -18.01 32.89
C TRP B 379 -16.84 -18.13 33.32
N ALA B 380 -17.76 -17.55 32.55
CA ALA B 380 -19.17 -17.61 32.93
C ALA B 380 -19.73 -19.00 32.77
N ARG B 381 -19.34 -19.71 31.70
CA ARG B 381 -19.81 -21.07 31.52
C ARG B 381 -19.15 -22.05 32.46
N LEU B 382 -17.95 -21.72 32.96
CA LEU B 382 -17.31 -22.58 33.94
C LEU B 382 -18.06 -22.54 35.27
N ASP B 383 -18.58 -21.37 35.63
CA ASP B 383 -19.41 -21.29 36.82
C ASP B 383 -20.77 -21.95 36.61
N HIS B 384 -21.26 -21.92 35.37
CA HIS B 384 -22.52 -22.59 35.07
C HIS B 384 -22.37 -24.10 35.15
N LYS B 385 -21.19 -24.63 34.81
CA LYS B 385 -20.92 -26.03 35.08
C LYS B 385 -20.77 -26.27 36.58
N PHE B 386 -20.32 -25.27 37.32
CA PHE B 386 -20.07 -25.45 38.75
C PHE B 386 -21.36 -25.42 39.54
N ASP B 387 -22.27 -24.48 39.24
CA ASP B 387 -23.45 -24.29 40.07
C ASP B 387 -24.45 -25.42 39.90
N LEU B 388 -24.39 -26.15 38.79
CA LEU B 388 -25.26 -27.31 38.64
C LEU B 388 -24.79 -28.47 39.49
N MET B 389 -23.48 -28.72 39.53
CA MET B 389 -22.98 -29.86 40.27
C MET B 389 -22.99 -29.60 41.77
N TYR B 390 -22.80 -28.35 42.18
CA TYR B 390 -22.74 -28.04 43.59
C TYR B 390 -24.13 -28.02 44.23
N ALA B 391 -25.17 -27.72 43.43
CA ALA B 391 -26.51 -27.64 43.99
C ALA B 391 -27.05 -29.01 44.41
N LYS B 392 -26.60 -30.07 43.76
CA LYS B 392 -26.95 -31.42 44.17
C LYS B 392 -25.93 -32.04 45.10
N ARG B 393 -24.91 -31.25 45.51
CA ARG B 393 -23.80 -31.70 46.37
C ARG B 393 -23.09 -32.91 45.79
N ALA B 394 -22.89 -32.91 44.48
CA ALA B 394 -22.18 -34.00 43.83
C ALA B 394 -20.71 -33.96 44.17
N PHE B 395 -20.15 -35.13 44.49
CA PHE B 395 -18.73 -35.38 44.68
C PHE B 395 -18.12 -34.57 45.82
N VAL B 396 -18.95 -34.06 46.73
CA VAL B 396 -18.43 -33.23 47.80
C VAL B 396 -17.78 -34.08 48.88
N HIS B 397 -18.29 -35.30 49.11
CA HIS B 397 -17.76 -36.16 50.15
C HIS B 397 -16.37 -36.68 49.84
N TRP B 398 -15.93 -36.62 48.58
CA TRP B 398 -14.53 -36.91 48.29
C TRP B 398 -13.62 -35.77 48.70
N TYR B 399 -14.17 -34.58 48.89
CA TYR B 399 -13.37 -33.42 49.26
C TYR B 399 -13.42 -33.12 50.75
N VAL B 400 -14.53 -33.41 51.41
CA VAL B 400 -14.65 -33.10 52.84
C VAL B 400 -13.79 -34.06 53.65
N GLY B 401 -13.78 -35.33 53.28
CA GLY B 401 -12.99 -36.33 53.98
C GLY B 401 -11.49 -36.19 53.84
N GLU B 402 -11.03 -35.37 52.91
CA GLU B 402 -9.60 -35.14 52.72
C GLU B 402 -9.15 -33.80 53.29
N GLY B 403 -9.77 -33.36 54.39
CA GLY B 403 -9.35 -32.14 55.05
C GLY B 403 -9.67 -30.86 54.31
N MET B 404 -10.95 -30.54 54.20
CA MET B 404 -11.37 -29.28 53.59
C MET B 404 -12.73 -28.89 54.14
N GLU B 405 -12.87 -27.62 54.48
CA GLU B 405 -14.15 -27.10 54.94
C GLU B 405 -15.15 -27.09 53.80
N GLU B 406 -16.39 -27.49 54.09
CA GLU B 406 -17.45 -27.47 53.10
C GLU B 406 -17.83 -26.04 52.73
N GLY B 407 -17.70 -25.10 53.66
CA GLY B 407 -18.01 -23.71 53.38
C GLY B 407 -16.99 -23.02 52.51
N GLU B 408 -15.84 -23.65 52.25
CA GLU B 408 -14.79 -23.05 51.45
C GLU B 408 -15.18 -22.95 49.98
N PHE B 409 -16.14 -23.77 49.53
CA PHE B 409 -16.58 -23.71 48.14
C PHE B 409 -17.37 -22.44 47.87
N SER B 410 -18.30 -22.11 48.77
CA SER B 410 -19.08 -20.89 48.63
C SER B 410 -18.22 -19.65 48.80
N GLU B 411 -17.13 -19.76 49.55
CA GLU B 411 -16.15 -18.68 49.60
C GLU B 411 -15.40 -18.57 48.28
N ALA B 412 -15.04 -19.70 47.68
CA ALA B 412 -14.36 -19.68 46.39
C ALA B 412 -15.30 -19.35 45.25
N ARG B 413 -16.61 -19.52 45.43
CA ARG B 413 -17.55 -19.21 44.37
C ARG B 413 -17.75 -17.70 44.24
N GLU B 414 -17.84 -17.00 45.37
CA GLU B 414 -18.11 -15.57 45.34
C GLU B 414 -16.92 -14.79 44.81
N ASP B 415 -15.70 -15.25 45.09
CA ASP B 415 -14.52 -14.59 44.54
C ASP B 415 -14.44 -14.79 43.03
N MET B 416 -14.89 -15.94 42.54
CA MET B 416 -14.99 -16.12 41.11
C MET B 416 -16.11 -15.27 40.52
N ALA B 417 -17.22 -15.15 41.23
CA ALA B 417 -18.30 -14.29 40.76
C ALA B 417 -17.92 -12.82 40.82
N ALA B 418 -17.07 -12.44 41.78
CA ALA B 418 -16.56 -11.07 41.81
C ALA B 418 -15.63 -10.81 40.65
N LEU B 419 -14.84 -11.82 40.25
CA LEU B 419 -14.00 -11.70 39.08
C LEU B 419 -14.81 -11.61 37.80
N GLU B 420 -16.01 -12.19 37.78
CA GLU B 420 -16.81 -12.21 36.57
C GLU B 420 -17.35 -10.82 36.23
N LYS B 421 -17.83 -10.09 37.24
CA LYS B 421 -18.36 -8.75 37.00
C LYS B 421 -17.27 -7.71 36.79
N ASP B 422 -16.00 -8.05 37.02
CA ASP B 422 -14.93 -7.10 36.79
C ASP B 422 -14.70 -6.83 35.32
N TYR B 423 -14.79 -7.87 34.48
CA TYR B 423 -14.59 -7.70 33.04
C TYR B 423 -15.70 -6.86 32.41
N GLU B 424 -16.92 -6.96 32.95
CA GLU B 424 -17.98 -6.08 32.49
C GLU B 424 -17.70 -4.63 32.88
N GLU B 425 -17.09 -4.43 34.03
CA GLU B 425 -16.71 -3.08 34.44
C GLU B 425 -15.56 -2.55 33.60
N VAL B 426 -14.68 -3.42 33.13
CA VAL B 426 -13.64 -3.00 32.20
C VAL B 426 -14.22 -2.81 30.81
N GLY B 427 -15.17 -3.67 30.42
CA GLY B 427 -15.66 -3.70 29.06
C GLY B 427 -16.49 -2.51 28.65
N VAL B 428 -17.03 -1.76 29.59
CA VAL B 428 -17.81 -0.58 29.24
C VAL B 428 -16.87 0.53 28.79
N ASP B 429 -17.41 1.44 27.98
CA ASP B 429 -16.62 2.56 27.50
C ASP B 429 -16.65 3.69 28.52
N SER B 430 -15.74 4.65 28.33
CA SER B 430 -15.64 5.76 29.25
C SER B 430 -16.78 6.75 29.01
N VAL B 431 -17.23 7.35 30.09
CA VAL B 431 -18.25 8.40 30.06
C VAL B 431 -17.56 9.71 30.33
N GLU B 432 -17.36 10.50 29.28
CA GLU B 432 -16.66 11.79 29.30
C GLU B 432 -15.25 11.71 29.89
N MET C 1 17.96 31.49 -20.24
CA MET C 1 16.66 31.98 -19.80
C MET C 1 15.55 31.45 -20.71
N ARG C 2 14.32 31.87 -20.41
CA ARG C 2 13.11 31.54 -21.16
C ARG C 2 12.87 30.02 -21.22
N GLU C 3 12.95 29.40 -20.05
CA GLU C 3 12.86 27.95 -19.95
C GLU C 3 11.42 27.48 -20.16
N ILE C 4 11.28 26.25 -20.64
CA ILE C 4 10.00 25.65 -20.98
C ILE C 4 9.86 24.36 -20.20
N VAL C 5 8.74 24.22 -19.49
CA VAL C 5 8.41 22.99 -18.76
C VAL C 5 7.44 22.18 -19.61
N HIS C 6 7.79 20.94 -19.88
CA HIS C 6 7.01 20.06 -20.75
C HIS C 6 6.24 19.05 -19.90
N ILE C 7 4.92 19.01 -20.08
CA ILE C 7 4.05 18.16 -19.28
C ILE C 7 3.37 17.17 -20.23
N GLN C 8 3.28 15.91 -19.81
CA GLN C 8 2.68 14.85 -20.60
C GLN C 8 1.58 14.18 -19.81
N ALA C 9 0.54 13.74 -20.52
CA ALA C 9 -0.60 13.11 -19.88
C ALA C 9 -1.30 12.18 -20.86
N GLY C 10 -1.83 11.08 -20.33
CA GLY C 10 -2.54 10.12 -21.16
C GLY C 10 -1.62 9.10 -21.80
N GLN C 11 -2.20 8.04 -22.36
CA GLN C 11 -1.40 7.06 -23.10
C GLN C 11 -0.85 7.66 -24.38
N CYS C 12 -1.66 8.49 -25.04
CA CYS C 12 -1.21 9.14 -26.28
C CYS C 12 -0.15 10.18 -26.00
N GLY C 13 -0.37 11.03 -24.99
CA GLY C 13 0.54 12.12 -24.71
C GLY C 13 1.89 11.67 -24.20
N ASN C 14 2.01 10.44 -23.72
CA ASN C 14 3.31 9.94 -23.31
C ASN C 14 4.07 9.37 -24.49
N GLN C 15 3.39 8.66 -25.38
CA GLN C 15 4.07 8.07 -26.52
C GLN C 15 4.45 9.12 -27.56
N ILE C 16 3.79 10.28 -27.58
CA ILE C 16 4.27 11.38 -28.40
C ILE C 16 5.57 11.92 -27.83
N GLY C 17 5.60 12.16 -26.52
CA GLY C 17 6.78 12.72 -25.89
C GLY C 17 7.95 11.78 -25.87
N ALA C 18 7.69 10.47 -25.78
CA ALA C 18 8.75 9.48 -25.80
C ALA C 18 9.50 9.45 -27.13
N LYS C 19 8.82 9.81 -28.21
CA LYS C 19 9.51 10.07 -29.47
C LYS C 19 10.03 11.50 -29.55
N PHE C 20 9.34 12.44 -28.90
CA PHE C 20 9.71 13.85 -28.98
C PHE C 20 11.03 14.14 -28.31
N TRP C 21 11.26 13.59 -27.12
CA TRP C 21 12.53 13.82 -26.44
C TRP C 21 13.68 13.10 -27.13
N GLU C 22 13.39 12.08 -27.94
CA GLU C 22 14.42 11.52 -28.80
C GLU C 22 14.82 12.50 -29.90
N VAL C 23 13.86 13.30 -30.38
CA VAL C 23 14.16 14.25 -31.44
C VAL C 23 14.99 15.41 -30.91
N ILE C 24 14.64 15.93 -29.73
CA ILE C 24 15.32 17.09 -29.17
C ILE C 24 16.75 16.73 -28.77
N SER C 25 16.95 15.51 -28.30
CA SER C 25 18.29 15.04 -27.98
C SER C 25 19.14 14.82 -29.23
N ASP C 26 18.50 14.63 -30.39
CA ASP C 26 19.27 14.53 -31.63
C ASP C 26 19.78 15.88 -32.07
N GLU C 27 18.99 16.94 -31.87
CA GLU C 27 19.39 18.26 -32.33
C GLU C 27 20.51 18.82 -31.47
N HIS C 28 20.48 18.53 -30.18
CA HIS C 28 21.55 18.98 -29.30
C HIS C 28 22.64 17.95 -29.12
N GLY C 29 22.52 16.78 -29.75
CA GLY C 29 23.56 15.77 -29.68
C GLY C 29 23.73 15.16 -28.31
N ILE C 30 22.70 14.49 -27.80
CA ILE C 30 22.70 13.93 -26.47
C ILE C 30 22.53 12.43 -26.57
N ASP C 31 23.40 11.69 -25.90
CA ASP C 31 23.33 10.24 -25.83
C ASP C 31 22.12 9.82 -24.98
N PRO C 32 21.71 8.54 -25.06
CA PRO C 32 20.69 8.06 -24.10
C PRO C 32 21.16 8.02 -22.66
N THR C 33 22.47 8.11 -22.41
CA THR C 33 22.96 8.20 -21.04
C THR C 33 22.60 9.54 -20.42
N GLY C 34 22.92 10.63 -21.10
CA GLY C 34 22.65 11.95 -20.59
C GLY C 34 23.85 12.88 -20.70
N SER C 35 24.92 12.37 -21.28
CA SER C 35 26.13 13.16 -21.49
C SER C 35 26.00 13.96 -22.78
N TYR C 36 27.11 14.54 -23.22
CA TYR C 36 27.13 15.39 -24.40
C TYR C 36 28.17 14.86 -25.39
N HIS C 37 27.77 14.72 -26.64
CA HIS C 37 28.67 14.24 -27.69
C HIS C 37 28.48 15.04 -28.97
N GLY C 38 28.26 16.33 -28.85
CA GLY C 38 28.05 17.18 -30.00
C GLY C 38 29.35 17.57 -30.67
N ASP C 39 29.22 18.54 -31.58
CA ASP C 39 30.37 18.98 -32.37
C ASP C 39 30.56 20.48 -32.31
N SER C 40 29.47 21.24 -32.22
CA SER C 40 29.52 22.70 -32.21
C SER C 40 29.01 23.21 -30.87
N ASP C 41 29.49 24.40 -30.49
CA ASP C 41 29.09 25.02 -29.24
C ASP C 41 27.72 25.67 -29.29
N LEU C 42 27.08 25.71 -30.46
CA LEU C 42 25.73 26.25 -30.53
C LEU C 42 24.71 25.30 -29.93
N GLN C 43 25.03 24.02 -29.82
CA GLN C 43 24.12 23.08 -29.21
C GLN C 43 24.02 23.28 -27.71
N LEU C 44 25.10 23.74 -27.08
CA LEU C 44 25.10 23.99 -25.65
C LEU C 44 24.81 25.43 -25.29
N GLU C 45 24.58 26.29 -26.28
CA GLU C 45 24.42 27.71 -26.00
C GLU C 45 23.07 27.98 -25.33
N ARG C 46 22.00 27.41 -25.85
CA ARG C 46 20.67 27.55 -25.27
C ARG C 46 20.14 26.23 -24.75
N ILE C 47 21.00 25.42 -24.13
CA ILE C 47 20.61 24.08 -23.72
C ILE C 47 19.66 24.10 -22.52
N ASN C 48 19.63 25.20 -21.76
CA ASN C 48 18.91 25.23 -20.49
C ASN C 48 17.39 25.25 -20.65
N VAL C 49 16.88 25.48 -21.85
CA VAL C 49 15.44 25.64 -22.00
C VAL C 49 14.72 24.30 -21.87
N TYR C 50 15.32 23.21 -22.32
CA TYR C 50 14.73 21.89 -22.16
C TYR C 50 15.57 20.99 -21.26
N TYR C 51 16.57 21.54 -20.58
CA TYR C 51 17.46 20.71 -19.81
C TYR C 51 17.90 21.42 -18.53
N ASN C 52 18.30 20.62 -17.56
CA ASN C 52 18.94 21.09 -16.34
C ASN C 52 20.28 20.39 -16.21
N GLU C 53 21.34 21.16 -16.01
CA GLU C 53 22.66 20.56 -15.86
C GLU C 53 22.79 19.93 -14.49
N ALA C 54 22.82 18.61 -14.45
CA ALA C 54 23.05 17.92 -13.20
C ALA C 54 24.55 17.87 -12.90
N ALA C 55 24.88 17.30 -11.74
CA ALA C 55 26.27 17.17 -11.33
C ALA C 55 26.95 16.09 -12.15
N GLY C 56 28.10 16.42 -12.73
CA GLY C 56 28.82 15.46 -13.54
C GLY C 56 28.66 15.73 -15.02
N ASN C 57 28.25 16.96 -15.34
CA ASN C 57 28.02 17.44 -16.72
C ASN C 57 27.03 16.57 -17.46
N LYS C 58 25.97 16.17 -16.76
CA LYS C 58 24.88 15.41 -17.34
C LYS C 58 23.63 16.27 -17.36
N TYR C 59 22.80 16.07 -18.38
CA TYR C 59 21.61 16.88 -18.58
C TYR C 59 20.38 15.99 -18.48
N VAL C 60 19.35 16.49 -17.80
CA VAL C 60 18.10 15.75 -17.69
C VAL C 60 17.00 16.57 -18.34
N PRO C 61 15.99 15.93 -18.92
CA PRO C 61 14.87 16.70 -19.48
C PRO C 61 14.00 17.28 -18.39
N ARG C 62 13.52 18.50 -18.63
CA ARG C 62 12.60 19.16 -17.71
C ARG C 62 11.18 18.74 -18.06
N ALA C 63 10.87 17.49 -17.72
CA ALA C 63 9.62 16.87 -18.13
C ALA C 63 8.86 16.34 -16.92
N ILE C 64 7.54 16.40 -17.01
CA ILE C 64 6.64 15.86 -15.99
C ILE C 64 5.69 14.89 -16.69
N LEU C 65 5.64 13.66 -16.19
CA LEU C 65 4.91 12.58 -16.86
C LEU C 65 3.81 12.08 -15.94
N VAL C 66 2.57 12.15 -16.41
CA VAL C 66 1.39 11.91 -15.59
C VAL C 66 0.57 10.80 -16.21
N ASP C 67 0.16 9.83 -15.40
CA ASP C 67 -0.76 8.78 -15.83
C ASP C 67 -1.55 8.32 -14.61
N LEU C 68 -2.57 7.52 -14.85
CA LEU C 68 -3.34 6.90 -13.77
C LEU C 68 -3.06 5.41 -13.60
N GLU C 69 -2.36 4.78 -14.54
CA GLU C 69 -1.95 3.40 -14.41
C GLU C 69 -0.48 3.32 -14.82
N PRO C 70 0.28 2.37 -14.27
CA PRO C 70 1.70 2.30 -14.63
C PRO C 70 1.98 1.50 -15.88
N GLY C 71 0.93 1.17 -16.65
CA GLY C 71 1.11 0.37 -17.86
C GLY C 71 1.86 1.07 -18.97
N THR C 72 1.81 2.40 -19.01
CA THR C 72 2.51 3.15 -20.02
C THR C 72 3.83 3.71 -19.55
N MET C 73 3.91 4.08 -18.26
CA MET C 73 5.16 4.59 -17.71
C MET C 73 6.23 3.51 -17.64
N ASP C 74 5.82 2.25 -17.48
CA ASP C 74 6.78 1.16 -17.55
C ASP C 74 7.31 0.98 -18.96
N SER C 75 6.50 1.29 -19.96
CA SER C 75 6.96 1.19 -21.34
C SER C 75 7.96 2.28 -21.68
N VAL C 76 7.84 3.45 -21.05
CA VAL C 76 8.74 4.55 -21.35
C VAL C 76 10.12 4.29 -20.77
N ARG C 77 10.17 3.87 -19.50
CA ARG C 77 11.45 3.62 -18.85
C ARG C 77 12.13 2.36 -19.36
N SER C 78 11.40 1.49 -20.06
CA SER C 78 12.01 0.29 -20.60
C SER C 78 12.69 0.52 -21.94
N GLY C 79 12.15 1.41 -22.76
CA GLY C 79 12.69 1.66 -24.07
C GLY C 79 13.95 2.49 -24.04
N PRO C 80 14.53 2.76 -25.22
CA PRO C 80 15.66 3.66 -25.28
C PRO C 80 15.23 5.09 -25.01
N PHE C 81 16.19 5.90 -24.53
CA PHE C 81 15.97 7.24 -24.00
C PHE C 81 14.94 7.24 -22.88
N GLY C 82 14.98 6.19 -22.06
CA GLY C 82 14.11 6.12 -20.90
C GLY C 82 14.92 6.35 -19.65
N GLN C 83 16.22 6.05 -19.74
CA GLN C 83 17.14 6.31 -18.64
C GLN C 83 17.44 7.79 -18.48
N ILE C 84 17.11 8.61 -19.45
CA ILE C 84 17.49 10.02 -19.40
C ILE C 84 16.60 10.81 -18.45
N PHE C 85 15.38 10.35 -18.18
CA PHE C 85 14.45 11.09 -17.36
C PHE C 85 14.85 11.02 -15.88
N ARG C 86 14.20 11.82 -15.09
CA ARG C 86 14.41 11.69 -13.66
C ARG C 86 13.34 10.81 -13.05
N PRO C 87 13.71 9.88 -12.16
CA PRO C 87 12.72 8.97 -11.57
C PRO C 87 11.72 9.63 -10.66
N ASP C 88 11.98 10.86 -10.22
CA ASP C 88 11.01 11.56 -9.39
C ASP C 88 9.81 12.04 -10.20
N ASN C 89 9.99 12.30 -11.48
CA ASN C 89 8.92 12.91 -12.27
C ASN C 89 7.82 11.94 -12.65
N PHE C 90 8.07 10.63 -12.59
CA PHE C 90 7.06 9.67 -13.01
C PHE C 90 5.95 9.57 -11.98
N VAL C 91 4.96 10.45 -12.08
CA VAL C 91 3.82 10.47 -11.17
C VAL C 91 2.73 9.61 -11.77
N PHE C 92 2.27 8.62 -11.01
CA PHE C 92 1.24 7.72 -11.52
C PHE C 92 0.44 7.14 -10.36
N GLY C 93 -0.86 7.01 -10.59
CA GLY C 93 -1.75 6.37 -9.65
C GLY C 93 -1.85 4.88 -9.88
N GLN C 94 -2.93 4.28 -9.39
CA GLN C 94 -3.14 2.85 -9.52
C GLN C 94 -4.50 2.46 -10.07
N SER C 95 -5.50 3.33 -10.03
CA SER C 95 -6.85 2.92 -10.43
C SER C 95 -7.02 2.83 -11.93
N GLY C 96 -6.41 3.73 -12.68
CA GLY C 96 -6.65 3.80 -14.11
C GLY C 96 -7.88 4.64 -14.43
N ALA C 97 -7.85 5.33 -15.57
CA ALA C 97 -8.96 6.22 -15.91
C ALA C 97 -10.19 5.43 -16.31
N GLY C 98 -10.01 4.32 -17.02
CA GLY C 98 -11.13 3.60 -17.54
C GLY C 98 -11.84 4.27 -18.69
N ASN C 99 -11.15 5.16 -19.40
CA ASN C 99 -11.65 5.89 -20.57
C ASN C 99 -12.91 6.66 -20.22
N ASN C 100 -12.77 7.52 -19.21
CA ASN C 100 -13.87 8.21 -18.58
C ASN C 100 -13.38 9.59 -18.20
N TRP C 101 -14.10 10.62 -18.64
CA TRP C 101 -13.67 11.98 -18.36
C TRP C 101 -13.95 12.35 -16.91
N ALA C 102 -15.08 11.93 -16.38
CA ALA C 102 -15.46 12.29 -15.01
C ALA C 102 -14.55 11.63 -13.98
N LYS C 103 -14.07 10.42 -14.27
CA LYS C 103 -13.08 9.81 -13.40
C LYS C 103 -11.74 10.53 -13.49
N GLY C 104 -11.40 11.06 -14.66
CA GLY C 104 -10.17 11.81 -14.78
C GLY C 104 -10.22 13.20 -14.20
N HIS C 105 -11.42 13.71 -13.92
CA HIS C 105 -11.58 15.10 -13.51
C HIS C 105 -12.09 15.22 -12.08
N TYR C 106 -12.75 14.20 -11.55
CA TYR C 106 -13.29 14.27 -10.19
C TYR C 106 -12.71 13.21 -9.26
N THR C 107 -12.76 11.94 -9.65
CA THR C 107 -12.42 10.88 -8.72
C THR C 107 -10.91 10.68 -8.62
N GLU C 108 -10.28 10.27 -9.71
CA GLU C 108 -8.84 10.02 -9.66
C GLU C 108 -8.03 11.28 -9.94
N GLY C 109 -8.65 12.32 -10.47
CA GLY C 109 -7.95 13.58 -10.64
C GLY C 109 -7.67 14.27 -9.33
N ALA C 110 -8.64 14.27 -8.41
CA ALA C 110 -8.46 14.95 -7.14
C ALA C 110 -7.50 14.20 -6.23
N GLU C 111 -7.35 12.89 -6.44
CA GLU C 111 -6.44 12.11 -5.60
C GLU C 111 -5.03 12.07 -6.15
N LEU C 112 -4.72 12.84 -7.19
CA LEU C 112 -3.40 12.82 -7.79
C LEU C 112 -2.82 14.21 -8.01
N VAL C 113 -3.65 15.22 -8.19
CA VAL C 113 -3.21 16.53 -8.66
C VAL C 113 -2.32 17.24 -7.65
N ASP C 114 -2.48 16.91 -6.35
CA ASP C 114 -1.62 17.52 -5.35
C ASP C 114 -0.20 16.98 -5.42
N SER C 115 -0.06 15.70 -5.77
CA SER C 115 1.28 15.16 -5.99
C SER C 115 1.88 15.67 -7.28
N VAL C 116 1.05 16.05 -8.24
CA VAL C 116 1.56 16.59 -9.49
C VAL C 116 2.02 18.03 -9.31
N LEU C 117 1.18 18.86 -8.67
CA LEU C 117 1.47 20.27 -8.54
C LEU C 117 2.65 20.56 -7.62
N ASP C 118 3.05 19.60 -6.79
CA ASP C 118 4.31 19.76 -6.07
C ASP C 118 5.50 19.64 -7.01
N VAL C 119 5.41 18.73 -7.99
CA VAL C 119 6.50 18.57 -8.93
C VAL C 119 6.51 19.72 -9.94
N VAL C 120 5.33 20.26 -10.27
CA VAL C 120 5.26 21.43 -11.13
C VAL C 120 5.89 22.63 -10.43
N ARG C 121 5.60 22.81 -9.14
CA ARG C 121 6.12 23.94 -8.40
C ARG C 121 7.62 23.81 -8.15
N LYS C 122 8.12 22.58 -8.08
CA LYS C 122 9.56 22.39 -7.93
C LYS C 122 10.30 22.75 -9.22
N GLU C 123 9.75 22.36 -10.37
CA GLU C 123 10.38 22.69 -11.64
C GLU C 123 10.27 24.16 -11.97
N SER C 124 9.25 24.84 -11.46
CA SER C 124 9.10 26.27 -11.73
C SER C 124 10.13 27.09 -10.97
N GLU C 125 10.48 26.68 -9.75
CA GLU C 125 11.46 27.42 -8.98
C GLU C 125 12.88 27.18 -9.48
N SER C 126 13.10 26.06 -10.18
CA SER C 126 14.42 25.79 -10.74
C SER C 126 14.72 26.65 -11.95
N CYS C 127 13.70 27.20 -12.60
CA CYS C 127 13.90 28.00 -13.79
C CYS C 127 14.27 29.43 -13.42
N ASP C 128 15.16 30.01 -14.22
CA ASP C 128 15.59 31.39 -13.98
C ASP C 128 14.48 32.37 -14.33
N CYS C 129 14.08 32.41 -15.59
CA CYS C 129 12.96 33.21 -16.05
C CYS C 129 12.06 32.32 -16.88
N LEU C 130 10.88 32.01 -16.35
CA LEU C 130 10.01 31.02 -16.96
C LEU C 130 9.36 31.60 -18.22
N GLN C 131 9.45 30.85 -19.32
CA GLN C 131 8.76 31.26 -20.54
C GLN C 131 7.31 30.80 -20.51
N GLY C 132 7.09 29.51 -20.29
CA GLY C 132 5.75 28.99 -20.24
C GLY C 132 5.74 27.49 -20.36
N PHE C 133 4.52 26.95 -20.38
CA PHE C 133 4.28 25.53 -20.28
C PHE C 133 3.72 24.98 -21.58
N GLN C 134 4.23 23.84 -22.01
CA GLN C 134 3.61 23.14 -23.12
C GLN C 134 3.13 21.78 -22.65
N LEU C 135 2.02 21.33 -23.23
CA LEU C 135 1.32 20.16 -22.76
C LEU C 135 1.00 19.24 -23.93
N THR C 136 1.14 17.94 -23.73
CA THR C 136 0.88 16.96 -24.77
C THR C 136 -0.13 15.96 -24.24
N HIS C 137 -1.33 15.97 -24.79
CA HIS C 137 -2.37 15.05 -24.37
C HIS C 137 -3.28 14.76 -25.56
N SER C 138 -4.42 14.15 -25.28
CA SER C 138 -5.41 13.89 -26.32
C SER C 138 -6.80 14.04 -25.74
N LEU C 139 -7.78 14.20 -26.62
CA LEU C 139 -9.14 14.48 -26.23
C LEU C 139 -10.00 13.23 -26.15
N GLY C 140 -9.59 12.14 -26.80
CA GLY C 140 -10.42 10.96 -26.86
C GLY C 140 -10.41 10.14 -25.59
N GLY C 141 -9.26 10.05 -24.94
CA GLY C 141 -9.12 9.24 -23.74
C GLY C 141 -9.76 9.88 -22.53
N GLY C 142 -9.55 9.24 -21.39
CA GLY C 142 -10.08 9.75 -20.14
C GLY C 142 -8.99 10.41 -19.32
N THR C 143 -7.75 9.96 -19.51
CA THR C 143 -6.65 10.53 -18.75
C THR C 143 -6.29 11.92 -19.27
N GLY C 144 -5.88 12.00 -20.54
CA GLY C 144 -5.47 13.26 -21.11
C GLY C 144 -6.56 14.28 -21.28
N SER C 145 -7.81 13.85 -21.23
CA SER C 145 -8.93 14.78 -21.27
C SER C 145 -9.37 15.22 -19.88
N GLY C 146 -9.29 14.32 -18.91
CA GLY C 146 -9.75 14.66 -17.57
C GLY C 146 -8.64 15.21 -16.69
N MET C 147 -7.55 14.45 -16.58
CA MET C 147 -6.43 14.89 -15.75
C MET C 147 -5.70 16.06 -16.39
N GLY C 148 -5.67 16.12 -17.72
CA GLY C 148 -4.97 17.19 -18.40
C GLY C 148 -5.67 18.53 -18.24
N THR C 149 -6.98 18.56 -18.49
CA THR C 149 -7.73 19.80 -18.33
C THR C 149 -7.88 20.20 -16.87
N LEU C 150 -7.71 19.27 -15.94
CA LEU C 150 -7.68 19.65 -14.54
C LEU C 150 -6.40 20.41 -14.22
N LEU C 151 -5.27 20.01 -14.82
CA LEU C 151 -4.01 20.68 -14.55
C LEU C 151 -3.98 22.08 -15.11
N ILE C 152 -4.62 22.30 -16.25
CA ILE C 152 -4.63 23.63 -16.86
C ILE C 152 -5.45 24.58 -16.00
N SER C 153 -6.54 24.10 -15.42
CA SER C 153 -7.35 24.93 -14.55
C SER C 153 -6.65 25.21 -13.23
N LYS C 154 -5.65 24.41 -12.86
CA LYS C 154 -4.89 24.70 -11.66
C LYS C 154 -3.67 25.57 -11.94
N ILE C 155 -3.03 25.37 -13.09
CA ILE C 155 -1.85 26.14 -13.44
C ILE C 155 -2.20 27.59 -13.72
N ARG C 156 -3.29 27.82 -14.46
CA ARG C 156 -3.70 29.18 -14.79
C ARG C 156 -4.10 29.98 -13.56
N GLU C 157 -4.60 29.30 -12.52
CA GLU C 157 -4.86 29.97 -11.26
C GLU C 157 -3.58 30.32 -10.52
N GLU C 158 -2.47 29.64 -10.82
CA GLU C 158 -1.19 29.98 -10.21
C GLU C 158 -0.26 30.75 -11.12
N TYR C 159 -0.52 30.79 -12.43
CA TYR C 159 0.34 31.50 -13.37
C TYR C 159 -0.53 32.20 -14.41
N PRO C 160 -1.11 33.34 -14.07
CA PRO C 160 -2.01 34.03 -15.00
C PRO C 160 -1.32 34.84 -16.08
N ASP C 161 -0.01 34.71 -16.25
CA ASP C 161 0.71 35.48 -17.25
C ASP C 161 1.55 34.63 -18.21
N ARG C 162 1.98 33.45 -17.79
CA ARG C 162 2.80 32.60 -18.64
C ARG C 162 1.97 32.01 -19.76
N ILE C 163 2.64 31.68 -20.85
CA ILE C 163 1.94 31.13 -22.00
C ILE C 163 1.63 29.65 -21.76
N MET C 164 0.53 29.19 -22.33
CA MET C 164 0.02 27.84 -22.09
C MET C 164 -0.51 27.31 -23.41
N ASN C 165 0.23 26.37 -24.01
CA ASN C 165 -0.18 25.76 -25.26
C ASN C 165 -0.22 24.24 -25.15
N THR C 166 -1.18 23.63 -25.84
CA THR C 166 -1.43 22.20 -25.78
C THR C 166 -1.39 21.61 -27.18
N PHE C 167 -0.71 20.47 -27.32
CA PHE C 167 -0.71 19.72 -28.57
C PHE C 167 -1.72 18.58 -28.48
N SER C 168 -2.99 18.96 -28.37
CA SER C 168 -4.04 17.96 -28.22
C SER C 168 -4.32 17.27 -29.54
N VAL C 169 -4.76 16.02 -29.46
CA VAL C 169 -5.10 15.23 -30.64
C VAL C 169 -6.62 15.11 -30.70
N VAL C 170 -7.22 15.84 -31.62
CA VAL C 170 -8.66 15.84 -31.85
C VAL C 170 -9.02 14.51 -32.50
N PRO C 171 -10.10 13.85 -32.10
CA PRO C 171 -10.47 12.58 -32.74
C PRO C 171 -10.90 12.73 -34.18
N SER C 172 -10.56 11.73 -34.98
CA SER C 172 -10.81 11.73 -36.41
C SER C 172 -12.31 11.60 -36.68
N PRO C 173 -12.79 12.16 -37.80
CA PRO C 173 -14.25 12.14 -38.03
C PRO C 173 -14.80 10.84 -38.58
N LYS C 174 -14.05 10.12 -39.42
CA LYS C 174 -14.62 8.93 -40.03
C LYS C 174 -14.55 7.73 -39.10
N VAL C 175 -13.35 7.30 -38.75
CA VAL C 175 -13.23 6.22 -37.78
C VAL C 175 -13.28 6.80 -36.37
N SER C 176 -13.71 5.99 -35.42
CA SER C 176 -13.85 6.42 -34.04
C SER C 176 -13.18 5.39 -33.15
N ASP C 177 -12.16 5.82 -32.42
CA ASP C 177 -11.40 4.92 -31.56
C ASP C 177 -12.01 4.83 -30.16
N THR C 178 -13.13 5.51 -29.91
CA THR C 178 -13.79 5.49 -28.62
C THR C 178 -15.26 5.73 -28.86
N VAL C 179 -16.11 4.94 -28.19
CA VAL C 179 -17.55 5.09 -28.35
C VAL C 179 -18.02 6.41 -27.76
N VAL C 180 -17.43 6.83 -26.65
CA VAL C 180 -17.91 7.99 -25.91
C VAL C 180 -17.04 9.22 -26.18
N GLU C 181 -16.21 9.20 -27.22
CA GLU C 181 -15.39 10.36 -27.53
C GLU C 181 -16.12 11.66 -27.92
N PRO C 182 -17.37 11.69 -28.40
CA PRO C 182 -18.07 12.99 -28.40
C PRO C 182 -18.37 13.53 -27.03
N TYR C 183 -18.51 12.68 -26.02
CA TYR C 183 -18.68 13.19 -24.67
C TYR C 183 -17.37 13.68 -24.08
N ASN C 184 -16.26 13.04 -24.43
CA ASN C 184 -14.99 13.49 -23.88
C ASN C 184 -14.50 14.76 -24.54
N ALA C 185 -14.73 14.89 -25.84
CA ALA C 185 -14.25 16.08 -26.55
C ALA C 185 -15.07 17.30 -26.19
N THR C 186 -16.36 17.15 -25.93
CA THR C 186 -17.19 18.30 -25.62
C THR C 186 -16.89 18.83 -24.23
N LEU C 187 -16.67 17.93 -23.28
CA LEU C 187 -16.34 18.35 -21.93
C LEU C 187 -14.90 18.78 -21.76
N SER C 188 -14.07 18.68 -22.80
CA SER C 188 -12.70 19.16 -22.74
C SER C 188 -12.51 20.50 -23.42
N VAL C 189 -13.14 20.73 -24.56
CA VAL C 189 -13.06 22.02 -25.26
C VAL C 189 -13.68 23.11 -24.40
N HIS C 190 -14.67 22.77 -23.58
CA HIS C 190 -15.20 23.70 -22.59
C HIS C 190 -14.15 24.12 -21.56
N GLN C 191 -13.13 23.30 -21.34
CA GLN C 191 -12.04 23.71 -20.48
C GLN C 191 -10.89 24.35 -21.25
N LEU C 192 -10.77 24.06 -22.55
CA LEU C 192 -9.65 24.60 -23.30
C LEU C 192 -9.88 26.01 -23.78
N VAL C 193 -11.14 26.40 -24.02
CA VAL C 193 -11.41 27.75 -24.47
C VAL C 193 -11.37 28.78 -23.35
N GLU C 194 -11.24 28.33 -22.11
CA GLU C 194 -11.22 29.23 -20.97
C GLU C 194 -9.84 29.45 -20.40
N ASN C 195 -8.91 28.52 -20.59
CA ASN C 195 -7.65 28.59 -19.85
C ASN C 195 -6.43 28.31 -20.70
N THR C 196 -6.52 28.31 -22.02
CA THR C 196 -5.35 28.13 -22.86
C THR C 196 -5.14 29.38 -23.72
N ASP C 197 -3.91 29.56 -24.16
CA ASP C 197 -3.55 30.68 -25.00
C ASP C 197 -3.53 30.34 -26.47
N GLU C 198 -3.09 29.13 -26.81
CA GLU C 198 -3.18 28.63 -28.17
C GLU C 198 -3.19 27.12 -28.13
N THR C 199 -3.71 26.49 -29.18
CA THR C 199 -3.92 25.05 -29.17
C THR C 199 -3.69 24.50 -30.57
N TYR C 200 -2.92 23.43 -30.66
CA TYR C 200 -2.54 22.84 -31.93
C TYR C 200 -3.35 21.57 -32.13
N CYS C 201 -4.43 21.67 -32.91
CA CYS C 201 -5.32 20.54 -33.12
C CYS C 201 -4.75 19.62 -34.20
N ILE C 202 -4.58 18.35 -33.85
CA ILE C 202 -4.05 17.34 -34.76
C ILE C 202 -5.07 16.22 -34.87
N ASP C 203 -5.36 15.82 -36.11
CA ASP C 203 -6.22 14.69 -36.38
C ASP C 203 -5.37 13.49 -36.78
N ASN C 204 -5.80 12.30 -36.34
CA ASN C 204 -5.08 11.09 -36.73
C ASN C 204 -5.28 10.79 -38.20
N GLU C 205 -6.49 11.03 -38.72
CA GLU C 205 -6.85 10.66 -40.09
C GLU C 205 -6.02 11.41 -41.11
N ALA C 206 -5.61 12.63 -40.80
CA ALA C 206 -4.73 13.36 -41.69
C ALA C 206 -3.32 12.78 -41.71
N LEU C 207 -2.90 12.17 -40.61
CA LEU C 207 -1.56 11.56 -40.59
C LEU C 207 -1.50 10.27 -41.39
N TYR C 208 -2.63 9.58 -41.54
CA TYR C 208 -2.58 8.36 -42.35
C TYR C 208 -2.49 8.67 -43.83
N ASP C 209 -3.05 9.82 -44.25
CA ASP C 209 -2.95 10.19 -45.66
C ASP C 209 -1.55 10.64 -46.02
N ILE C 210 -0.90 11.37 -45.12
CA ILE C 210 0.44 11.90 -45.39
C ILE C 210 1.45 10.77 -45.44
N CYS C 211 1.29 9.75 -44.58
CA CYS C 211 2.20 8.61 -44.61
C CYS C 211 1.96 7.73 -45.83
N PHE C 212 0.76 7.80 -46.41
CA PHE C 212 0.46 6.92 -47.54
C PHE C 212 0.61 7.66 -48.86
N ARG C 213 -0.09 8.79 -49.02
CA ARG C 213 -0.08 9.50 -50.30
C ARG C 213 1.24 10.21 -50.54
N THR C 214 1.81 10.82 -49.51
CA THR C 214 2.99 11.63 -49.71
C THR C 214 4.28 10.85 -49.46
N LEU C 215 4.45 10.30 -48.26
CA LEU C 215 5.70 9.62 -47.95
C LEU C 215 5.78 8.22 -48.52
N LYS C 216 4.67 7.68 -49.02
CA LYS C 216 4.59 6.35 -49.66
C LYS C 216 5.06 5.24 -48.72
N LEU C 217 4.65 5.33 -47.47
CA LEU C 217 4.96 4.28 -46.51
C LEU C 217 3.92 3.18 -46.56
N THR C 218 4.40 1.94 -46.67
CA THR C 218 3.52 0.79 -46.76
C THR C 218 2.97 0.42 -45.39
N THR C 219 3.83 0.37 -44.37
CA THR C 219 3.45 -0.05 -43.02
C THR C 219 3.77 1.04 -42.00
N PRO C 220 2.94 2.09 -41.93
CA PRO C 220 3.24 3.16 -40.96
C PRO C 220 2.81 2.81 -39.54
N THR C 221 3.77 2.52 -38.68
CA THR C 221 3.46 2.34 -37.28
C THR C 221 3.46 3.68 -36.56
N TYR C 222 3.09 3.66 -35.27
CA TYR C 222 3.08 4.89 -34.48
C TYR C 222 4.48 5.45 -34.25
N GLY C 223 5.52 4.65 -34.42
CA GLY C 223 6.87 5.17 -34.39
C GLY C 223 7.17 6.11 -35.54
N ASP C 224 6.40 6.00 -36.63
CA ASP C 224 6.52 6.93 -37.74
C ASP C 224 5.47 8.03 -37.71
N LEU C 225 4.28 7.75 -37.18
CA LEU C 225 3.27 8.80 -37.07
C LEU C 225 3.62 9.84 -36.01
N ASN C 226 4.09 9.39 -34.85
CA ASN C 226 4.48 10.34 -33.82
C ASN C 226 5.74 11.11 -34.19
N HIS C 227 6.54 10.58 -35.11
CA HIS C 227 7.74 11.28 -35.56
C HIS C 227 7.41 12.53 -36.35
N LEU C 228 6.29 12.56 -37.05
CA LEU C 228 5.87 13.77 -37.74
C LEU C 228 5.35 14.83 -36.78
N VAL C 229 4.69 14.40 -35.71
CA VAL C 229 4.20 15.34 -34.72
C VAL C 229 5.36 15.95 -33.96
N SER C 230 6.38 15.14 -33.66
CA SER C 230 7.54 15.62 -32.93
C SER C 230 8.37 16.60 -33.75
N ALA C 231 8.40 16.43 -35.07
CA ALA C 231 9.11 17.40 -35.90
C ALA C 231 8.39 18.73 -35.95
N THR C 232 7.06 18.71 -35.80
CA THR C 232 6.31 19.96 -35.79
C THR C 232 6.50 20.70 -34.48
N MET C 233 6.50 19.97 -33.36
CA MET C 233 6.66 20.58 -32.05
C MET C 233 8.04 21.20 -31.87
N SER C 234 9.08 20.58 -32.43
CA SER C 234 10.41 21.19 -32.37
C SER C 234 10.50 22.41 -33.27
N GLY C 235 9.79 22.41 -34.39
CA GLY C 235 9.84 23.52 -35.32
C GLY C 235 9.18 24.78 -34.83
N VAL C 236 8.33 24.70 -33.82
CA VAL C 236 7.72 25.91 -33.28
C VAL C 236 8.72 26.67 -32.42
N THR C 237 9.52 25.97 -31.63
CA THR C 237 10.46 26.58 -30.71
C THR C 237 11.89 26.53 -31.22
N THR C 238 12.09 26.36 -32.51
CA THR C 238 13.45 26.29 -33.03
C THR C 238 14.13 27.64 -33.09
N CYS C 239 13.38 28.74 -33.09
CA CYS C 239 13.99 30.06 -33.04
C CYS C 239 14.35 30.46 -31.62
N LEU C 240 13.77 29.80 -30.63
CA LEU C 240 14.11 30.12 -29.25
C LEU C 240 15.37 29.41 -28.81
N ARG C 241 15.75 28.33 -29.50
CA ARG C 241 16.92 27.55 -29.14
C ARG C 241 18.12 27.84 -30.02
N PHE C 242 17.97 28.66 -31.04
CA PHE C 242 19.05 28.90 -31.98
C PHE C 242 18.98 30.33 -32.46
N PRO C 243 20.13 30.94 -32.76
CA PRO C 243 20.10 32.28 -33.36
C PRO C 243 19.60 32.22 -34.79
N GLY C 244 18.89 33.27 -35.19
CA GLY C 244 18.37 33.36 -36.54
C GLY C 244 18.40 34.79 -37.01
N GLN C 245 18.12 34.96 -38.30
CA GLN C 245 18.10 36.30 -38.87
C GLN C 245 16.87 37.06 -38.41
N LEU C 246 15.73 36.41 -38.35
CA LEU C 246 14.50 37.00 -37.84
C LEU C 246 13.90 36.04 -36.82
N ASN C 247 13.93 36.43 -35.56
CA ASN C 247 13.64 35.53 -34.45
C ASN C 247 12.22 35.73 -33.93
N ALA C 248 11.61 34.64 -33.50
CA ALA C 248 10.32 34.65 -32.84
C ALA C 248 10.36 33.66 -31.69
N ASP C 249 9.29 33.63 -30.91
CA ASP C 249 9.21 32.70 -29.80
C ASP C 249 7.75 32.28 -29.60
N LEU C 250 7.46 31.69 -28.44
CA LEU C 250 6.10 31.31 -28.13
C LEU C 250 5.24 32.51 -27.80
N ARG C 251 5.83 33.61 -27.35
CA ARG C 251 5.06 34.80 -27.05
C ARG C 251 4.63 35.53 -28.32
N LYS C 252 5.53 35.62 -29.30
CA LYS C 252 5.23 36.37 -30.51
C LYS C 252 4.20 35.67 -31.39
N LEU C 253 4.03 34.37 -31.22
CA LEU C 253 2.97 33.69 -31.96
C LEU C 253 1.61 34.00 -31.38
N ALA C 254 1.51 34.06 -30.05
CA ALA C 254 0.23 34.32 -29.41
C ALA C 254 -0.25 35.75 -29.61
N VAL C 255 0.67 36.67 -29.91
CA VAL C 255 0.26 38.02 -30.26
C VAL C 255 -0.21 38.09 -31.71
N ASN C 256 0.53 37.44 -32.60
CA ASN C 256 0.20 37.51 -34.02
C ASN C 256 -0.99 36.64 -34.37
N MET C 257 -0.94 35.36 -34.01
CA MET C 257 -1.89 34.40 -34.54
C MET C 257 -3.24 34.44 -33.85
N VAL C 258 -3.39 35.14 -32.74
CA VAL C 258 -4.60 35.11 -31.95
C VAL C 258 -5.20 36.50 -31.94
N PRO C 259 -6.17 36.78 -32.81
CA PRO C 259 -6.80 38.11 -32.83
C PRO C 259 -7.89 38.31 -31.81
N PHE C 260 -8.40 37.23 -31.23
CA PHE C 260 -9.51 37.29 -30.29
C PHE C 260 -9.28 36.25 -29.21
N PRO C 261 -9.66 36.53 -27.96
CA PRO C 261 -9.23 35.67 -26.84
C PRO C 261 -9.87 34.29 -26.82
N ARG C 262 -10.77 33.97 -27.74
CA ARG C 262 -11.33 32.63 -27.85
C ARG C 262 -10.79 31.87 -29.06
N LEU C 263 -10.66 32.54 -30.20
CA LEU C 263 -10.31 31.90 -31.47
C LEU C 263 -8.82 31.58 -31.46
N HIS C 264 -8.46 30.50 -30.79
CA HIS C 264 -7.05 30.15 -30.68
C HIS C 264 -6.78 28.68 -30.95
N PHE C 265 -7.55 28.08 -31.87
CA PHE C 265 -7.31 26.70 -32.28
C PHE C 265 -6.68 26.72 -33.65
N PHE C 266 -5.58 26.01 -33.80
CA PHE C 266 -4.74 26.12 -34.98
C PHE C 266 -4.81 24.84 -35.81
N MET C 267 -4.00 24.79 -36.86
CA MET C 267 -3.73 23.56 -37.55
C MET C 267 -2.26 23.62 -37.92
N PRO C 268 -1.52 22.56 -37.73
CA PRO C 268 -0.09 22.58 -38.07
C PRO C 268 0.18 22.21 -39.51
N GLY C 269 1.46 22.14 -39.87
CA GLY C 269 1.86 21.81 -41.22
C GLY C 269 3.36 21.76 -41.34
N PHE C 270 3.89 20.76 -42.04
CA PHE C 270 5.32 20.55 -42.12
C PHE C 270 5.73 20.38 -43.58
N ALA C 271 6.95 20.80 -43.89
CA ALA C 271 7.51 20.70 -45.22
C ALA C 271 9.02 20.72 -45.10
N PRO C 272 9.76 20.01 -45.98
CA PRO C 272 9.34 19.14 -47.07
C PRO C 272 9.07 17.72 -46.63
N LEU C 273 8.31 16.97 -47.43
CA LEU C 273 8.00 15.57 -47.17
C LEU C 273 8.18 14.80 -48.47
N THR C 274 9.34 14.19 -48.63
CA THR C 274 9.64 13.44 -49.84
C THR C 274 9.26 11.97 -49.66
N SER C 275 9.69 11.13 -50.57
CA SER C 275 9.60 9.69 -50.43
C SER C 275 11.00 9.12 -50.24
N ARG C 276 11.08 7.80 -50.19
CA ARG C 276 12.38 7.14 -50.04
C ARG C 276 13.17 7.15 -51.33
N GLY C 277 12.50 7.18 -52.48
CA GLY C 277 13.19 7.20 -53.76
C GLY C 277 12.88 8.42 -54.58
N SER C 278 11.71 9.02 -54.33
CA SER C 278 11.27 10.20 -55.06
C SER C 278 11.88 11.49 -54.55
N GLN C 279 12.82 11.41 -53.61
CA GLN C 279 13.49 12.59 -53.08
C GLN C 279 14.45 13.22 -54.09
N GLN C 280 14.94 12.46 -55.06
CA GLN C 280 15.88 12.98 -56.04
C GLN C 280 15.20 13.64 -57.23
N TYR C 281 13.90 13.42 -57.42
CA TYR C 281 13.16 14.07 -58.50
C TYR C 281 12.51 15.36 -58.02
N ARG C 282 13.29 16.22 -57.36
CA ARG C 282 12.75 17.39 -56.69
C ARG C 282 13.89 18.31 -56.31
N ALA C 283 13.71 19.61 -56.53
CA ALA C 283 14.68 20.62 -56.13
C ALA C 283 14.24 21.25 -54.82
N LEU C 284 15.21 21.64 -53.99
CA LEU C 284 14.92 22.19 -52.65
C LEU C 284 15.07 23.70 -52.70
N THR C 285 14.02 24.38 -53.16
CA THR C 285 13.98 25.83 -53.18
C THR C 285 12.86 26.31 -52.28
N VAL C 286 12.91 27.60 -51.95
CA VAL C 286 11.87 28.20 -51.13
C VAL C 286 10.50 28.22 -51.79
N PRO C 287 10.33 28.52 -53.10
CA PRO C 287 9.00 28.31 -53.69
C PRO C 287 8.58 26.86 -53.78
N GLU C 288 9.51 25.92 -53.74
CA GLU C 288 9.10 24.53 -53.65
C GLU C 288 8.61 24.19 -52.25
N LEU C 289 9.26 24.74 -51.22
CA LEU C 289 8.76 24.56 -49.86
C LEU C 289 7.52 25.40 -49.59
N THR C 290 7.27 26.43 -50.38
CA THR C 290 6.10 27.26 -50.18
C THR C 290 4.83 26.54 -50.62
N GLN C 291 4.83 26.01 -51.83
CA GLN C 291 3.66 25.38 -52.43
C GLN C 291 3.22 24.11 -51.72
N GLN C 292 4.08 23.48 -50.93
CA GLN C 292 3.71 22.30 -50.19
C GLN C 292 3.08 22.64 -48.85
N MET C 293 3.26 23.86 -48.35
CA MET C 293 2.69 24.21 -47.06
C MET C 293 1.24 24.68 -47.15
N PHE C 294 0.69 24.84 -48.35
CA PHE C 294 -0.63 25.45 -48.46
C PHE C 294 -1.68 24.57 -49.12
N ASP C 295 -1.30 23.45 -49.73
CA ASP C 295 -2.30 22.56 -50.25
C ASP C 295 -3.00 21.80 -49.12
N ALA C 296 -4.21 21.33 -49.39
CA ALA C 296 -5.02 20.71 -48.35
C ALA C 296 -4.49 19.34 -47.95
N LYS C 297 -3.72 18.69 -48.83
CA LYS C 297 -3.23 17.35 -48.55
C LYS C 297 -1.96 17.35 -47.71
N ASN C 298 -1.58 18.47 -47.09
CA ASN C 298 -0.43 18.50 -46.21
C ASN C 298 -0.83 19.02 -44.83
N MET C 299 -2.10 19.35 -44.66
CA MET C 299 -2.61 19.75 -43.36
C MET C 299 -2.63 18.54 -42.42
N MET C 300 -2.46 18.79 -41.14
CA MET C 300 -2.58 17.73 -40.15
C MET C 300 -3.89 17.75 -39.39
N ALA C 301 -4.83 18.60 -39.78
CA ALA C 301 -6.19 18.54 -39.29
C ALA C 301 -7.11 18.23 -40.45
N ALA C 302 -8.06 17.32 -40.23
CA ALA C 302 -8.94 16.86 -41.31
C ALA C 302 -10.01 17.93 -41.58
N CYS C 303 -9.58 18.98 -42.26
CA CYS C 303 -10.47 20.03 -42.73
C CYS C 303 -9.80 20.74 -43.90
N ASP C 304 -10.53 20.87 -45.00
CA ASP C 304 -10.02 21.59 -46.15
C ASP C 304 -10.11 23.08 -45.88
N PRO C 305 -9.01 23.83 -45.99
CA PRO C 305 -9.07 25.28 -45.80
C PRO C 305 -9.86 26.01 -46.88
N ARG C 306 -10.14 25.37 -48.01
CA ARG C 306 -10.91 26.00 -49.07
C ARG C 306 -12.37 26.20 -48.68
N HIS C 307 -12.87 25.45 -47.71
CA HIS C 307 -14.24 25.69 -47.24
C HIS C 307 -14.34 26.98 -46.44
N GLY C 308 -13.25 27.39 -45.80
CA GLY C 308 -13.29 28.60 -45.00
C GLY C 308 -12.27 29.63 -45.42
N ARG C 309 -11.91 30.52 -44.51
CA ARG C 309 -10.91 31.54 -44.76
C ARG C 309 -9.82 31.49 -43.69
N TYR C 310 -8.59 31.74 -44.10
CA TYR C 310 -7.53 31.94 -43.13
C TYR C 310 -7.72 33.28 -42.44
N LEU C 311 -7.20 33.37 -41.21
CA LEU C 311 -7.10 34.65 -40.52
C LEU C 311 -5.65 35.06 -40.34
N THR C 312 -4.84 34.21 -39.74
CA THR C 312 -3.43 34.48 -39.53
C THR C 312 -2.63 33.24 -39.93
N VAL C 313 -1.41 33.47 -40.40
CA VAL C 313 -0.55 32.40 -40.90
C VAL C 313 0.85 32.64 -40.37
N ALA C 314 1.40 31.67 -39.65
CA ALA C 314 2.80 31.68 -39.27
C ALA C 314 3.56 30.74 -40.19
N ALA C 315 4.84 31.00 -40.36
CA ALA C 315 5.70 30.19 -41.23
C ALA C 315 7.12 30.27 -40.69
N VAL C 316 7.54 29.22 -39.98
CA VAL C 316 8.85 29.20 -39.34
C VAL C 316 9.81 28.44 -40.25
N PHE C 317 10.73 29.15 -40.88
CA PHE C 317 11.68 28.55 -41.80
C PHE C 317 12.98 28.23 -41.09
N ARG C 318 13.62 27.15 -41.54
CA ARG C 318 14.89 26.73 -40.97
C ARG C 318 15.89 26.54 -42.10
N GLY C 319 17.16 26.80 -41.80
CA GLY C 319 18.20 26.74 -42.80
C GLY C 319 18.42 28.08 -43.49
N ARG C 320 19.59 28.20 -44.11
CA ARG C 320 19.96 29.48 -44.71
C ARG C 320 19.28 29.67 -46.05
N MET C 321 18.75 30.87 -46.27
CA MET C 321 17.95 31.19 -47.44
C MET C 321 17.87 32.69 -47.59
N SER C 322 17.52 33.13 -48.80
CA SER C 322 17.41 34.56 -49.08
C SER C 322 16.09 35.09 -48.54
N MET C 323 16.17 36.23 -47.85
CA MET C 323 14.96 36.81 -47.27
C MET C 323 14.08 37.44 -48.33
N LYS C 324 14.66 37.89 -49.44
CA LYS C 324 13.86 38.39 -50.56
C LYS C 324 13.05 37.25 -51.17
N GLU C 325 13.64 36.06 -51.24
CA GLU C 325 12.95 34.91 -51.81
C GLU C 325 11.77 34.48 -50.96
N VAL C 326 11.89 34.60 -49.65
CA VAL C 326 10.80 34.21 -48.76
C VAL C 326 9.68 35.23 -48.82
N ASP C 327 10.01 36.51 -48.76
CA ASP C 327 9.01 37.56 -48.67
C ASP C 327 8.21 37.73 -49.96
N GLU C 328 8.81 37.40 -51.11
CA GLU C 328 8.08 37.50 -52.36
C GLU C 328 7.05 36.39 -52.49
N GLN C 329 7.40 35.18 -52.04
CA GLN C 329 6.48 34.06 -52.12
C GLN C 329 5.32 34.23 -51.16
N MET C 330 5.57 34.78 -49.97
CA MET C 330 4.50 35.06 -49.04
C MET C 330 3.58 36.16 -49.54
N LEU C 331 4.09 37.06 -50.37
CA LEU C 331 3.23 38.00 -51.06
C LEU C 331 2.49 37.35 -52.21
N ASN C 332 3.15 36.44 -52.92
CA ASN C 332 2.58 35.82 -54.12
C ASN C 332 1.38 34.95 -53.78
N VAL C 333 1.49 34.13 -52.73
CA VAL C 333 0.39 33.24 -52.35
C VAL C 333 -0.78 33.98 -51.76
N GLN C 334 -0.60 35.24 -51.36
CA GLN C 334 -1.70 36.03 -50.85
C GLN C 334 -2.48 36.73 -51.96
N ASN C 335 -1.82 37.07 -53.07
CA ASN C 335 -2.54 37.75 -54.14
C ASN C 335 -3.38 36.79 -54.97
N LYS C 336 -2.84 35.60 -55.28
CA LYS C 336 -3.59 34.69 -56.12
C LYS C 336 -4.73 34.02 -55.37
N ASN C 337 -4.56 33.74 -54.08
CA ASN C 337 -5.65 33.23 -53.25
C ASN C 337 -6.32 34.36 -52.48
N SER C 338 -6.74 35.40 -53.20
CA SER C 338 -7.30 36.58 -52.54
C SER C 338 -8.69 36.32 -51.98
N SER C 339 -9.37 35.28 -52.44
CA SER C 339 -10.65 34.92 -51.86
C SER C 339 -10.52 34.00 -50.66
N TYR C 340 -9.38 33.35 -50.49
CA TYR C 340 -9.21 32.39 -49.42
C TYR C 340 -8.68 33.01 -48.14
N PHE C 341 -8.26 34.26 -48.16
CA PHE C 341 -7.87 34.95 -46.94
C PHE C 341 -8.97 35.90 -46.51
N VAL C 342 -8.90 36.32 -45.25
CA VAL C 342 -9.87 37.26 -44.72
C VAL C 342 -9.52 38.65 -45.24
N GLU C 343 -10.52 39.51 -45.37
CA GLU C 343 -10.33 40.81 -46.00
C GLU C 343 -9.82 41.85 -45.03
N TRP C 344 -10.40 41.93 -43.84
CA TRP C 344 -10.14 43.03 -42.92
C TRP C 344 -8.86 42.86 -42.11
N ILE C 345 -7.99 41.93 -42.47
CA ILE C 345 -6.65 41.82 -41.92
C ILE C 345 -5.66 41.86 -43.07
N PRO C 346 -4.96 42.98 -43.27
CA PRO C 346 -3.92 43.03 -44.29
C PRO C 346 -2.58 42.55 -43.75
N ASN C 347 -1.81 41.94 -44.65
CA ASN C 347 -0.52 41.29 -44.35
C ASN C 347 -0.65 40.29 -43.21
N ASN C 348 -1.41 39.24 -43.51
CA ASN C 348 -1.78 38.24 -42.51
C ASN C 348 -0.85 37.04 -42.51
N VAL C 349 0.43 37.25 -42.82
CA VAL C 349 1.44 36.20 -42.79
C VAL C 349 2.58 36.68 -41.91
N LYS C 350 2.89 35.90 -40.87
CA LYS C 350 4.03 36.18 -40.01
C LYS C 350 5.15 35.21 -40.32
N THR C 351 6.36 35.72 -40.51
CA THR C 351 7.49 34.94 -40.99
C THR C 351 8.61 34.99 -39.96
N ALA C 352 9.17 33.82 -39.65
CA ALA C 352 10.34 33.73 -38.79
C ALA C 352 11.34 32.80 -39.45
N VAL C 353 12.60 33.19 -39.47
CA VAL C 353 13.64 32.44 -40.16
C VAL C 353 14.75 32.12 -39.16
N CYS C 354 14.99 30.84 -38.94
CA CYS C 354 16.10 30.41 -38.10
C CYS C 354 17.34 30.22 -38.96
N ASP C 355 18.38 29.61 -38.40
CA ASP C 355 19.60 29.39 -39.15
C ASP C 355 19.97 27.92 -39.30
N ILE C 356 19.69 27.10 -38.31
CA ILE C 356 20.17 25.71 -38.27
C ILE C 356 19.05 24.80 -38.80
N PRO C 357 19.31 23.99 -39.82
CA PRO C 357 18.27 23.11 -40.34
C PRO C 357 18.06 21.92 -39.42
N PRO C 358 17.03 21.10 -39.66
CA PRO C 358 16.95 19.81 -38.97
C PRO C 358 18.07 18.88 -39.38
N ARG C 359 18.24 17.82 -38.58
CA ARG C 359 19.36 16.90 -38.74
C ARG C 359 19.18 16.08 -40.01
N GLY C 360 20.10 16.25 -40.96
CA GLY C 360 20.08 15.48 -42.18
C GLY C 360 19.61 16.27 -43.38
N LEU C 361 18.80 17.30 -43.15
CA LEU C 361 18.25 18.10 -44.21
C LEU C 361 19.05 19.38 -44.39
N LYS C 362 18.77 20.09 -45.48
CA LYS C 362 19.41 21.36 -45.78
C LYS C 362 18.53 22.54 -45.41
N MET C 363 17.22 22.43 -45.62
CA MET C 363 16.28 23.45 -45.21
C MET C 363 14.92 22.82 -44.97
N SER C 364 14.11 23.48 -44.17
CA SER C 364 12.78 22.98 -43.83
C SER C 364 11.89 24.17 -43.46
N ALA C 365 10.64 23.89 -43.13
CA ALA C 365 9.68 24.92 -42.80
C ALA C 365 8.64 24.33 -41.87
N THR C 366 7.77 25.19 -41.35
CA THR C 366 6.71 24.75 -40.44
C THR C 366 5.53 25.70 -40.59
N PHE C 367 4.37 25.15 -40.90
CA PHE C 367 3.17 25.94 -41.14
C PHE C 367 2.29 25.89 -39.91
N ILE C 368 1.86 27.07 -39.44
CA ILE C 368 0.92 27.18 -38.32
C ILE C 368 -0.24 28.02 -38.83
N GLY C 369 -1.37 27.37 -39.10
CA GLY C 369 -2.47 28.08 -39.71
C GLY C 369 -3.70 28.25 -38.84
N ASN C 370 -4.16 29.49 -38.71
CA ASN C 370 -5.47 29.73 -38.13
C ASN C 370 -6.48 29.91 -39.26
N SER C 371 -7.68 29.37 -39.07
CA SER C 371 -8.67 29.42 -40.13
C SER C 371 -10.08 29.36 -39.56
N THR C 372 -11.04 29.67 -40.42
CA THR C 372 -12.44 29.37 -40.15
C THR C 372 -12.85 28.00 -40.63
N ALA C 373 -11.90 27.22 -41.16
CA ALA C 373 -12.23 25.90 -41.67
C ALA C 373 -12.34 24.85 -40.58
N ILE C 374 -12.03 25.19 -39.34
CA ILE C 374 -12.11 24.22 -38.26
C ILE C 374 -13.49 24.23 -37.64
N GLN C 375 -14.38 25.10 -38.14
CA GLN C 375 -15.74 25.09 -37.61
C GLN C 375 -16.49 23.83 -38.04
N GLU C 376 -16.08 23.22 -39.15
CA GLU C 376 -16.64 21.93 -39.53
C GLU C 376 -16.21 20.83 -38.56
N LEU C 377 -15.03 20.97 -37.97
CA LEU C 377 -14.58 20.03 -36.96
C LEU C 377 -15.41 20.16 -35.69
N PHE C 378 -15.80 21.37 -35.33
CA PHE C 378 -16.63 21.57 -34.16
C PHE C 378 -18.11 21.42 -34.45
N LYS C 379 -18.53 21.39 -35.71
CA LYS C 379 -19.89 20.96 -36.01
C LYS C 379 -20.05 19.48 -35.69
N ARG C 380 -19.09 18.66 -36.14
CA ARG C 380 -19.20 17.22 -36.05
C ARG C 380 -19.15 16.72 -34.62
N ILE C 381 -18.33 17.35 -33.77
CA ILE C 381 -18.33 16.98 -32.36
C ILE C 381 -19.62 17.43 -31.70
N SER C 382 -20.13 18.61 -32.07
CA SER C 382 -21.39 19.07 -31.50
C SER C 382 -22.58 18.29 -32.07
N GLU C 383 -22.47 17.80 -33.30
CA GLU C 383 -23.58 17.02 -33.86
C GLU C 383 -23.63 15.63 -33.25
N GLN C 384 -22.47 14.97 -33.14
CA GLN C 384 -22.42 13.64 -32.54
C GLN C 384 -22.67 13.68 -31.04
N PHE C 385 -22.50 14.84 -30.40
CA PHE C 385 -22.85 14.97 -28.99
C PHE C 385 -24.35 14.95 -28.81
N THR C 386 -25.06 15.82 -29.54
CA THR C 386 -26.51 15.90 -29.42
C THR C 386 -27.21 14.69 -30.00
N ALA C 387 -26.56 13.95 -30.89
CA ALA C 387 -27.13 12.69 -31.35
C ALA C 387 -27.14 11.64 -30.25
N MET C 388 -26.18 11.69 -29.34
CA MET C 388 -26.12 10.75 -28.23
C MET C 388 -26.82 11.26 -26.98
N PHE C 389 -26.83 12.57 -26.76
CA PHE C 389 -27.40 13.13 -25.55
C PHE C 389 -28.92 13.14 -25.54
N ARG C 390 -29.55 13.19 -26.71
CA ARG C 390 -31.01 13.26 -26.76
C ARG C 390 -31.67 11.96 -26.33
N ARG C 391 -30.96 10.83 -26.43
CA ARG C 391 -31.43 9.58 -25.88
C ARG C 391 -30.87 9.33 -24.48
N LYS C 392 -30.01 10.23 -23.98
CA LYS C 392 -29.37 10.15 -22.67
C LYS C 392 -28.60 8.84 -22.50
N ALA C 393 -28.01 8.36 -23.58
CA ALA C 393 -27.24 7.13 -23.54
C ALA C 393 -25.80 7.42 -23.13
N PHE C 394 -25.17 6.40 -22.52
CA PHE C 394 -23.84 6.48 -21.92
C PHE C 394 -23.74 7.61 -20.91
N LEU C 395 -24.81 7.81 -20.15
CA LEU C 395 -24.90 8.94 -19.24
C LEU C 395 -24.72 8.56 -17.78
N HIS C 396 -25.18 7.36 -17.40
CA HIS C 396 -25.07 6.94 -16.01
C HIS C 396 -23.65 6.62 -15.61
N TRP C 397 -22.75 6.44 -16.58
CA TRP C 397 -21.34 6.34 -16.23
C TRP C 397 -20.74 7.69 -15.86
N TYR C 398 -21.44 8.78 -16.12
CA TYR C 398 -20.96 10.11 -15.73
C TYR C 398 -21.74 10.70 -14.57
N THR C 399 -23.04 10.40 -14.49
CA THR C 399 -23.87 10.92 -13.41
C THR C 399 -23.46 10.29 -12.08
N GLY C 400 -23.12 9.00 -12.10
CA GLY C 400 -22.68 8.30 -10.91
C GLY C 400 -21.34 8.78 -10.37
N GLU C 401 -20.57 9.53 -11.15
CA GLU C 401 -19.36 10.18 -10.67
C GLU C 401 -19.62 11.56 -10.10
N GLY C 402 -20.87 11.88 -9.79
CA GLY C 402 -21.19 13.18 -9.24
C GLY C 402 -21.20 14.27 -10.29
N MET C 403 -22.14 14.19 -11.23
CA MET C 403 -22.27 15.20 -12.26
C MET C 403 -23.73 15.26 -12.68
N ASP C 404 -24.21 16.47 -12.94
CA ASP C 404 -25.59 16.69 -13.36
C ASP C 404 -25.67 16.94 -14.87
N GLU C 405 -26.89 16.94 -15.37
CA GLU C 405 -27.12 17.22 -16.79
C GLU C 405 -26.91 18.69 -17.12
N MET C 406 -26.96 19.57 -16.13
CA MET C 406 -26.69 20.99 -16.34
C MET C 406 -25.24 21.22 -16.75
N GLU C 407 -24.34 20.34 -16.29
CA GLU C 407 -22.95 20.38 -16.74
C GLU C 407 -22.83 20.11 -18.23
N PHE C 408 -23.65 19.21 -18.77
CA PHE C 408 -23.58 18.91 -20.19
C PHE C 408 -24.22 20.00 -21.03
N THR C 409 -25.28 20.64 -20.50
CA THR C 409 -26.02 21.61 -21.30
C THR C 409 -25.21 22.87 -21.52
N GLU C 410 -24.55 23.36 -20.47
CA GLU C 410 -23.73 24.56 -20.62
C GLU C 410 -22.45 24.28 -21.39
N ALA C 411 -21.96 23.04 -21.35
CA ALA C 411 -20.79 22.70 -22.14
C ALA C 411 -21.13 22.63 -23.62
N GLU C 412 -22.32 22.13 -23.95
CA GLU C 412 -22.75 22.10 -25.34
C GLU C 412 -23.13 23.49 -25.81
N SER C 413 -23.68 24.31 -24.91
CA SER C 413 -24.03 25.69 -25.28
C SER C 413 -22.78 26.53 -25.50
N ASN C 414 -21.68 26.19 -24.83
CA ASN C 414 -20.43 26.90 -25.05
C ASN C 414 -19.88 26.63 -26.44
N MET C 415 -20.04 25.40 -26.94
CA MET C 415 -19.47 25.06 -28.22
C MET C 415 -20.27 25.68 -29.36
N ASN C 416 -21.60 25.76 -29.22
CA ASN C 416 -22.41 26.44 -30.23
C ASN C 416 -22.18 27.94 -30.23
N ASP C 417 -21.70 28.51 -29.14
CA ASP C 417 -21.25 29.89 -29.19
C ASP C 417 -19.97 30.03 -30.00
N LEU C 418 -19.12 29.01 -29.95
CA LEU C 418 -17.88 29.04 -30.71
C LEU C 418 -18.13 28.85 -32.20
N VAL C 419 -19.14 28.04 -32.54
CA VAL C 419 -19.48 27.82 -33.94
C VAL C 419 -20.01 29.10 -34.58
N SER C 420 -20.81 29.86 -33.85
CA SER C 420 -21.34 31.12 -34.36
C SER C 420 -20.27 32.19 -34.54
N GLU C 421 -19.17 32.10 -33.78
CA GLU C 421 -18.11 33.10 -33.91
C GLU C 421 -17.31 32.92 -35.19
N TYR C 422 -16.91 31.68 -35.49
CA TYR C 422 -16.22 31.43 -36.75
C TYR C 422 -17.13 31.63 -37.94
N GLN C 423 -18.44 31.46 -37.76
CA GLN C 423 -19.36 31.77 -38.83
C GLN C 423 -19.49 33.27 -39.05
N GLN C 424 -19.38 34.05 -37.97
CA GLN C 424 -19.56 35.49 -38.08
C GLN C 424 -18.37 36.16 -38.75
N TYR C 425 -17.16 35.82 -38.33
CA TYR C 425 -15.98 36.44 -38.90
C TYR C 425 -15.61 35.88 -40.26
N GLN C 426 -16.25 34.81 -40.71
CA GLN C 426 -16.02 34.34 -42.07
C GLN C 426 -16.68 35.27 -43.08
N ASP C 427 -17.81 35.88 -42.73
CA ASP C 427 -18.51 36.75 -43.65
C ASP C 427 -18.55 38.19 -43.13
N ALA C 428 -17.44 38.65 -42.58
CA ALA C 428 -17.35 40.04 -42.17
C ALA C 428 -17.06 40.92 -43.37
N THR C 429 -17.19 42.23 -43.18
CA THR C 429 -16.97 43.19 -44.25
C THR C 429 -16.55 44.55 -43.70
N MET D 1 40.87 21.74 24.18
CA MET D 1 39.90 22.21 25.16
C MET D 1 38.49 21.95 24.68
N ARG D 2 37.51 22.38 25.50
CA ARG D 2 36.08 22.28 25.23
C ARG D 2 35.64 20.84 25.01
N GLU D 3 36.05 19.97 25.94
CA GLU D 3 35.80 18.55 25.82
C GLU D 3 34.35 18.22 26.12
N ILE D 4 33.87 17.14 25.52
CA ILE D 4 32.48 16.70 25.61
C ILE D 4 32.45 15.28 26.16
N VAL D 5 31.67 15.06 27.21
CA VAL D 5 31.48 13.74 27.79
C VAL D 5 30.16 13.18 27.28
N HIS D 6 30.21 12.00 26.68
CA HIS D 6 29.05 11.38 26.05
C HIS D 6 28.52 10.26 26.95
N ILE D 7 27.24 10.33 27.28
CA ILE D 7 26.60 9.40 28.20
C ILE D 7 25.51 8.67 27.45
N GLN D 8 25.41 7.36 27.65
CA GLN D 8 24.41 6.53 26.99
C GLN D 8 23.59 5.78 28.01
N ALA D 9 22.31 5.56 27.70
CA ALA D 9 21.41 4.89 28.62
C ALA D 9 20.29 4.23 27.84
N GLY D 10 19.84 3.08 28.34
CA GLY D 10 18.75 2.35 27.71
C GLY D 10 19.22 1.44 26.59
N GLN D 11 18.34 0.55 26.13
CA GLN D 11 18.67 -0.30 24.99
C GLN D 11 18.78 0.52 23.72
N CYS D 12 17.91 1.52 23.56
CA CYS D 12 17.95 2.38 22.39
C CYS D 12 19.18 3.28 22.40
N GLY D 13 19.45 3.91 23.54
CA GLY D 13 20.56 4.85 23.63
C GLY D 13 21.92 4.23 23.49
N ASN D 14 22.03 2.91 23.67
CA ASN D 14 23.31 2.26 23.46
C ASN D 14 23.51 1.90 21.99
N GLN D 15 22.45 1.43 21.33
CA GLN D 15 22.58 1.06 19.93
C GLN D 15 22.69 2.27 19.02
N ILE D 16 22.23 3.45 19.46
CA ILE D 16 22.52 4.67 18.72
C ILE D 16 24.00 4.99 18.82
N GLY D 17 24.55 4.96 20.03
CA GLY D 17 25.93 5.29 20.24
C GLY D 17 26.90 4.30 19.64
N ALA D 18 26.51 3.02 19.61
CA ALA D 18 27.35 1.99 19.00
C ALA D 18 27.53 2.20 17.51
N LYS D 19 26.56 2.82 16.85
CA LYS D 19 26.76 3.29 15.49
C LYS D 19 27.41 4.66 15.47
N PHE D 20 27.14 5.48 16.47
CA PHE D 20 27.64 6.86 16.50
C PHE D 20 29.15 6.92 16.63
N TRP D 21 29.72 6.12 17.54
CA TRP D 21 31.17 6.12 17.68
C TRP D 21 31.88 5.49 16.50
N GLU D 22 31.17 4.69 15.71
CA GLU D 22 31.74 4.26 14.44
C GLU D 22 31.83 5.41 13.45
N VAL D 23 30.88 6.36 13.52
CA VAL D 23 30.89 7.49 12.61
C VAL D 23 32.02 8.46 12.96
N ILE D 24 32.19 8.74 14.25
CA ILE D 24 33.19 9.71 14.68
C ILE D 24 34.59 9.18 14.43
N SER D 25 34.78 7.87 14.58
CA SER D 25 36.07 7.27 14.26
C SER D 25 36.36 7.27 12.77
N ASP D 26 35.32 7.36 11.93
CA ASP D 26 35.56 7.47 10.50
C ASP D 26 36.05 8.86 10.12
N GLU D 27 35.54 9.90 10.78
CA GLU D 27 35.92 11.26 10.44
C GLU D 27 37.35 11.56 10.88
N HIS D 28 37.75 11.01 12.01
CA HIS D 28 39.12 11.19 12.46
C HIS D 28 40.05 10.08 12.03
N GLY D 29 39.55 9.07 11.31
CA GLY D 29 40.38 8.00 10.81
C GLY D 29 40.97 7.12 11.88
N ILE D 30 40.11 6.43 12.62
CA ILE D 30 40.52 5.60 13.74
C ILE D 30 40.13 4.16 13.46
N ASP D 31 41.08 3.25 13.60
CA ASP D 31 40.83 1.83 13.45
C ASP D 31 39.97 1.31 14.61
N PRO D 32 39.40 0.11 14.50
CA PRO D 32 38.75 -0.50 15.67
C PRO D 32 39.70 -0.86 16.79
N THR D 33 41.01 -0.92 16.53
CA THR D 33 41.98 -1.14 17.60
C THR D 33 42.06 0.06 18.52
N GLY D 34 42.26 1.25 17.95
CA GLY D 34 42.38 2.46 18.75
C GLY D 34 43.56 3.30 18.35
N SER D 35 44.27 2.87 17.31
CA SER D 35 45.42 3.59 16.80
C SER D 35 44.94 4.66 15.81
N TYR D 36 45.87 5.25 15.08
CA TYR D 36 45.57 6.32 14.13
C TYR D 36 46.09 5.94 12.75
N HIS D 37 45.24 6.09 11.74
CA HIS D 37 45.62 5.79 10.38
C HIS D 37 45.08 6.84 9.42
N GLY D 38 45.10 8.10 9.84
CA GLY D 38 44.59 9.17 9.01
C GLY D 38 45.59 9.62 7.96
N ASP D 39 45.28 10.75 7.35
CA ASP D 39 46.11 11.28 6.27
C ASP D 39 46.51 12.73 6.50
N SER D 40 45.64 13.51 7.12
CA SER D 40 45.89 14.92 7.37
C SER D 40 45.98 15.19 8.86
N ASP D 41 46.73 16.23 9.22
CA ASP D 41 46.92 16.60 10.61
C ASP D 41 45.72 17.34 11.21
N LEU D 42 44.71 17.66 10.41
CA LEU D 42 43.51 18.29 10.95
C LEU D 42 42.67 17.30 11.75
N GLN D 43 42.82 16.01 11.49
CA GLN D 43 42.08 15.01 12.25
C GLN D 43 42.57 14.91 13.68
N LEU D 44 43.86 15.15 13.90
CA LEU D 44 44.43 15.10 15.24
C LEU D 44 44.49 16.45 15.92
N GLU D 45 44.02 17.51 15.26
CA GLU D 45 44.17 18.85 15.83
C GLU D 45 43.22 19.06 17.00
N ARG D 46 41.96 18.67 16.83
CA ARG D 46 40.97 18.78 17.90
C ARG D 46 40.49 17.41 18.36
N ILE D 47 41.40 16.44 18.46
CA ILE D 47 41.01 15.07 18.76
C ILE D 47 40.60 14.89 20.21
N ASN D 48 40.99 15.81 21.10
CA ASN D 48 40.79 15.62 22.53
C ASN D 48 39.35 15.77 22.99
N VAL D 49 38.46 16.27 22.13
CA VAL D 49 37.10 16.56 22.58
C VAL D 49 36.31 15.27 22.76
N TYR D 50 36.55 14.26 21.92
CA TYR D 50 35.88 12.96 22.07
C TYR D 50 36.86 11.85 22.42
N TYR D 51 38.11 12.19 22.74
CA TYR D 51 39.11 11.16 22.95
C TYR D 51 40.06 11.56 24.06
N ASN D 52 40.69 10.55 24.64
CA ASN D 52 41.79 10.72 25.58
C ASN D 52 42.97 9.92 25.06
N GLU D 53 44.13 10.57 24.96
CA GLU D 53 45.30 9.87 24.48
C GLU D 53 45.85 8.96 25.57
N ALA D 54 45.71 7.66 25.37
CA ALA D 54 46.30 6.71 26.29
C ALA D 54 47.77 6.50 25.98
N ALA D 55 48.42 5.69 26.80
CA ALA D 55 49.83 5.39 26.62
C ALA D 55 50.01 4.46 25.42
N GLY D 56 50.89 4.84 24.51
CA GLY D 56 51.13 4.02 23.33
C GLY D 56 50.48 4.61 22.10
N ASN D 57 50.14 5.90 22.18
CA ASN D 57 49.50 6.67 21.11
C ASN D 57 48.18 6.03 20.66
N LYS D 58 47.42 5.57 21.65
CA LYS D 58 46.10 5.01 21.40
C LYS D 58 45.06 5.94 22.02
N TYR D 59 43.90 6.01 21.39
CA TYR D 59 42.84 6.90 21.81
C TYR D 59 41.62 6.10 22.22
N VAL D 60 41.00 6.51 23.32
CA VAL D 60 39.78 5.84 23.79
C VAL D 60 38.64 6.84 23.76
N PRO D 61 37.42 6.41 23.52
CA PRO D 61 36.29 7.34 23.57
C PRO D 61 35.97 7.73 25.00
N ARG D 62 35.60 9.00 25.18
CA ARG D 62 35.19 9.51 26.47
C ARG D 62 33.69 9.26 26.64
N ALA D 63 33.36 7.99 26.86
CA ALA D 63 31.98 7.55 26.88
C ALA D 63 31.64 6.83 28.17
N ILE D 64 30.41 6.99 28.62
CA ILE D 64 29.88 6.30 29.78
C ILE D 64 28.62 5.56 29.36
N LEU D 65 28.59 4.26 29.62
CA LEU D 65 27.54 3.40 29.12
C LEU D 65 26.79 2.78 30.29
N VAL D 66 25.49 3.03 30.36
CA VAL D 66 24.67 2.70 31.53
C VAL D 66 23.53 1.79 31.09
N ASP D 67 23.32 0.70 31.83
CA ASP D 67 22.17 -0.17 31.61
C ASP D 67 21.84 -0.82 32.95
N LEU D 68 20.69 -1.50 32.99
CA LEU D 68 20.30 -2.28 34.16
C LEU D 68 20.41 -3.78 33.96
N GLU D 69 20.63 -4.24 32.73
CA GLU D 69 20.87 -5.65 32.46
C GLU D 69 22.05 -5.74 31.50
N PRO D 70 22.82 -6.81 31.54
CA PRO D 70 23.98 -6.89 30.65
C PRO D 70 23.66 -7.44 29.27
N GLY D 71 22.38 -7.54 28.93
CA GLY D 71 22.00 -8.08 27.64
C GLY D 71 22.36 -7.21 26.46
N THR D 72 22.49 -5.91 26.66
CA THR D 72 22.86 -5.00 25.60
C THR D 72 24.33 -4.63 25.62
N MET D 73 24.93 -4.55 26.80
CA MET D 73 26.35 -4.24 26.91
C MET D 73 27.20 -5.38 26.37
N ASP D 74 26.72 -6.61 26.46
CA ASP D 74 27.42 -7.73 25.85
C ASP D 74 27.37 -7.64 24.34
N SER D 75 26.30 -7.08 23.79
CA SER D 75 26.20 -6.92 22.34
C SER D 75 27.15 -5.85 21.83
N VAL D 76 27.42 -4.83 22.65
CA VAL D 76 28.29 -3.75 22.22
C VAL D 76 29.74 -4.21 22.18
N ARG D 77 30.19 -4.89 23.22
CA ARG D 77 31.58 -5.35 23.28
C ARG D 77 31.84 -6.51 22.33
N SER D 78 30.80 -7.17 21.83
CA SER D 78 30.99 -8.27 20.90
C SER D 78 31.15 -7.80 19.47
N GLY D 79 30.47 -6.72 19.09
CA GLY D 79 30.52 -6.24 17.73
C GLY D 79 31.81 -5.52 17.41
N PRO D 80 31.95 -5.05 16.17
CA PRO D 80 33.09 -4.23 15.81
C PRO D 80 32.99 -2.86 16.47
N PHE D 81 34.16 -2.24 16.67
CA PHE D 81 34.33 -1.02 17.46
C PHE D 81 33.79 -1.20 18.87
N GLY D 82 33.99 -2.38 19.43
CA GLY D 82 33.61 -2.65 20.80
C GLY D 82 34.85 -2.73 21.65
N GLN D 83 35.97 -3.09 21.03
CA GLN D 83 37.25 -3.12 21.70
C GLN D 83 37.80 -1.74 21.99
N ILE D 84 37.25 -0.69 21.37
CA ILE D 84 37.80 0.64 21.50
C ILE D 84 37.45 1.28 22.85
N PHE D 85 36.36 0.85 23.48
CA PHE D 85 35.91 1.45 24.73
C PHE D 85 36.81 1.05 25.89
N ARG D 86 36.62 1.71 27.00
CA ARG D 86 37.33 1.27 28.18
C ARG D 86 36.43 0.35 29.01
N PRO D 87 36.98 -0.77 29.51
CA PRO D 87 36.15 -1.72 30.27
C PRO D 87 35.67 -1.20 31.60
N ASP D 88 36.23 -0.11 32.11
CA ASP D 88 35.74 0.47 33.36
C ASP D 88 34.42 1.17 33.17
N ASN D 89 34.14 1.68 31.97
CA ASN D 89 32.95 2.51 31.78
C ASN D 89 31.66 1.71 31.70
N PHE D 90 31.73 0.40 31.44
CA PHE D 90 30.52 -0.39 31.29
C PHE D 90 29.85 -0.63 32.63
N VAL D 91 29.04 0.32 33.08
CA VAL D 91 28.33 0.22 34.34
C VAL D 91 26.99 -0.43 34.08
N PHE D 92 26.70 -1.53 34.78
CA PHE D 92 25.45 -2.23 34.56
C PHE D 92 25.06 -2.98 35.83
N GLY D 93 23.76 -2.99 36.11
CA GLY D 93 23.20 -3.76 37.20
C GLY D 93 22.82 -5.15 36.77
N GLN D 94 21.93 -5.77 37.54
CA GLN D 94 21.49 -7.13 37.26
C GLN D 94 19.98 -7.31 37.21
N SER D 95 19.19 -6.41 37.79
CA SER D 95 17.75 -6.64 37.89
C SER D 95 17.04 -6.40 36.58
N GLY D 96 17.45 -5.40 35.81
CA GLY D 96 16.70 -5.03 34.63
C GLY D 96 15.58 -4.07 34.95
N ALA D 97 15.27 -3.15 34.03
CA ALA D 97 14.25 -2.15 34.30
C ALA D 97 12.86 -2.75 34.28
N GLY D 98 12.62 -3.70 33.38
CA GLY D 98 11.28 -4.23 33.23
C GLY D 98 10.31 -3.30 32.56
N ASN D 99 10.81 -2.31 31.80
CA ASN D 99 10.02 -1.33 31.06
C ASN D 99 9.09 -0.56 32.00
N ASN D 100 9.71 0.05 33.00
CA ASN D 100 9.02 0.65 34.12
C ASN D 100 9.81 1.90 34.51
N TRP D 101 9.12 3.04 34.56
CA TRP D 101 9.81 4.28 34.88
C TRP D 101 10.14 4.36 36.36
N ALA D 102 9.23 3.90 37.21
CA ALA D 102 9.44 4.00 38.65
C ALA D 102 10.56 3.08 39.12
N LYS D 103 10.72 1.93 38.47
CA LYS D 103 11.88 1.09 38.78
C LYS D 103 13.18 1.73 38.30
N GLY D 104 13.13 2.47 37.19
CA GLY D 104 14.33 3.15 36.73
C GLY D 104 14.68 4.39 37.51
N HIS D 105 13.75 4.90 38.31
CA HIS D 105 13.95 6.18 38.99
C HIS D 105 14.02 6.04 40.50
N TYR D 106 13.47 4.97 41.07
CA TYR D 106 13.48 4.79 42.52
C TYR D 106 14.21 3.53 42.95
N THR D 107 13.84 2.37 42.40
CA THR D 107 14.37 1.12 42.94
C THR D 107 15.76 0.80 42.41
N GLU D 108 15.88 0.59 41.10
CA GLU D 108 17.19 0.26 40.55
C GLU D 108 18.00 1.49 40.19
N GLY D 109 17.38 2.66 40.14
CA GLY D 109 18.14 3.88 39.92
C GLY D 109 18.97 4.26 41.12
N ALA D 110 18.41 4.13 42.32
CA ALA D 110 19.15 4.52 43.52
C ALA D 110 20.25 3.53 43.85
N GLU D 111 20.14 2.30 43.38
CA GLU D 111 21.16 1.31 43.65
C GLU D 111 22.27 1.29 42.60
N LEU D 112 22.27 2.24 41.67
CA LEU D 112 23.25 2.26 40.61
C LEU D 112 23.90 3.62 40.41
N VAL D 113 23.21 4.71 40.75
CA VAL D 113 23.62 6.05 40.36
C VAL D 113 24.91 6.47 41.06
N ASP D 114 25.20 5.90 42.23
CA ASP D 114 26.44 6.23 42.92
C ASP D 114 27.64 5.62 42.21
N SER D 115 27.47 4.44 41.62
CA SER D 115 28.55 3.87 40.82
C SER D 115 28.69 4.61 39.50
N VAL D 116 27.62 5.23 39.01
CA VAL D 116 27.72 5.99 37.78
C VAL D 116 28.40 7.32 38.00
N LEU D 117 27.97 8.05 39.04
CA LEU D 117 28.49 9.39 39.29
C LEU D 117 29.95 9.40 39.72
N ASP D 118 30.50 8.27 40.16
CA ASP D 118 31.94 8.20 40.34
C ASP D 118 32.66 8.19 39.00
N VAL D 119 32.09 7.52 38.01
CA VAL D 119 32.73 7.49 36.69
C VAL D 119 32.53 8.82 35.98
N VAL D 120 31.40 9.49 36.22
CA VAL D 120 31.18 10.82 35.68
C VAL D 120 32.18 11.81 36.26
N ARG D 121 32.41 11.72 37.57
CA ARG D 121 33.32 12.65 38.23
C ARG D 121 34.76 12.37 37.84
N LYS D 122 35.09 11.12 37.51
CA LYS D 122 36.44 10.82 37.05
C LYS D 122 36.69 11.40 35.67
N GLU D 123 35.71 11.28 34.78
CA GLU D 123 35.86 11.83 33.44
C GLU D 123 35.84 13.35 33.42
N SER D 124 35.18 13.97 34.39
CA SER D 124 35.15 15.43 34.44
C SER D 124 36.49 16.00 34.86
N GLU D 125 37.20 15.33 35.78
CA GLU D 125 38.49 15.83 36.22
C GLU D 125 39.57 15.62 35.17
N SER D 126 39.37 14.65 34.27
CA SER D 126 40.34 14.42 33.20
C SER D 126 40.29 15.50 32.13
N CYS D 127 39.18 16.23 32.04
CA CYS D 127 39.05 17.25 31.01
C CYS D 127 39.72 18.54 31.44
N ASP D 128 40.32 19.22 30.47
CA ASP D 128 40.99 20.49 30.75
C ASP D 128 39.97 21.59 31.03
N CYS D 129 39.15 21.90 30.04
CA CYS D 129 38.06 22.87 30.20
C CYS D 129 36.80 22.21 29.65
N LEU D 130 35.87 21.88 30.54
CA LEU D 130 34.71 21.11 30.16
C LEU D 130 33.73 21.96 29.37
N GLN D 131 33.31 21.45 28.21
CA GLN D 131 32.28 22.15 27.44
C GLN D 131 30.89 21.78 27.95
N GLY D 132 30.60 20.50 28.02
CA GLY D 132 29.31 20.07 28.50
C GLY D 132 29.04 18.62 28.14
N PHE D 133 27.84 18.18 28.50
CA PHE D 133 27.46 16.78 28.45
C PHE D 133 26.39 16.56 27.40
N GLN D 134 26.55 15.50 26.61
CA GLN D 134 25.48 15.09 25.73
C GLN D 134 25.02 13.69 26.11
N LEU D 135 23.73 13.44 25.94
CA LEU D 135 23.09 12.24 26.45
C LEU D 135 22.24 11.62 25.36
N THR D 136 22.27 10.29 25.25
CA THR D 136 21.50 9.56 24.26
C THR D 136 20.64 8.54 24.96
N HIS D 137 19.33 8.75 24.93
CA HIS D 137 18.40 7.82 25.56
C HIS D 137 17.09 7.84 24.79
N SER D 138 16.06 7.26 25.38
CA SER D 138 14.73 7.29 24.78
C SER D 138 13.69 7.39 25.87
N LEU D 139 12.48 7.80 25.47
CA LEU D 139 11.42 8.07 26.41
C LEU D 139 10.48 6.89 26.60
N GLY D 140 10.47 5.95 25.67
CA GLY D 140 9.53 4.85 25.74
C GLY D 140 9.89 3.78 26.75
N GLY D 141 11.18 3.49 26.88
CA GLY D 141 11.63 2.44 27.77
C GLY D 141 11.59 2.85 29.23
N GLY D 142 12.10 1.97 30.07
CA GLY D 142 12.15 2.25 31.49
C GLY D 142 13.54 2.65 31.93
N THR D 143 14.55 2.17 31.20
CA THR D 143 15.92 2.51 31.55
C THR D 143 16.25 3.95 31.17
N GLY D 144 16.16 4.27 29.89
CA GLY D 144 16.52 5.60 29.41
C GLY D 144 15.59 6.70 29.86
N SER D 145 14.39 6.34 30.32
CA SER D 145 13.48 7.33 30.87
C SER D 145 13.64 7.49 32.37
N GLY D 146 13.96 6.41 33.08
CA GLY D 146 14.08 6.49 34.51
C GLY D 146 15.49 6.77 34.98
N MET D 147 16.44 5.94 34.54
CA MET D 147 17.82 6.13 34.91
C MET D 147 18.42 7.35 34.25
N GLY D 148 17.96 7.69 33.05
CA GLY D 148 18.51 8.84 32.34
C GLY D 148 18.10 10.15 32.98
N THR D 149 16.82 10.31 33.27
CA THR D 149 16.36 11.53 33.91
C THR D 149 16.80 11.64 35.36
N LEU D 150 17.17 10.53 35.98
CA LEU D 150 17.78 10.61 37.30
C LEU D 150 19.18 11.20 37.22
N LEU D 151 19.94 10.85 36.18
CA LEU D 151 21.29 11.37 36.05
C LEU D 151 21.30 12.86 35.76
N ILE D 152 20.32 13.35 35.01
CA ILE D 152 20.26 14.78 34.69
C ILE D 152 19.97 15.59 35.94
N SER D 153 19.10 15.06 36.81
CA SER D 153 18.80 15.73 38.06
C SER D 153 19.96 15.70 39.03
N LYS D 154 20.92 14.78 38.83
CA LYS D 154 22.09 14.76 39.68
C LYS D 154 23.23 15.59 39.10
N ILE D 155 23.36 15.58 37.78
CA ILE D 155 24.44 16.35 37.12
C ILE D 155 24.21 17.84 37.25
N ARG D 156 22.97 18.29 37.04
CA ARG D 156 22.64 19.71 37.14
C ARG D 156 22.85 20.25 38.55
N GLU D 157 22.66 19.41 39.57
CA GLU D 157 22.99 19.82 40.92
C GLU D 157 24.50 19.91 41.15
N GLU D 158 25.31 19.25 40.33
CA GLU D 158 26.75 19.37 40.45
C GLU D 158 27.38 20.27 39.39
N TYR D 159 26.67 20.58 38.31
CA TYR D 159 27.20 21.42 37.24
C TYR D 159 26.12 22.37 36.75
N PRO D 160 25.87 23.46 37.48
CA PRO D 160 24.80 24.38 37.11
C PRO D 160 25.14 25.34 35.99
N ASP D 161 26.27 25.19 35.32
CA ASP D 161 26.67 26.10 34.25
C ASP D 161 26.96 25.41 32.92
N ARG D 162 27.35 24.14 32.93
CA ARG D 162 27.68 23.44 31.70
C ARG D 162 26.42 23.15 30.91
N ILE D 163 26.59 23.01 29.61
CA ILE D 163 25.45 22.75 28.75
C ILE D 163 25.05 21.28 28.83
N MET D 164 23.76 21.02 28.66
CA MET D 164 23.20 19.69 28.85
C MET D 164 22.15 19.46 27.77
N ASN D 165 22.48 18.64 26.79
CA ASN D 165 21.55 18.32 25.71
C ASN D 165 21.35 16.82 25.57
N THR D 166 20.14 16.44 25.21
CA THR D 166 19.73 15.03 25.13
C THR D 166 19.17 14.75 23.74
N PHE D 167 19.59 13.63 23.15
CA PHE D 167 19.02 13.15 21.90
C PHE D 167 17.97 12.09 22.18
N SER D 168 16.90 12.51 22.83
CA SER D 168 15.85 11.57 23.21
C SER D 168 15.01 11.19 22.00
N VAL D 169 14.46 9.99 22.04
CA VAL D 169 13.61 9.48 20.97
C VAL D 169 12.18 9.47 21.49
N VAL D 170 11.38 10.42 21.00
CA VAL D 170 9.97 10.55 21.36
C VAL D 170 9.22 9.41 20.67
N PRO D 171 8.28 8.74 21.36
CA PRO D 171 7.54 7.66 20.70
C PRO D 171 6.63 8.14 19.59
N SER D 172 6.52 7.30 18.56
CA SER D 172 5.75 7.61 17.36
C SER D 172 4.26 7.65 17.68
N PRO D 173 3.47 8.45 16.95
CA PRO D 173 2.05 8.58 17.29
C PRO D 173 1.16 7.44 16.79
N LYS D 174 1.44 6.88 15.63
CA LYS D 174 0.53 5.87 15.09
C LYS D 174 0.77 4.51 15.72
N VAL D 175 1.95 3.94 15.49
CA VAL D 175 2.27 2.67 16.13
C VAL D 175 2.82 2.96 17.52
N SER D 176 2.67 1.99 18.42
CA SER D 176 3.10 2.12 19.80
C SER D 176 3.91 0.90 20.17
N ASP D 177 5.18 1.10 20.51
CA ASP D 177 6.06 0.00 20.85
C ASP D 177 6.00 -0.34 22.33
N THR D 178 5.16 0.34 23.10
CA THR D 178 5.02 0.09 24.53
C THR D 178 3.61 0.46 24.93
N VAL D 179 2.98 -0.39 25.72
CA VAL D 179 1.61 -0.12 26.16
C VAL D 179 1.58 1.08 27.11
N VAL D 180 2.59 1.20 27.96
CA VAL D 180 2.58 2.23 29.00
C VAL D 180 3.45 3.43 28.63
N GLU D 181 3.83 3.57 27.36
CA GLU D 181 4.64 4.72 26.96
C GLU D 181 3.99 6.11 27.11
N PRO D 182 2.66 6.32 27.17
CA PRO D 182 2.20 7.63 27.64
C PRO D 182 2.51 7.89 29.10
N TYR D 183 2.64 6.86 29.93
CA TYR D 183 3.04 7.09 31.32
C TYR D 183 4.54 7.37 31.41
N ASN D 184 5.34 6.75 30.56
CA ASN D 184 6.78 6.98 30.64
C ASN D 184 7.15 8.32 30.06
N ALA D 185 6.47 8.75 28.99
CA ALA D 185 6.82 10.02 28.37
C ALA D 185 6.37 11.19 29.23
N THR D 186 5.25 11.07 29.93
CA THR D 186 4.76 12.18 30.72
C THR D 186 5.62 12.39 31.97
N LEU D 187 6.06 11.31 32.59
CA LEU D 187 6.91 11.41 33.76
C LEU D 187 8.36 11.70 33.42
N SER D 188 8.72 11.77 32.14
CA SER D 188 10.06 12.14 31.74
C SER D 188 10.19 13.57 31.27
N VAL D 189 9.21 14.08 30.51
CA VAL D 189 9.21 15.47 30.08
C VAL D 189 9.11 16.40 31.28
N HIS D 190 8.45 15.96 32.35
CA HIS D 190 8.45 16.70 33.62
C HIS D 190 9.85 16.83 34.20
N GLN D 191 10.76 15.92 33.86
CA GLN D 191 12.14 16.07 34.30
C GLN D 191 12.99 16.78 33.26
N LEU D 192 12.60 16.77 31.99
CA LEU D 192 13.42 17.37 30.96
C LEU D 192 13.22 18.87 30.86
N VAL D 193 12.03 19.37 31.18
CA VAL D 193 11.80 20.82 31.12
C VAL D 193 12.39 21.57 32.29
N GLU D 194 12.91 20.86 33.29
CA GLU D 194 13.47 21.50 34.46
C GLU D 194 14.99 21.52 34.48
N ASN D 195 15.64 20.59 33.79
CA ASN D 195 17.08 20.43 33.98
C ASN D 195 17.86 20.25 32.70
N THR D 196 17.28 20.53 31.54
CA THR D 196 18.01 20.46 30.28
C THR D 196 18.07 21.84 29.64
N ASP D 197 19.07 22.04 28.79
CA ASP D 197 19.24 23.29 28.09
C ASP D 197 18.66 23.25 26.69
N GLU D 198 18.78 22.12 25.99
CA GLU D 198 18.13 21.93 24.71
C GLU D 198 17.93 20.43 24.50
N THR D 199 16.98 20.08 23.66
CA THR D 199 16.58 18.68 23.50
C THR D 199 16.22 18.43 22.05
N TYR D 200 16.73 17.35 21.48
CA TYR D 200 16.53 17.01 20.09
C TYR D 200 15.53 15.87 20.00
N CYS D 201 14.28 16.19 19.74
CA CYS D 201 13.23 15.19 19.69
C CYS D 201 13.24 14.47 18.35
N ILE D 202 13.32 13.15 18.38
CA ILE D 202 13.35 12.32 17.19
C ILE D 202 12.22 11.32 17.28
N ASP D 203 11.43 11.20 16.21
CA ASP D 203 10.38 10.20 16.11
C ASP D 203 10.86 9.06 15.22
N ASN D 204 10.47 7.84 15.58
CA ASN D 204 10.82 6.70 14.74
C ASN D 204 10.05 6.72 13.43
N GLU D 205 8.78 7.14 13.48
CA GLU D 205 7.89 7.09 12.32
C GLU D 205 8.38 7.98 11.20
N ALA D 206 9.04 9.08 11.53
CA ALA D 206 9.62 9.93 10.49
C ALA D 206 10.83 9.27 9.84
N LEU D 207 11.55 8.41 10.56
CA LEU D 207 12.69 7.75 9.96
C LEU D 207 12.28 6.65 9.00
N TYR D 208 11.09 6.07 9.18
CA TYR D 208 10.67 5.05 8.23
C TYR D 208 10.24 5.66 6.90
N ASP D 209 9.73 6.90 6.93
CA ASP D 209 9.36 7.55 5.68
C ASP D 209 10.59 7.98 4.89
N ILE D 210 11.61 8.46 5.57
CA ILE D 210 12.81 8.95 4.90
C ILE D 210 13.57 7.79 4.27
N CYS D 211 13.60 6.64 4.94
CA CYS D 211 14.27 5.47 4.36
C CYS D 211 13.48 4.88 3.20
N PHE D 212 12.17 5.14 3.15
CA PHE D 212 11.35 4.54 2.10
C PHE D 212 11.10 5.52 0.96
N ARG D 213 10.57 6.71 1.28
CA ARG D 213 10.19 7.65 0.25
C ARG D 213 11.42 8.31 -0.37
N THR D 214 12.40 8.66 0.45
CA THR D 214 13.53 9.43 -0.05
C THR D 214 14.69 8.54 -0.47
N LEU D 215 15.22 7.74 0.46
CA LEU D 215 16.39 6.93 0.16
C LEU D 215 16.07 5.68 -0.64
N LYS D 216 14.79 5.31 -0.75
CA LYS D 216 14.31 4.17 -1.52
C LYS D 216 14.92 2.86 -1.04
N LEU D 217 15.02 2.71 0.27
CA LEU D 217 15.52 1.46 0.84
C LEU D 217 14.39 0.47 1.02
N THR D 218 14.62 -0.75 0.51
CA THR D 218 13.62 -1.80 0.59
C THR D 218 13.56 -2.42 1.98
N THR D 219 14.72 -2.73 2.56
CA THR D 219 14.81 -3.39 3.86
C THR D 219 15.63 -2.57 4.84
N PRO D 220 15.05 -1.50 5.41
CA PRO D 220 15.81 -0.68 6.35
C PRO D 220 15.89 -1.28 7.75
N THR D 221 17.07 -1.81 8.10
CA THR D 221 17.27 -2.26 9.46
C THR D 221 17.71 -1.09 10.34
N TYR D 222 17.84 -1.36 11.64
CA TYR D 222 18.30 -0.33 12.57
C TYR D 222 19.74 0.09 12.33
N GLY D 223 20.53 -0.73 11.64
CA GLY D 223 21.86 -0.31 11.23
C GLY D 223 21.83 0.83 10.22
N ASP D 224 20.72 0.99 9.53
CA ASP D 224 20.54 2.12 8.63
C ASP D 224 19.74 3.26 9.25
N LEU D 225 18.80 2.96 10.15
CA LEU D 225 18.06 4.02 10.81
C LEU D 225 18.92 4.78 11.80
N ASN D 226 19.71 4.08 12.61
CA ASN D 226 20.58 4.77 13.54
C ASN D 226 21.70 5.52 12.85
N HIS D 227 22.03 5.14 11.61
CA HIS D 227 23.06 5.84 10.87
C HIS D 227 22.65 7.25 10.48
N LEU D 228 21.35 7.49 10.29
CA LEU D 228 20.88 8.85 10.03
C LEU D 228 20.90 9.71 11.28
N VAL D 229 20.63 9.11 12.44
CA VAL D 229 20.67 9.85 13.69
C VAL D 229 22.11 10.21 14.03
N SER D 230 23.04 9.30 13.76
CA SER D 230 24.45 9.54 14.06
C SER D 230 25.04 10.62 13.15
N ALA D 231 24.55 10.73 11.92
CA ALA D 231 25.03 11.80 11.05
C ALA D 231 24.54 13.16 11.51
N THR D 232 23.36 13.19 12.16
CA THR D 232 22.85 14.46 12.67
C THR D 232 23.61 14.89 13.91
N MET D 233 23.93 13.94 14.80
CA MET D 233 24.65 14.25 16.03
C MET D 233 26.06 14.74 15.76
N SER D 234 26.72 14.20 14.74
CA SER D 234 28.05 14.68 14.39
C SER D 234 27.98 16.06 13.74
N GLY D 235 26.91 16.33 13.00
CA GLY D 235 26.76 17.60 12.32
C GLY D 235 26.50 18.78 13.23
N VAL D 236 26.09 18.54 14.47
CA VAL D 236 25.89 19.65 15.41
C VAL D 236 27.24 20.16 15.92
N THR D 237 28.16 19.24 16.20
CA THR D 237 29.45 19.59 16.78
C THR D 237 30.58 19.57 15.76
N THR D 238 30.26 19.66 14.47
CA THR D 238 31.30 19.60 13.47
C THR D 238 32.10 20.90 13.37
N CYS D 239 31.55 22.01 13.85
CA CYS D 239 32.31 23.25 13.88
C CYS D 239 33.23 23.33 15.08
N LEU D 240 32.97 22.52 16.11
CA LEU D 240 33.83 22.52 17.28
C LEU D 240 35.05 21.64 17.06
N ARG D 241 35.00 20.72 16.12
CA ARG D 241 36.09 19.82 15.86
C ARG D 241 36.92 20.21 14.65
N PHE D 242 36.51 21.23 13.91
CA PHE D 242 37.20 21.59 12.68
C PHE D 242 37.17 23.09 12.52
N PRO D 243 38.18 23.69 11.90
CA PRO D 243 38.11 25.11 11.60
C PRO D 243 37.12 25.38 10.49
N GLY D 244 36.47 26.54 10.57
CA GLY D 244 35.51 26.93 9.56
C GLY D 244 35.56 28.43 9.37
N GLN D 245 34.86 28.88 8.34
CA GLN D 245 34.80 30.31 8.05
C GLN D 245 33.95 31.04 9.08
N LEU D 246 32.82 30.45 9.46
CA LEU D 246 31.97 31.00 10.50
C LEU D 246 31.66 29.89 11.50
N ASN D 247 32.21 30.00 12.70
CA ASN D 247 32.22 28.91 13.66
C ASN D 247 31.15 29.09 14.72
N ALA D 248 30.59 27.97 15.16
CA ALA D 248 29.65 27.94 16.27
C ALA D 248 29.97 26.71 17.12
N ASP D 249 29.26 26.58 18.24
CA ASP D 249 29.47 25.45 19.12
C ASP D 249 28.15 25.09 19.79
N LEU D 250 28.23 24.30 20.85
CA LEU D 250 27.04 23.95 21.61
C LEU D 250 26.54 25.11 22.44
N ARG D 251 27.40 26.05 22.80
CA ARG D 251 26.96 27.20 23.57
C ARG D 251 26.20 28.19 22.71
N LYS D 252 26.68 28.43 21.49
CA LYS D 252 26.06 29.44 20.63
C LYS D 252 24.69 29.01 20.13
N LEU D 253 24.42 27.70 20.12
CA LEU D 253 23.08 27.27 19.75
C LEU D 253 22.08 27.53 20.86
N ALA D 254 22.50 27.32 22.11
CA ALA D 254 21.58 27.52 23.24
C ALA D 254 21.28 28.99 23.47
N VAL D 255 22.12 29.89 23.00
CA VAL D 255 21.81 31.30 23.06
C VAL D 255 20.86 31.70 21.95
N ASN D 256 21.11 31.21 20.74
CA ASN D 256 20.30 31.60 19.60
C ASN D 256 18.96 30.89 19.60
N MET D 257 18.96 29.57 19.69
CA MET D 257 17.76 28.80 19.42
C MET D 257 16.77 28.77 20.57
N VAL D 258 17.15 29.24 21.75
CA VAL D 258 16.32 29.12 22.94
C VAL D 258 15.96 30.53 23.42
N PRO D 259 14.78 31.03 23.05
CA PRO D 259 14.39 32.37 23.49
C PRO D 259 13.79 32.42 24.88
N PHE D 260 13.38 31.28 25.42
CA PHE D 260 12.71 31.21 26.71
C PHE D 260 13.19 29.95 27.42
N PRO D 261 13.34 29.99 28.75
CA PRO D 261 14.02 28.89 29.46
C PRO D 261 13.25 27.57 29.48
N ARG D 262 12.04 27.51 28.95
CA ARG D 262 11.30 26.26 28.84
C ARG D 262 11.24 25.74 27.41
N LEU D 263 11.04 26.63 26.44
CA LEU D 263 10.80 26.24 25.05
C LEU D 263 12.13 25.84 24.42
N HIS D 264 12.56 24.62 24.71
CA HIS D 264 13.86 24.17 24.20
C HIS D 264 13.78 22.77 23.61
N PHE D 265 12.67 22.42 22.97
CA PHE D 265 12.54 21.16 22.27
C PHE D 265 12.63 21.42 20.77
N PHE D 266 13.49 20.68 20.10
CA PHE D 266 13.83 20.98 18.72
C PHE D 266 13.29 19.92 17.79
N MET D 267 13.65 20.02 16.52
CA MET D 267 13.47 18.95 15.58
C MET D 267 14.69 19.00 14.68
N PRO D 268 15.29 17.87 14.38
CA PRO D 268 16.49 17.89 13.54
C PRO D 268 16.16 17.81 12.06
N GLY D 269 17.19 17.73 11.22
CA GLY D 269 17.02 17.65 9.79
C GLY D 269 18.35 17.55 9.09
N PHE D 270 18.44 16.68 8.08
CA PHE D 270 19.69 16.40 7.42
C PHE D 270 19.51 16.52 5.91
N ALA D 271 20.58 16.92 5.23
CA ALA D 271 20.59 17.06 3.78
C ALA D 271 22.03 16.96 3.30
N PRO D 272 22.28 16.40 2.12
CA PRO D 272 21.37 15.81 1.13
C PRO D 272 21.10 14.34 1.39
N LEU D 273 20.00 13.84 0.84
CA LEU D 273 19.62 12.43 0.97
C LEU D 273 19.20 11.94 -0.42
N THR D 274 20.12 11.29 -1.11
CA THR D 274 19.86 10.81 -2.45
C THR D 274 19.36 9.36 -2.38
N SER D 275 19.31 8.70 -3.53
CA SER D 275 19.07 7.27 -3.60
C SER D 275 20.35 6.59 -4.07
N ARG D 276 20.27 5.28 -4.27
CA ARG D 276 21.42 4.53 -4.76
C ARG D 276 21.67 4.76 -6.24
N GLY D 277 20.64 5.07 -7.01
CA GLY D 277 20.81 5.30 -8.43
C GLY D 277 20.39 6.69 -8.84
N SER D 278 19.49 7.29 -8.06
CA SER D 278 18.98 8.62 -8.36
C SER D 278 19.91 9.74 -7.92
N GLN D 279 21.11 9.41 -7.44
CA GLN D 279 22.08 10.41 -7.03
C GLN D 279 22.67 11.17 -8.20
N GLN D 280 22.66 10.60 -9.41
CA GLN D 280 23.23 11.25 -10.57
C GLN D 280 22.26 12.20 -11.26
N TYR D 281 20.97 12.10 -10.97
CA TYR D 281 19.98 13.01 -11.56
C TYR D 281 19.73 14.21 -10.66
N ARG D 282 20.80 14.86 -10.22
CA ARG D 282 20.72 15.89 -9.20
C ARG D 282 22.04 16.65 -9.14
N ALA D 283 21.97 17.97 -9.05
CA ALA D 283 23.14 18.82 -8.90
C ALA D 283 23.32 19.18 -7.43
N LEU D 284 24.56 19.32 -6.99
CA LEU D 284 24.87 19.60 -5.59
C LEU D 284 25.20 21.08 -5.42
N THR D 285 24.16 21.90 -5.32
CA THR D 285 24.31 23.32 -5.07
C THR D 285 23.66 23.68 -3.74
N VAL D 286 24.03 24.86 -3.25
CA VAL D 286 23.45 25.35 -1.99
C VAL D 286 21.95 25.58 -2.06
N PRO D 287 21.35 26.16 -3.13
CA PRO D 287 19.88 26.17 -3.19
C PRO D 287 19.26 24.79 -3.35
N GLU D 288 20.00 23.80 -3.83
CA GLU D 288 19.47 22.44 -3.83
C GLU D 288 19.49 21.85 -2.43
N LEU D 289 20.54 22.13 -1.65
CA LEU D 289 20.56 21.71 -0.26
C LEU D 289 19.63 22.55 0.61
N THR D 290 19.25 23.74 0.15
CA THR D 290 18.36 24.59 0.94
C THR D 290 16.94 24.05 0.92
N GLN D 291 16.41 23.78 -0.27
CA GLN D 291 15.02 23.38 -0.46
C GLN D 291 14.71 22.01 0.13
N GLN D 292 15.71 21.18 0.40
CA GLN D 292 15.48 19.90 1.02
C GLN D 292 15.44 19.99 2.55
N MET D 293 15.96 21.06 3.13
CA MET D 293 15.95 21.17 4.58
C MET D 293 14.66 21.74 5.13
N PHE D 294 13.72 22.17 4.29
CA PHE D 294 12.56 22.88 4.81
C PHE D 294 11.24 22.22 4.47
N ASP D 295 11.20 21.23 3.58
CA ASP D 295 9.96 20.53 3.35
C ASP D 295 9.65 19.61 4.51
N ALA D 296 8.36 19.28 4.65
CA ALA D 296 7.91 18.51 5.80
C ALA D 296 8.36 17.05 5.73
N LYS D 297 8.65 16.55 4.54
CA LYS D 297 9.03 15.16 4.38
C LYS D 297 10.51 14.90 4.64
N ASN D 298 11.23 15.84 5.24
CA ASN D 298 12.62 15.61 5.60
C ASN D 298 12.84 15.86 7.09
N MET D 299 11.77 16.22 7.80
CA MET D 299 11.83 16.38 9.23
C MET D 299 11.99 15.01 9.89
N MET D 300 12.66 14.98 11.03
CA MET D 300 12.78 13.74 11.80
C MET D 300 11.85 13.69 12.99
N ALA D 301 10.95 14.65 13.14
CA ALA D 301 9.87 14.57 14.12
C ALA D 301 8.56 14.57 13.37
N ALA D 302 7.64 13.69 13.77
CA ALA D 302 6.36 13.53 13.07
C ALA D 302 5.44 14.69 13.41
N CYS D 303 5.73 15.83 12.80
CA CYS D 303 4.88 17.01 12.90
C CYS D 303 5.15 17.91 11.71
N ASP D 304 4.10 18.31 11.02
CA ASP D 304 4.25 19.22 9.90
C ASP D 304 4.47 20.63 10.43
N PRO D 305 5.55 21.31 10.02
CA PRO D 305 5.75 22.69 10.47
C PRO D 305 4.74 23.67 9.92
N ARG D 306 3.97 23.30 8.89
CA ARG D 306 2.96 24.19 8.33
C ARG D 306 1.78 24.40 9.28
N HIS D 307 1.58 23.49 10.25
CA HIS D 307 0.53 23.72 11.23
C HIS D 307 0.91 24.80 12.22
N GLY D 308 2.20 25.02 12.44
CA GLY D 308 2.63 26.03 13.38
C GLY D 308 3.56 27.06 12.77
N ARG D 309 4.34 27.71 13.61
CA ARG D 309 5.31 28.70 13.18
C ARG D 309 6.68 28.36 13.71
N TYR D 310 7.71 28.61 12.90
CA TYR D 310 9.07 28.54 13.41
C TYR D 310 9.34 29.72 14.33
N LEU D 311 10.27 29.51 15.26
CA LEU D 311 10.80 30.61 16.06
C LEU D 311 12.25 30.89 15.73
N THR D 312 13.11 29.88 15.82
CA THR D 312 14.51 30.01 15.50
C THR D 312 14.94 28.83 14.63
N VAL D 313 15.90 29.08 13.76
CA VAL D 313 16.37 28.09 12.80
C VAL D 313 17.90 28.13 12.78
N ALA D 314 18.53 26.99 13.05
CA ALA D 314 19.95 26.82 12.85
C ALA D 314 20.18 26.07 11.56
N ALA D 315 21.34 26.27 10.95
CA ALA D 315 21.69 25.60 9.70
C ALA D 315 23.21 25.47 9.65
N VAL D 316 23.71 24.29 9.95
CA VAL D 316 25.16 24.06 10.02
C VAL D 316 25.59 23.44 8.70
N PHE D 317 26.30 24.21 7.89
CA PHE D 317 26.75 23.75 6.59
C PHE D 317 28.17 23.21 6.67
N ARG D 318 28.44 22.21 5.84
CA ARG D 318 29.77 21.60 5.77
C ARG D 318 30.24 21.59 4.33
N GLY D 319 31.56 21.71 4.16
CA GLY D 319 32.14 21.79 2.84
C GLY D 319 32.27 23.22 2.36
N ARG D 320 33.13 23.41 1.36
CA ARG D 320 33.43 24.75 0.89
C ARG D 320 32.32 25.26 -0.02
N MET D 321 31.93 26.51 0.19
CA MET D 321 30.80 27.11 -0.51
C MET D 321 30.88 28.62 -0.36
N SER D 322 30.18 29.32 -1.25
CA SER D 322 30.16 30.77 -1.23
C SER D 322 29.23 31.27 -0.14
N MET D 323 29.70 32.23 0.66
CA MET D 323 28.90 32.76 1.75
C MET D 323 27.77 33.65 1.24
N LYS D 324 27.97 34.29 0.08
CA LYS D 324 26.89 35.04 -0.55
C LYS D 324 25.76 34.11 -0.97
N GLU D 325 26.11 32.92 -1.46
CA GLU D 325 25.12 31.97 -1.91
C GLU D 325 24.28 31.44 -0.76
N VAL D 326 24.89 31.28 0.42
CA VAL D 326 24.17 30.79 1.57
C VAL D 326 23.24 31.86 2.13
N ASP D 327 23.76 33.08 2.26
CA ASP D 327 23.00 34.14 2.91
C ASP D 327 21.83 34.62 2.08
N GLU D 328 21.90 34.51 0.75
CA GLU D 328 20.79 34.91 -0.08
C GLU D 328 19.64 33.91 0.01
N GLN D 329 19.96 32.62 0.09
CA GLN D 329 18.93 31.59 0.19
C GLN D 329 18.24 31.63 1.53
N MET D 330 18.99 31.92 2.60
CA MET D 330 18.39 32.06 3.91
C MET D 330 17.50 33.29 4.00
N LEU D 331 17.80 34.31 3.20
CA LEU D 331 16.88 35.43 3.07
C LEU D 331 15.69 35.08 2.20
N ASN D 332 15.90 34.29 1.15
CA ASN D 332 14.85 33.99 0.19
C ASN D 332 13.75 33.14 0.82
N VAL D 333 14.13 32.11 1.58
CA VAL D 333 13.13 31.23 2.19
C VAL D 333 12.38 31.90 3.32
N GLN D 334 12.87 33.04 3.82
CA GLN D 334 12.15 33.78 4.84
C GLN D 334 11.12 34.72 4.25
N ASN D 335 11.37 35.26 3.06
CA ASN D 335 10.41 36.20 2.48
C ASN D 335 9.20 35.48 1.88
N LYS D 336 9.41 34.34 1.21
CA LYS D 336 8.28 33.67 0.58
C LYS D 336 7.42 32.94 1.59
N ASN D 337 8.02 32.39 2.63
CA ASN D 337 7.24 31.79 3.72
C ASN D 337 7.08 32.77 4.87
N SER D 338 6.57 33.97 4.56
CA SER D 338 6.45 35.01 5.58
C SER D 338 5.35 34.73 6.58
N SER D 339 4.41 33.85 6.25
CA SER D 339 3.39 33.47 7.21
C SER D 339 3.83 32.31 8.10
N TYR D 340 4.85 31.56 7.70
CA TYR D 340 5.26 30.39 8.44
C TYR D 340 6.31 30.70 9.51
N PHE D 341 6.87 31.89 9.53
CA PHE D 341 7.77 32.29 10.60
C PHE D 341 7.05 33.20 11.57
N VAL D 342 7.63 33.33 12.75
CA VAL D 342 7.07 34.21 13.77
C VAL D 342 7.39 35.65 13.40
N GLU D 343 6.53 36.57 13.82
CA GLU D 343 6.65 37.97 13.38
C GLU D 343 7.62 38.76 14.25
N TRP D 344 7.54 38.62 15.57
CA TRP D 344 8.27 39.48 16.48
C TRP D 344 9.72 39.07 16.69
N ILE D 345 10.26 38.18 15.87
CA ILE D 345 11.68 37.87 15.83
C ILE D 345 12.18 38.09 14.41
N PRO D 346 12.89 39.18 14.15
CA PRO D 346 13.48 39.38 12.82
C PRO D 346 14.85 38.71 12.72
N ASN D 347 15.14 38.25 11.50
CA ASN D 347 16.34 37.49 11.15
C ASN D 347 16.51 36.27 12.07
N ASN D 348 15.56 35.36 11.93
CA ASN D 348 15.45 34.19 12.80
C ASN D 348 16.15 32.97 12.23
N VAL D 349 17.23 33.16 11.50
CA VAL D 349 18.03 32.06 10.95
C VAL D 349 19.47 32.27 11.39
N LYS D 350 20.03 31.29 12.08
CA LYS D 350 21.44 31.30 12.46
C LYS D 350 22.21 30.34 11.58
N THR D 351 23.32 30.81 11.03
CA THR D 351 24.08 30.08 10.03
C THR D 351 25.50 29.85 10.53
N ALA D 352 25.97 28.61 10.40
CA ALA D 352 27.35 28.27 10.71
C ALA D 352 27.90 27.43 9.56
N VAL D 353 29.10 27.74 9.12
CA VAL D 353 29.71 27.08 7.97
C VAL D 353 31.04 26.50 8.39
N CYS D 354 31.18 25.19 8.28
CA CYS D 354 32.44 24.52 8.54
C CYS D 354 33.24 24.44 7.25
N ASP D 355 34.31 23.66 7.25
CA ASP D 355 35.13 23.52 6.05
C ASP D 355 35.23 22.11 5.53
N ILE D 356 35.21 21.11 6.40
CA ILE D 356 35.46 19.71 6.01
C ILE D 356 34.12 19.01 5.81
N PRO D 357 33.87 18.42 4.67
CA PRO D 357 32.60 17.73 4.43
C PRO D 357 32.58 16.39 5.15
N PRO D 358 31.44 15.70 5.19
CA PRO D 358 31.44 14.30 5.63
C PRO D 358 32.20 13.41 4.67
N ARG D 359 32.50 12.20 5.15
CA ARG D 359 33.34 11.26 4.41
C ARG D 359 32.60 10.74 3.19
N GLY D 360 33.12 11.05 2.01
CA GLY D 360 32.53 10.54 0.78
C GLY D 360 31.78 11.60 0.01
N LEU D 361 31.27 12.61 0.71
CA LEU D 361 30.47 13.64 0.08
C LEU D 361 31.31 14.89 -0.16
N LYS D 362 30.75 15.82 -0.92
CA LYS D 362 31.41 17.09 -1.23
C LYS D 362 30.90 18.22 -0.35
N MET D 363 29.61 18.23 -0.05
CA MET D 363 29.03 19.21 0.86
C MET D 363 27.79 18.61 1.49
N SER D 364 27.41 19.15 2.65
CA SER D 364 26.26 18.68 3.38
C SER D 364 25.75 19.81 4.26
N ALA D 365 24.68 19.54 5.00
CA ALA D 365 24.06 20.55 5.85
C ALA D 365 23.36 19.83 7.00
N THR D 366 22.86 20.62 7.95
CA THR D 366 22.17 20.07 9.11
C THR D 366 21.16 21.09 9.59
N PHE D 367 19.90 20.70 9.67
CA PHE D 367 18.81 21.59 10.05
C PHE D 367 18.45 21.35 11.50
N ILE D 368 18.39 22.42 12.29
CA ILE D 368 17.96 22.36 13.68
C ILE D 368 16.81 23.35 13.82
N GLY D 369 15.59 22.86 13.90
CA GLY D 369 14.45 23.75 13.89
C GLY D 369 13.67 23.80 15.19
N ASN D 370 13.46 25.01 15.69
CA ASN D 370 12.50 25.21 16.76
C ASN D 370 11.18 25.69 16.17
N SER D 371 10.08 25.20 16.72
CA SER D 371 8.78 25.52 16.14
C SER D 371 7.69 25.43 17.20
N THR D 372 6.53 25.98 16.85
CA THR D 372 5.30 25.73 17.59
C THR D 372 4.57 24.50 17.07
N ALA D 373 5.13 23.79 16.09
CA ALA D 373 4.45 22.63 15.54
C ALA D 373 4.61 21.39 16.39
N ILE D 374 5.40 21.44 17.45
CA ILE D 374 5.59 20.27 18.29
C ILE D 374 4.55 20.25 19.40
N GLN D 375 3.67 21.24 19.43
CA GLN D 375 2.61 21.21 20.43
C GLN D 375 1.60 20.12 20.14
N GLU D 376 1.48 19.73 18.87
CA GLU D 376 0.65 18.58 18.52
C GLU D 376 1.25 17.29 19.05
N LEU D 377 2.57 17.23 19.14
CA LEU D 377 3.22 16.07 19.73
C LEU D 377 2.95 15.99 21.22
N PHE D 378 2.89 17.12 21.90
CA PHE D 378 2.58 17.11 23.32
C PHE D 378 1.09 17.11 23.62
N LYS D 379 0.25 17.39 22.63
CA LYS D 379 -1.17 17.10 22.81
C LYS D 379 -1.41 15.61 22.91
N ARG D 380 -0.81 14.84 22.00
CA ARG D 380 -1.08 13.42 21.89
C ARG D 380 -0.57 12.64 23.07
N ILE D 381 0.58 13.01 23.62
CA ILE D 381 1.05 12.38 24.83
C ILE D 381 0.16 12.74 26.01
N SER D 382 -0.28 14.00 26.07
CA SER D 382 -1.16 14.41 27.15
C SER D 382 -2.56 13.84 26.98
N GLU D 383 -2.99 13.61 25.74
CA GLU D 383 -4.32 13.05 25.52
C GLU D 383 -4.33 11.56 25.87
N GLN D 384 -3.32 10.83 25.40
CA GLN D 384 -3.23 9.41 25.71
C GLN D 384 -2.90 9.15 27.16
N PHE D 385 -2.35 10.13 27.87
CA PHE D 385 -2.14 9.99 29.30
C PHE D 385 -3.46 10.03 30.06
N THR D 386 -4.25 11.07 29.82
CA THR D 386 -5.53 11.22 30.49
C THR D 386 -6.57 10.19 30.04
N ALA D 387 -6.38 9.61 28.85
CA ALA D 387 -7.26 8.51 28.44
C ALA D 387 -7.01 7.27 29.28
N MET D 388 -5.78 7.07 29.73
CA MET D 388 -5.45 5.91 30.55
C MET D 388 -5.57 6.19 32.04
N PHE D 389 -5.31 7.42 32.47
CA PHE D 389 -5.31 7.75 33.88
C PHE D 389 -6.70 7.86 34.48
N ARG D 390 -7.70 8.19 33.68
CA ARG D 390 -9.05 8.36 34.22
C ARG D 390 -9.68 7.04 34.64
N ARG D 391 -9.22 5.92 34.08
CA ARG D 391 -9.62 4.60 34.55
C ARG D 391 -8.64 4.04 35.57
N LYS D 392 -7.53 4.76 35.82
CA LYS D 392 -6.47 4.37 36.75
C LYS D 392 -5.87 3.01 36.39
N ALA D 393 -5.80 2.73 35.09
CA ALA D 393 -5.25 1.47 34.62
C ALA D 393 -3.73 1.58 34.50
N PHE D 394 -3.07 0.42 34.63
CA PHE D 394 -1.61 0.29 34.66
C PHE D 394 -1.00 1.18 35.73
N LEU D 395 -1.67 1.28 36.88
CA LEU D 395 -1.27 2.20 37.92
C LEU D 395 -0.61 1.51 39.10
N HIS D 396 -1.06 0.29 39.43
CA HIS D 396 -0.51 -0.42 40.58
C HIS D 396 0.91 -0.91 40.33
N TRP D 397 1.36 -0.93 39.08
CA TRP D 397 2.78 -1.19 38.83
C TRP D 397 3.65 0.01 39.16
N TYR D 398 3.05 1.18 39.39
CA TYR D 398 3.81 2.35 39.77
C TYR D 398 3.60 2.74 41.22
N THR D 399 2.40 2.51 41.74
CA THR D 399 2.11 2.84 43.13
C THR D 399 2.87 1.93 44.08
N GLY D 400 3.01 0.66 43.71
CA GLY D 400 3.76 -0.30 44.50
C GLY D 400 5.26 -0.03 44.55
N GLU D 401 5.77 0.82 43.67
CA GLU D 401 7.16 1.28 43.74
C GLU D 401 7.32 2.52 44.60
N GLY D 402 6.33 2.84 45.42
CA GLY D 402 6.41 4.03 46.26
C GLY D 402 6.17 5.30 45.49
N MET D 403 4.96 5.48 44.99
CA MET D 403 4.59 6.69 44.27
C MET D 403 3.10 6.93 44.47
N ASP D 404 2.73 8.19 44.62
CA ASP D 404 1.34 8.58 44.81
C ASP D 404 0.75 9.14 43.53
N GLU D 405 -0.57 9.33 43.55
CA GLU D 405 -1.27 9.91 42.40
C GLU D 405 -1.00 11.40 42.27
N MET D 406 -0.55 12.05 43.34
CA MET D 406 -0.18 13.46 43.27
C MET D 406 1.02 13.69 42.37
N GLU D 407 1.91 12.68 42.29
CA GLU D 407 3.03 12.73 41.36
C GLU D 407 2.55 12.76 39.92
N PHE D 408 1.48 12.04 39.59
CA PHE D 408 0.97 12.04 38.23
C PHE D 408 0.22 13.33 37.90
N THR D 409 -0.47 13.90 38.89
CA THR D 409 -1.31 15.05 38.62
C THR D 409 -0.47 16.29 38.32
N GLU D 410 0.59 16.50 39.10
CA GLU D 410 1.46 17.65 38.85
C GLU D 410 2.30 17.46 37.61
N ALA D 411 2.60 16.22 37.25
CA ALA D 411 3.34 15.98 36.02
C ALA D 411 2.47 16.24 34.80
N GLU D 412 1.19 15.89 34.88
CA GLU D 412 0.28 16.18 33.78
C GLU D 412 -0.06 17.66 33.74
N SER D 413 -0.11 18.31 34.91
CA SER D 413 -0.38 19.75 34.93
C SER D 413 0.81 20.54 34.40
N ASN D 414 2.01 20.00 34.51
CA ASN D 414 3.18 20.67 33.95
C ASN D 414 3.13 20.65 32.43
N MET D 415 2.64 19.57 31.85
CA MET D 415 2.63 19.46 30.39
C MET D 415 1.57 20.36 29.77
N ASN D 416 0.41 20.49 30.44
CA ASN D 416 -0.61 21.41 29.94
C ASN D 416 -0.20 22.87 30.10
N ASP D 417 0.73 23.16 31.01
CA ASP D 417 1.31 24.50 31.03
C ASP D 417 2.20 24.71 29.81
N LEU D 418 2.86 23.64 29.35
CA LEU D 418 3.74 23.76 28.19
C LEU D 418 2.93 23.89 26.91
N VAL D 419 1.76 23.26 26.85
CA VAL D 419 0.90 23.35 25.67
C VAL D 419 0.35 24.75 25.52
N SER D 420 -0.01 25.40 26.63
CA SER D 420 -0.51 26.78 26.58
C SER D 420 0.56 27.78 26.17
N GLU D 421 1.84 27.48 26.42
CA GLU D 421 2.90 28.41 26.07
C GLU D 421 3.14 28.45 24.57
N TYR D 422 3.23 27.27 23.93
CA TYR D 422 3.36 27.25 22.48
C TYR D 422 2.11 27.76 21.79
N GLN D 423 0.95 27.64 22.43
CA GLN D 423 -0.26 28.22 21.87
C GLN D 423 -0.24 29.73 21.97
N GLN D 424 0.35 30.27 23.05
CA GLN D 424 0.35 31.71 23.26
C GLN D 424 1.28 32.42 22.29
N TYR D 425 2.52 31.93 22.15
CA TYR D 425 3.48 32.57 21.28
C TYR D 425 3.24 32.29 19.81
N GLN D 426 2.33 31.38 19.47
CA GLN D 426 1.98 31.19 18.07
C GLN D 426 1.13 32.35 17.56
N ASP D 427 0.30 32.93 18.42
CA ASP D 427 -0.56 34.03 18.00
C ASP D 427 -0.21 35.32 18.73
N ALA D 428 1.08 35.59 18.88
CA ALA D 428 1.51 36.85 19.46
C ALA D 428 1.45 37.94 18.39
N THR D 429 1.59 39.19 18.85
CA THR D 429 1.52 40.34 17.95
C THR D 429 2.30 41.53 18.51
N GLN E 1 -40.01 2.09 -19.86
CA GLN E 1 -39.23 3.31 -20.03
C GLN E 1 -37.73 3.02 -20.08
N ALA E 2 -36.95 4.02 -20.48
CA ALA E 2 -35.50 3.90 -20.51
C ALA E 2 -34.77 5.01 -19.77
N LEU E 3 -35.34 6.22 -19.69
CA LEU E 3 -34.74 7.32 -18.94
C LEU E 3 -34.89 7.03 -17.46
N SER E 4 -33.83 6.48 -16.86
CA SER E 4 -33.94 5.79 -15.58
C SER E 4 -34.05 6.78 -14.42
N ASN E 5 -33.90 6.26 -13.20
CA ASN E 5 -34.28 6.98 -11.99
C ASN E 5 -33.26 8.02 -11.53
N GLU E 6 -32.36 8.47 -12.40
CA GLU E 6 -31.34 9.47 -12.09
C GLU E 6 -30.44 8.98 -10.94
N LYS E 7 -29.64 7.96 -11.26
CA LYS E 7 -28.70 7.45 -10.29
C LYS E 7 -27.62 8.51 -10.10
N LYS E 8 -27.84 9.40 -9.15
CA LYS E 8 -26.99 10.54 -8.90
C LYS E 8 -26.13 10.27 -7.68
N ALA E 9 -25.01 10.97 -7.59
CA ALA E 9 -24.13 10.88 -6.43
C ALA E 9 -24.29 12.15 -5.60
N LYS E 10 -24.32 11.98 -4.29
CA LYS E 10 -24.32 13.15 -3.41
C LYS E 10 -22.93 13.76 -3.37
N LYS E 11 -22.90 15.08 -3.34
CA LYS E 11 -21.65 15.84 -3.28
C LYS E 11 -21.50 16.34 -1.85
N VAL E 12 -20.87 15.53 -1.01
CA VAL E 12 -20.72 15.82 0.41
C VAL E 12 -19.25 15.95 0.75
N ARG E 13 -18.97 16.71 1.80
CA ARG E 13 -17.61 17.01 2.22
C ARG E 13 -17.29 16.27 3.51
N PHE E 14 -16.05 15.80 3.63
CA PHE E 14 -15.60 15.06 4.80
C PHE E 14 -14.37 15.73 5.41
N TYR E 15 -14.58 16.57 6.41
CA TYR E 15 -13.45 17.04 7.20
C TYR E 15 -12.96 15.93 8.11
N ARG E 16 -11.65 15.78 8.23
CA ARG E 16 -11.12 14.83 9.18
C ARG E 16 -10.89 15.50 10.52
N ASN E 17 -10.90 14.70 11.58
CA ASN E 17 -10.90 15.24 12.92
C ASN E 17 -9.51 15.72 13.30
N GLY E 18 -9.46 16.82 14.05
CA GLY E 18 -8.20 17.33 14.58
C GLY E 18 -7.42 18.23 13.64
N ASP E 19 -7.31 17.83 12.38
CA ASP E 19 -6.53 18.57 11.39
C ASP E 19 -7.28 19.84 11.02
N ARG E 20 -6.79 20.98 11.54
CA ARG E 20 -7.40 22.27 11.22
C ARG E 20 -7.09 22.67 9.79
N TYR E 21 -5.91 22.30 9.30
CA TYR E 21 -5.45 22.71 7.97
C TYR E 21 -5.76 21.59 6.97
N PHE E 22 -7.05 21.41 6.72
CA PHE E 22 -7.54 20.39 5.80
C PHE E 22 -8.87 20.86 5.24
N LYS E 23 -9.13 20.54 3.96
CA LYS E 23 -10.26 21.11 3.25
C LYS E 23 -11.45 20.17 3.13
N GLY E 24 -11.23 18.85 3.09
CA GLY E 24 -12.33 17.91 2.95
C GLY E 24 -12.58 17.54 1.51
N ILE E 25 -12.33 16.28 1.17
CA ILE E 25 -12.44 15.81 -0.21
C ILE E 25 -13.89 15.46 -0.49
N VAL E 26 -14.43 16.04 -1.56
CA VAL E 26 -15.82 15.77 -1.93
C VAL E 26 -15.90 14.43 -2.65
N TYR E 27 -16.72 13.54 -2.14
CA TYR E 27 -16.88 12.21 -2.72
C TYR E 27 -18.13 12.12 -3.58
N ALA E 28 -18.19 11.08 -4.40
CA ALA E 28 -19.37 10.78 -5.21
C ALA E 28 -20.18 9.69 -4.52
N VAL E 29 -20.80 10.08 -3.42
CA VAL E 29 -21.51 9.13 -2.56
C VAL E 29 -22.88 8.83 -3.15
N SER E 30 -23.12 7.57 -3.48
CA SER E 30 -24.42 7.12 -3.98
C SER E 30 -24.67 5.70 -3.46
N SER E 31 -25.90 5.23 -3.66
CA SER E 31 -26.27 3.88 -3.30
C SER E 31 -25.75 2.85 -4.29
N ASP E 32 -25.33 3.28 -5.47
CA ASP E 32 -24.78 2.36 -6.47
C ASP E 32 -23.33 1.99 -6.18
N ARG E 33 -22.56 2.88 -5.56
CA ARG E 33 -21.15 2.63 -5.31
C ARG E 33 -20.90 1.93 -3.98
N PHE E 34 -21.86 1.97 -3.07
CA PHE E 34 -21.70 1.35 -1.75
C PHE E 34 -23.03 0.71 -1.39
N ARG E 35 -23.06 -0.63 -1.33
CA ARG E 35 -24.31 -1.32 -1.07
C ARG E 35 -24.76 -1.18 0.37
N SER E 36 -23.83 -0.93 1.29
CA SER E 36 -24.15 -0.75 2.69
C SER E 36 -23.38 0.44 3.24
N PHE E 37 -23.71 0.83 4.46
CA PHE E 37 -22.98 1.90 5.12
C PHE E 37 -21.58 1.46 5.51
N ASP E 38 -21.39 0.15 5.75
CA ASP E 38 -20.09 -0.35 6.14
C ASP E 38 -19.07 -0.31 5.01
N ALA E 39 -19.53 -0.35 3.75
CA ALA E 39 -18.59 -0.29 2.64
C ALA E 39 -18.04 1.11 2.42
N LEU E 40 -18.72 2.13 2.92
CA LEU E 40 -18.24 3.50 2.75
C LEU E 40 -17.03 3.77 3.63
N LEU E 41 -16.96 3.13 4.80
CA LEU E 41 -15.87 3.37 5.72
C LEU E 41 -14.55 2.82 5.19
N ALA E 42 -14.60 1.81 4.32
CA ALA E 42 -13.38 1.29 3.72
C ALA E 42 -12.79 2.26 2.73
N ASP E 43 -13.63 3.06 2.06
CA ASP E 43 -13.11 4.10 1.18
C ASP E 43 -12.60 5.29 1.97
N LEU E 44 -13.20 5.55 3.13
CA LEU E 44 -12.72 6.61 4.02
C LEU E 44 -11.39 6.26 4.67
N THR E 45 -11.01 4.98 4.70
CA THR E 45 -9.78 4.58 5.35
C THR E 45 -8.56 5.05 4.55
N ARG E 46 -8.52 4.72 3.26
CA ARG E 46 -7.32 4.99 2.48
C ARG E 46 -7.19 6.47 2.09
N SER E 47 -8.30 7.14 1.86
CA SER E 47 -8.26 8.47 1.25
C SER E 47 -8.38 9.59 2.27
N LEU E 48 -8.17 9.30 3.55
CA LEU E 48 -8.05 10.33 4.56
C LEU E 48 -6.72 10.29 5.29
N SER E 49 -6.31 9.11 5.75
CA SER E 49 -5.08 8.97 6.51
C SER E 49 -3.91 8.77 5.55
N ASP E 50 -2.96 9.69 5.55
CA ASP E 50 -1.75 9.54 4.75
C ASP E 50 -0.51 9.36 5.62
N ASN E 51 -0.20 10.32 6.46
CA ASN E 51 0.94 10.11 7.36
C ASN E 51 0.58 10.34 8.82
N ILE E 52 -0.09 11.44 9.14
CA ILE E 52 -0.24 11.90 10.52
C ILE E 52 -1.72 12.21 10.71
N ASN E 53 -2.51 11.20 11.08
CA ASN E 53 -3.87 11.24 11.66
C ASN E 53 -4.31 9.79 11.87
N LEU E 54 -5.34 9.63 12.72
CA LEU E 54 -6.21 8.46 12.82
C LEU E 54 -5.49 7.13 13.03
N PRO E 55 -4.97 6.85 14.22
CA PRO E 55 -4.34 5.53 14.44
C PRO E 55 -5.33 4.40 14.47
N GLN E 56 -6.59 4.68 14.82
CA GLN E 56 -7.62 3.66 14.87
C GLN E 56 -8.37 3.53 13.54
N GLY E 57 -8.06 4.38 12.57
CA GLY E 57 -8.72 4.30 11.29
C GLY E 57 -9.90 5.23 11.21
N VAL E 58 -11.05 4.74 10.75
CA VAL E 58 -12.28 5.52 10.70
C VAL E 58 -13.39 4.67 11.30
N ARG E 59 -14.02 5.17 12.36
CA ARG E 59 -15.07 4.44 13.04
C ARG E 59 -16.38 5.22 13.10
N TYR E 60 -16.33 6.47 13.52
CA TYR E 60 -17.52 7.26 13.82
C TYR E 60 -17.56 8.46 12.88
N ILE E 61 -18.74 8.74 12.34
CA ILE E 61 -18.94 9.90 11.47
C ILE E 61 -19.91 10.85 12.14
N TYR E 62 -19.47 12.08 12.37
CA TYR E 62 -20.27 13.08 13.06
C TYR E 62 -20.81 14.13 12.10
N THR E 63 -21.68 14.97 12.64
CA THR E 63 -22.17 16.15 11.96
C THR E 63 -21.15 17.28 12.15
N ILE E 64 -21.28 18.35 11.36
CA ILE E 64 -20.35 19.47 11.46
C ILE E 64 -20.59 20.28 12.72
N ASP E 65 -21.73 20.11 13.39
CA ASP E 65 -22.06 20.94 14.55
C ASP E 65 -21.18 20.62 15.77
N GLY E 66 -21.02 19.35 16.21
CA GLY E 66 -21.63 18.09 15.84
C GLY E 66 -22.35 17.47 17.02
N SER E 67 -23.64 17.18 16.84
CA SER E 67 -24.47 16.68 17.93
C SER E 67 -25.30 15.48 17.53
N ARG E 68 -24.90 14.77 16.48
CA ARG E 68 -25.64 13.60 16.03
C ARG E 68 -24.71 12.66 15.30
N LYS E 69 -24.74 11.39 15.69
CA LYS E 69 -23.97 10.35 15.02
C LYS E 69 -24.71 9.91 13.76
N ILE E 70 -23.98 9.81 12.65
CA ILE E 70 -24.59 9.41 11.40
C ILE E 70 -24.82 7.90 11.42
N GLY E 71 -26.02 7.49 11.03
CA GLY E 71 -26.35 6.07 10.98
C GLY E 71 -26.13 5.50 9.59
N SER E 72 -27.21 5.22 8.87
CA SER E 72 -27.10 4.71 7.52
C SER E 72 -26.83 5.86 6.54
N MET E 73 -26.67 5.51 5.26
CA MET E 73 -26.39 6.50 4.23
C MET E 73 -27.60 7.35 3.88
N ASP E 74 -28.81 6.92 4.26
CA ASP E 74 -30.00 7.72 4.02
C ASP E 74 -30.06 8.94 4.92
N GLU E 75 -29.29 8.95 6.01
CA GLU E 75 -29.22 10.09 6.91
C GLU E 75 -28.29 11.19 6.40
N LEU E 76 -27.72 11.02 5.22
CA LEU E 76 -26.87 12.03 4.60
C LEU E 76 -27.71 12.97 3.75
N GLU E 77 -27.25 14.22 3.64
CA GLU E 77 -27.94 15.24 2.85
C GLU E 77 -26.94 15.87 1.89
N GLU E 78 -27.47 16.33 0.75
CA GLU E 78 -26.64 16.79 -0.36
C GLU E 78 -26.05 18.16 -0.06
N GLY E 79 -24.72 18.25 -0.05
CA GLY E 79 -24.06 19.53 0.04
C GLY E 79 -23.82 20.03 1.44
N GLU E 80 -23.68 19.14 2.41
CA GLU E 80 -23.31 19.51 3.77
C GLU E 80 -22.14 18.68 4.23
N SER E 81 -21.26 19.29 5.00
CA SER E 81 -20.03 18.64 5.41
C SER E 81 -20.26 17.78 6.65
N TYR E 82 -19.31 16.89 6.91
CA TYR E 82 -19.37 15.98 8.04
C TYR E 82 -17.97 15.76 8.58
N VAL E 83 -17.87 15.66 9.91
CA VAL E 83 -16.60 15.41 10.56
C VAL E 83 -16.41 13.90 10.68
N CYS E 84 -15.26 13.41 10.20
CA CYS E 84 -14.96 11.99 10.21
C CYS E 84 -13.92 11.71 11.29
N SER E 85 -14.38 11.22 12.44
CA SER E 85 -13.53 10.96 13.59
C SER E 85 -13.29 9.46 13.71
N SER E 86 -12.60 9.07 14.79
CA SER E 86 -12.42 7.66 15.07
C SER E 86 -12.52 7.38 16.57
N ASP E 87 -13.24 8.21 17.31
CA ASP E 87 -13.40 8.03 18.74
C ASP E 87 -14.72 8.66 19.17
N ASN E 88 -15.10 8.39 20.42
CA ASN E 88 -16.35 8.93 20.94
C ASN E 88 -16.23 10.44 21.17
N PHE E 89 -15.05 10.91 21.55
CA PHE E 89 -14.86 12.32 21.87
C PHE E 89 -14.75 13.16 20.61
N PHE E 90 -15.51 14.25 20.58
CA PHE E 90 -15.57 15.15 19.43
C PHE E 90 -14.76 16.41 19.71
N LYS E 91 -13.93 16.80 18.75
CA LYS E 91 -13.13 18.00 18.84
C LYS E 91 -13.87 19.14 18.15
N LYS E 92 -13.99 20.27 18.84
CA LYS E 92 -14.78 21.40 18.36
C LYS E 92 -13.83 22.51 17.91
N VAL E 93 -13.46 22.47 16.63
CA VAL E 93 -12.72 23.54 16.00
C VAL E 93 -13.51 24.01 14.79
N GLU E 94 -13.07 25.12 14.19
CA GLU E 94 -13.76 25.70 13.05
C GLU E 94 -13.31 24.98 11.80
N TYR E 95 -14.07 23.95 11.39
CA TYR E 95 -13.72 23.20 10.19
C TYR E 95 -14.08 23.95 8.93
N THR E 96 -15.29 24.51 8.89
CA THR E 96 -15.84 25.09 7.67
C THR E 96 -15.29 26.48 7.36
N LYS E 97 -14.39 27.02 8.17
CA LYS E 97 -13.81 28.32 7.88
C LYS E 97 -12.80 28.20 6.75
N ASN E 98 -12.93 29.08 5.75
CA ASN E 98 -12.03 29.22 4.60
C ASN E 98 -11.94 27.92 3.80
N VAL E 99 -13.08 27.55 3.22
CA VAL E 99 -13.18 26.38 2.36
C VAL E 99 -12.39 26.59 1.07
#